data_9B8Q
#
_entry.id   9B8Q
#
_cell.length_a   1.00
_cell.length_b   1.00
_cell.length_c   1.00
_cell.angle_alpha   90.00
_cell.angle_beta   90.00
_cell.angle_gamma   90.00
#
_symmetry.space_group_name_H-M   'P 1'
#
loop_
_entity.id
_entity.type
_entity.pdbx_description
1 polymer 'V-type proton ATPase subunit C 1'
2 polymer 'V-type proton ATPase subunit E 1'
3 polymer 'V-type proton ATPase subunit G'
4 polymer 'V-type proton ATPase subunit H'
5 polymer 'V-type proton ATPase 116 kDa subunit a isoform 1'
#
loop_
_entity_poly.entity_id
_entity_poly.type
_entity_poly.pdbx_seq_one_letter_code
_entity_poly.pdbx_strand_id
1 'polypeptide(L)'
;MTEFWLISAPGEKTCQQTWEKLHAATTKNNNLAVSSKFNIPDLKVGTLDVLVGLSDELAKLDAFVEGVVKKVAQYMADVL
EDSKDKVQENLLASGVDLVTYITRFQWDMAKYPIKQSLKNISEIIAKGVTQIDNDLKSRASAYNNLKGNLQNLERKNAGS
LLTRSLAEIVKKDDFVLDSEYLVTLLVVVPKLNHNDWIKQYETLAEMVVPRSSNVLSEDQDSYLCNVTLFKKAVDDFRHK
ARENKFIVRDFQYNEEEMRADKEEMNRLSTDKKKQFGPLVRWLKVNFSEAFIAWIHIKALRVFVESVLRYGLPVNFQAML
LQPNKKSVKKLREVLHELYKHLDSSAAAIIDAPMDIPGLNLSQQEYYPYVYYKIDCNLLEFK
;
G
2 'polypeptide(L)'
;MALSDADVQKQIKHMMAFIEQEANEKAEEIDAKAEEEFNIEKGRLVQTQRLKIMEYYEKKEKQIEQQKKIQMSNLMNQAR
LKVLRARDDLITDLLNEAKQRLSKVVKDTTRYQVLLDGLVLQGLYQLLEPRMIVRCRKQDFPLVKAAVQKAIPMYKIATK
KDVDVQIDLEAYLPEDIAGGVEIYNGDRKIKVSNTLESRLDLIAQQMMPEVRGALFGANANRKFLD
;
I,J,K
3 'polypeptide(L)'
;MASQSQGIQQLLQAEKRAAEKVADARKRKARRLKQAKEEAQMEVEQYRREREQEFQSKQQAAMGSQGNLSAEVEQATRRQ
VQGMQSSQQRNRERVLTQLLGMVCDVRPQVHPNYRITV
;
M,N,O
4 'polypeptide(L)'
;MTKMDIRGAVDAAVPTNIIAAKAAEVRANKVNWQSYLQGQMISAEDCEFIQRFEMKRCSEEKQEMLQTEGSQCAKTFINL
MTHISKEQTVQYILTMVDDMLQENHQRVSIFFDYAKRSKSTAWPYFLPMLNRQDPFTVHMAARIIAKLAAWGKELMEGSD
LNYYFNWIKTQLSSQKLRGSGVAVETGTISASDSSQYVQCVAGCLQLMLRVNEYRFAWVEADGVNCIMGVLSNKCGFQLQ
YQMIFSIWLLAFSPQMCEHLRRYNIIPVLSDILQESVKEKVTRIILAAFRNFLEKSTERETRQEYALAMIQCKVLKQLEN
LEQQKYDDEDISEDIKFLLEKLGESVQDLSSFDEYSSELKSGRLEWSPVHKSEKFWRENAVRLNEKNYELLKILTKLLEV
SDDPQVLAVAAHDVGEYVRHYPRGKRVIEQLGGKQLVMNHMHHEDQQVRYNALLAVQKLMVHNWEYLGKQLQSEQPQTAA
ARS
;
T
5 'polypeptide(L)'
;MGELFRSEEMTLAQLFLQSEAAYCCVSELEELGKVQFRDLNPDVNVFQRKFVNEVRRCEEMDRKLRFVEKEIRKANIPIM
DTGENPEVPFPRDMIDLEANFEKIENELKEINTNQEALKRNFLELTELKFILRKTQQFFDEMADPDLLEESSSLLEPNEM
GRGAPLRLGFVAGVINRERIPTFERMLWRVCRGNVFLRQAEIENPLEDPVTGDYVHKSVFIIFFQGDQLKNRVKKICEGF
RASLYPCPETPQERKEMASGVNTRIDDLQMVLNQTEDHRQRVLQAAAKNIRVWFIKVRKMKAIYHTLNLCNIDVTQKCLI
AEVWCPVTDLDSIQFALRRGTEHSGSTVPSILNRMQTNQTPPTYNKTNKFTHGFQNIVDAYGIGTYREINPAPYTVITFP
FLFAVMFGDFGHGILMTLFAVWMVLRESRILSQKNENEMFSMVFSGRYIILLMGLFSIYTGLIYNDCFSKSLNIFGSSWS
VRPMFTIGNWTEETLLGSSVLQLNPAIPGVFGGPYPFGIDPIWNIATNKLTFLNSFKMKMSVILGIIHMLFGVSLSLFNH
IYFKKPLNIYFGFIPEIIFMSSLFGYLVILIFYKWTAYDAHSSRNAPSLLIHFINMFLFSYPESGNAMLYSGQKGIQCFL
IVVAMLCVPWMLLFKPLILRHQYLRKKHLGTLNFGGIRVGNGPTEEDAEIIQHDQLSTHSEDAEEPTEDEVFDFGDTMVH
QAIHTIEYCLGCISNTASYLRLWALSLAHAQLSEVLWTMVIHIGLHVRSLAGGLGLFFIFAAFATLTVAILLIMEGLSAF
LHALRLHWVEFQNKFYTGTGFKFLPFSFEHIREGKFDE
;
a
#
# COMPACT_ATOMS: atom_id res chain seq x y z
N THR A 2 5.81 -29.02 -64.46
CA THR A 2 4.98 -28.41 -65.48
C THR A 2 4.16 -27.26 -64.89
N GLU A 3 3.69 -26.37 -65.75
CA GLU A 3 2.82 -25.27 -65.34
C GLU A 3 1.43 -25.46 -65.93
N PHE A 4 0.42 -25.47 -65.06
CA PHE A 4 -0.97 -25.58 -65.46
C PHE A 4 -1.71 -24.35 -64.95
N TRP A 5 -2.59 -23.80 -65.78
CA TRP A 5 -3.35 -22.61 -65.43
C TRP A 5 -4.83 -22.96 -65.41
N LEU A 6 -5.44 -22.85 -64.23
CA LEU A 6 -6.87 -23.02 -64.06
C LEU A 6 -7.53 -21.67 -64.28
N ILE A 7 -8.52 -21.62 -65.17
CA ILE A 7 -9.20 -20.39 -65.55
C ILE A 7 -10.69 -20.54 -65.25
N SER A 8 -11.27 -19.50 -64.65
CA SER A 8 -12.65 -19.60 -64.17
C SER A 8 -13.63 -19.79 -65.32
N ALA A 9 -13.59 -18.91 -66.32
CA ALA A 9 -14.55 -18.97 -67.41
C ALA A 9 -15.99 -18.96 -66.91
N PRO A 10 -16.55 -17.80 -66.58
CA PRO A 10 -17.90 -17.77 -66.00
C PRO A 10 -19.01 -18.18 -66.94
N GLY A 11 -18.97 -19.41 -67.45
CA GLY A 11 -20.14 -20.02 -68.04
C GLY A 11 -20.60 -19.41 -69.35
N GLU A 12 -21.02 -18.14 -69.30
CA GLU A 12 -21.67 -17.50 -70.44
C GLU A 12 -23.02 -18.16 -70.73
N LYS A 13 -23.77 -18.42 -69.66
CA LYS A 13 -25.13 -18.95 -69.66
C LYS A 13 -25.18 -20.47 -69.76
N THR A 14 -24.06 -21.15 -70.00
CA THR A 14 -24.09 -22.61 -70.08
C THR A 14 -22.67 -23.11 -70.27
N CYS A 15 -22.49 -24.41 -70.03
CA CYS A 15 -21.17 -25.02 -70.17
C CYS A 15 -20.67 -24.94 -71.60
N GLN A 16 -21.55 -25.20 -72.57
CA GLN A 16 -21.13 -25.22 -73.96
C GLN A 16 -20.63 -23.86 -74.40
N GLN A 17 -21.43 -22.82 -74.17
CA GLN A 17 -21.19 -21.51 -74.80
C GLN A 17 -19.80 -20.97 -74.50
N THR A 18 -19.23 -21.29 -73.35
CA THR A 18 -17.91 -20.80 -72.96
C THR A 18 -16.84 -21.88 -73.02
N TRP A 19 -17.11 -23.07 -72.48
CA TRP A 19 -16.11 -24.14 -72.48
C TRP A 19 -15.75 -24.55 -73.89
N GLU A 20 -16.75 -24.68 -74.77
CA GLU A 20 -16.45 -25.08 -76.14
C GLU A 20 -15.55 -24.08 -76.83
N LYS A 21 -15.88 -22.79 -76.72
CA LYS A 21 -15.04 -21.76 -77.34
C LYS A 21 -13.64 -21.79 -76.75
N LEU A 22 -13.54 -21.97 -75.43
CA LEU A 22 -12.23 -21.97 -74.78
C LEU A 22 -11.38 -23.13 -75.25
N HIS A 23 -11.96 -24.31 -75.40
CA HIS A 23 -11.15 -25.49 -75.70
C HIS A 23 -11.05 -25.77 -77.18
N ALA A 24 -12.19 -26.08 -77.83
CA ALA A 24 -12.13 -26.56 -79.20
C ALA A 24 -11.73 -25.45 -80.16
N ALA A 25 -12.36 -24.27 -80.02
CA ALA A 25 -12.02 -23.15 -80.90
C ALA A 25 -10.59 -22.69 -80.66
N THR A 26 -10.17 -22.63 -79.39
CA THR A 26 -8.80 -22.22 -79.08
C THR A 26 -7.80 -23.17 -79.71
N THR A 27 -8.04 -24.48 -79.63
CA THR A 27 -7.14 -25.44 -80.25
C THR A 27 -7.17 -25.34 -81.77
N LYS A 28 -8.36 -25.18 -82.36
CA LYS A 28 -8.48 -25.11 -83.81
C LYS A 28 -7.78 -23.89 -84.38
N ASN A 29 -7.91 -22.74 -83.73
CA ASN A 29 -7.19 -21.55 -84.19
C ASN A 29 -5.68 -21.79 -84.14
N ASN A 30 -5.19 -22.39 -83.07
CA ASN A 30 -3.78 -22.75 -82.96
C ASN A 30 -3.61 -23.60 -81.71
N ASN A 31 -2.67 -24.54 -81.78
CA ASN A 31 -2.37 -25.41 -80.65
C ASN A 31 -1.50 -24.67 -79.63
N LEU A 32 -2.02 -23.53 -79.18
CA LEU A 32 -1.27 -22.69 -78.25
C LEU A 32 -1.06 -23.41 -76.91
N ALA A 33 -2.10 -24.05 -76.40
CA ALA A 33 -2.02 -24.73 -75.12
C ALA A 33 -2.99 -25.91 -75.13
N VAL A 34 -2.67 -26.91 -74.31
CA VAL A 34 -3.53 -28.09 -74.21
C VAL A 34 -4.66 -27.81 -73.23
N SER A 35 -5.89 -28.01 -73.66
CA SER A 35 -7.06 -27.64 -72.88
C SER A 35 -7.68 -28.88 -72.24
N SER A 36 -8.30 -28.67 -71.08
CA SER A 36 -8.96 -29.75 -70.37
C SER A 36 -10.04 -29.15 -69.48
N LYS A 37 -11.00 -29.98 -69.10
CA LYS A 37 -12.09 -29.57 -68.22
C LYS A 37 -11.76 -29.94 -66.79
N PHE A 38 -12.19 -29.11 -65.85
CA PHE A 38 -11.88 -29.30 -64.44
C PHE A 38 -12.99 -30.01 -63.67
N ASN A 39 -14.25 -29.70 -63.98
CA ASN A 39 -15.40 -30.43 -63.44
C ASN A 39 -15.43 -30.34 -61.91
N ILE A 40 -15.53 -29.13 -61.40
CA ILE A 40 -15.55 -28.92 -59.95
C ILE A 40 -16.89 -29.38 -59.42
N PRO A 41 -16.96 -29.99 -58.23
CA PRO A 41 -18.24 -30.35 -57.65
C PRO A 41 -18.97 -29.13 -57.10
N ASP A 42 -20.30 -29.25 -57.03
CA ASP A 42 -21.16 -28.18 -56.52
C ASP A 42 -21.13 -28.22 -54.99
N LEU A 43 -20.13 -27.58 -54.40
CA LEU A 43 -20.07 -27.55 -52.95
C LEU A 43 -21.25 -26.76 -52.40
N LYS A 44 -21.26 -26.62 -51.07
CA LYS A 44 -22.30 -25.86 -50.39
C LYS A 44 -21.82 -24.43 -50.20
N VAL A 45 -22.25 -23.54 -51.10
CA VAL A 45 -21.90 -22.13 -50.97
C VAL A 45 -22.58 -21.54 -49.75
N GLY A 46 -21.88 -20.64 -49.06
CA GLY A 46 -22.36 -20.06 -47.83
C GLY A 46 -22.73 -18.60 -47.96
N THR A 47 -22.59 -17.88 -46.85
CA THR A 47 -22.82 -16.45 -46.83
C THR A 47 -21.63 -15.72 -47.43
N LEU A 48 -21.87 -14.49 -47.86
CA LEU A 48 -20.81 -13.76 -48.54
C LEU A 48 -19.75 -13.29 -47.56
N ASP A 49 -20.13 -13.03 -46.31
CA ASP A 49 -19.13 -12.73 -45.30
C ASP A 49 -18.15 -13.88 -45.15
N VAL A 50 -18.65 -15.09 -44.87
CA VAL A 50 -17.75 -16.21 -44.68
C VAL A 50 -17.09 -16.58 -45.99
N LEU A 51 -17.75 -16.32 -47.12
CA LEU A 51 -17.12 -16.63 -48.38
C LEU A 51 -15.89 -15.77 -48.61
N VAL A 52 -15.93 -14.49 -48.23
CA VAL A 52 -14.71 -13.70 -48.33
C VAL A 52 -13.68 -14.14 -47.31
N GLY A 53 -14.12 -14.43 -46.08
CA GLY A 53 -13.19 -14.98 -45.11
C GLY A 53 -12.45 -16.17 -45.68
N LEU A 54 -13.16 -17.06 -46.37
CA LEU A 54 -12.50 -18.17 -47.04
C LEU A 54 -11.62 -17.70 -48.18
N SER A 55 -12.02 -16.70 -48.96
CA SER A 55 -11.13 -16.34 -50.04
C SER A 55 -9.83 -15.79 -49.51
N ASP A 56 -9.78 -15.46 -48.22
CA ASP A 56 -8.48 -15.20 -47.58
C ASP A 56 -7.83 -16.48 -47.06
N GLU A 57 -8.62 -17.35 -46.41
CA GLU A 57 -8.02 -18.57 -45.86
C GLU A 57 -7.44 -19.46 -46.94
N LEU A 58 -8.13 -19.58 -48.07
CA LEU A 58 -7.60 -20.30 -49.21
C LEU A 58 -6.61 -19.48 -50.02
N ALA A 59 -6.34 -18.24 -49.60
CA ALA A 59 -5.14 -17.59 -50.08
C ALA A 59 -3.92 -18.03 -49.28
N LYS A 60 -4.08 -18.12 -47.96
CA LYS A 60 -2.98 -18.55 -47.10
C LYS A 60 -2.66 -20.04 -47.28
N LEU A 61 -3.68 -20.88 -47.25
CA LEU A 61 -3.41 -22.31 -47.19
C LEU A 61 -2.78 -22.83 -48.46
N ASP A 62 -3.09 -22.23 -49.61
CA ASP A 62 -2.45 -22.72 -50.83
C ASP A 62 -0.95 -22.64 -50.70
N ALA A 63 -0.46 -21.51 -50.21
CA ALA A 63 0.98 -21.36 -50.01
C ALA A 63 1.48 -22.34 -48.96
N PHE A 64 0.75 -22.49 -47.85
CA PHE A 64 1.25 -23.40 -46.81
C PHE A 64 1.34 -24.83 -47.31
N VAL A 65 0.33 -25.30 -48.03
CA VAL A 65 0.36 -26.65 -48.56
C VAL A 65 1.40 -26.77 -49.68
N GLU A 66 1.59 -25.73 -50.48
CA GLU A 66 2.69 -25.75 -51.44
C GLU A 66 4.01 -26.00 -50.72
N GLY A 67 4.22 -25.27 -49.62
CA GLY A 67 5.45 -25.47 -48.86
C GLY A 67 5.58 -26.87 -48.32
N VAL A 68 4.48 -27.42 -47.79
CA VAL A 68 4.56 -28.77 -47.24
C VAL A 68 4.86 -29.79 -48.33
N VAL A 69 4.20 -29.68 -49.48
CA VAL A 69 4.44 -30.65 -50.54
C VAL A 69 5.87 -30.52 -51.05
N LYS A 70 6.38 -29.30 -51.20
CA LYS A 70 7.76 -29.17 -51.66
C LYS A 70 8.74 -29.66 -50.61
N LYS A 71 8.41 -29.51 -49.32
CA LYS A 71 9.24 -30.10 -48.28
C LYS A 71 9.26 -31.61 -48.40
N VAL A 72 8.12 -32.21 -48.70
CA VAL A 72 8.06 -33.65 -48.93
C VAL A 72 8.92 -34.02 -50.15
N ALA A 73 8.86 -33.19 -51.19
CA ALA A 73 9.71 -33.42 -52.35
C ALA A 73 11.18 -33.37 -51.97
N GLN A 74 11.55 -32.40 -51.14
CA GLN A 74 12.95 -32.29 -50.71
C GLN A 74 13.38 -33.51 -49.92
N TYR A 75 12.54 -33.97 -49.00
CA TYR A 75 12.88 -35.15 -48.23
C TYR A 75 12.99 -36.38 -49.12
N MET A 76 12.13 -36.50 -50.13
CA MET A 76 12.20 -37.62 -51.04
C MET A 76 13.44 -37.54 -51.91
N ALA A 77 13.88 -36.31 -52.20
CA ALA A 77 15.12 -36.14 -52.95
C ALA A 77 16.34 -36.48 -52.11
N ASP A 78 16.27 -36.24 -50.81
CA ASP A 78 17.40 -36.52 -49.93
C ASP A 78 17.47 -38.00 -49.56
N VAL A 79 16.45 -38.49 -48.86
CA VAL A 79 16.48 -39.87 -48.38
C VAL A 79 16.58 -40.84 -49.55
N LEU A 80 16.00 -40.49 -50.69
CA LEU A 80 16.12 -41.27 -51.91
C LEU A 80 17.25 -40.77 -52.80
N GLU A 81 18.25 -40.11 -52.21
CA GLU A 81 19.35 -39.56 -53.00
C GLU A 81 20.15 -40.64 -53.71
N ASP A 82 20.10 -41.89 -53.22
CA ASP A 82 20.81 -42.97 -53.90
C ASP A 82 20.25 -43.21 -55.29
N SER A 83 18.93 -43.15 -55.44
CA SER A 83 18.25 -43.42 -56.70
C SER A 83 17.28 -42.31 -57.04
N LYS A 84 17.72 -41.05 -56.93
CA LYS A 84 16.88 -39.91 -57.19
C LYS A 84 16.54 -39.72 -58.66
N ASP A 85 17.00 -40.60 -59.56
CA ASP A 85 16.64 -40.46 -60.97
C ASP A 85 15.14 -40.59 -61.16
N LYS A 86 14.58 -39.72 -62.01
CA LYS A 86 13.14 -39.66 -62.22
C LYS A 86 12.41 -39.46 -60.89
N VAL A 87 12.82 -38.40 -60.19
CA VAL A 87 12.25 -38.10 -58.88
C VAL A 87 10.75 -37.87 -59.00
N GLN A 88 10.32 -37.26 -60.10
CA GLN A 88 8.90 -36.97 -60.27
C GLN A 88 8.06 -38.24 -60.25
N GLU A 89 8.45 -39.26 -61.02
CA GLU A 89 7.65 -40.47 -61.11
C GLU A 89 7.51 -41.14 -59.75
N ASN A 90 8.55 -41.05 -58.91
CA ASN A 90 8.45 -41.60 -57.57
C ASN A 90 7.48 -40.83 -56.69
N LEU A 91 7.00 -39.67 -57.15
CA LEU A 91 6.12 -38.84 -56.34
C LEU A 91 4.65 -38.90 -56.75
N LEU A 92 4.36 -39.34 -57.98
CA LEU A 92 2.99 -39.27 -58.50
C LEU A 92 1.99 -39.87 -57.51
N ALA A 93 0.94 -39.09 -57.22
CA ALA A 93 -0.07 -39.54 -56.28
C ALA A 93 -0.80 -40.78 -56.78
N SER A 94 -1.01 -40.86 -58.09
CA SER A 94 -1.67 -41.99 -58.71
C SER A 94 -1.30 -41.95 -60.19
N GLY A 95 -2.00 -42.75 -60.99
CA GLY A 95 -1.75 -42.71 -62.40
C GLY A 95 -0.29 -43.03 -62.72
N VAL A 96 0.10 -42.63 -63.93
CA VAL A 96 1.45 -42.93 -64.43
C VAL A 96 2.38 -41.80 -64.03
N ASP A 97 1.90 -40.56 -64.11
CA ASP A 97 2.73 -39.40 -63.80
C ASP A 97 1.85 -38.31 -63.24
N LEU A 98 2.50 -37.37 -62.54
CA LEU A 98 1.72 -36.31 -61.90
C LEU A 98 0.90 -35.53 -62.92
N VAL A 99 1.46 -35.28 -64.11
CA VAL A 99 0.72 -34.52 -65.11
C VAL A 99 -0.58 -35.26 -65.46
N THR A 100 -0.48 -36.57 -65.68
CA THR A 100 -1.68 -37.35 -65.97
C THR A 100 -2.66 -37.28 -64.81
N TYR A 101 -2.16 -37.40 -63.58
CA TYR A 101 -3.04 -37.29 -62.43
C TYR A 101 -3.83 -36.00 -62.49
N ILE A 102 -3.15 -34.87 -62.70
CA ILE A 102 -3.85 -33.60 -62.59
C ILE A 102 -4.81 -33.43 -63.75
N THR A 103 -4.41 -33.79 -64.97
CA THR A 103 -5.33 -33.60 -66.07
C THR A 103 -6.60 -34.40 -65.86
N ARG A 104 -6.52 -35.53 -65.16
CA ARG A 104 -7.71 -36.33 -64.89
C ARG A 104 -8.27 -36.06 -63.49
N PHE A 105 -7.91 -34.95 -62.87
CA PHE A 105 -8.28 -34.70 -61.48
C PHE A 105 -9.79 -34.80 -61.29
N GLN A 106 -10.18 -35.49 -60.22
CA GLN A 106 -11.56 -35.56 -59.79
C GLN A 106 -11.60 -35.47 -58.27
N TRP A 107 -12.44 -34.57 -57.76
CA TRP A 107 -12.57 -34.43 -56.32
C TRP A 107 -12.97 -35.77 -55.71
N ASP A 108 -12.32 -36.11 -54.59
CA ASP A 108 -12.62 -37.35 -53.86
C ASP A 108 -13.52 -37.00 -52.67
N MET A 109 -14.80 -37.35 -52.79
CA MET A 109 -15.72 -37.08 -51.68
C MET A 109 -15.27 -37.80 -50.42
N ALA A 110 -14.63 -38.96 -50.58
CA ALA A 110 -14.19 -39.72 -49.42
C ALA A 110 -13.18 -38.93 -48.59
N LYS A 111 -12.25 -38.26 -49.26
CA LYS A 111 -11.27 -37.46 -48.54
C LYS A 111 -11.95 -36.33 -47.77
N TYR A 112 -12.94 -35.68 -48.38
CA TYR A 112 -13.62 -34.56 -47.76
C TYR A 112 -15.09 -34.57 -48.17
N PRO A 113 -16.01 -34.31 -47.24
CA PRO A 113 -17.43 -34.46 -47.54
C PRO A 113 -18.04 -33.19 -48.13
N ILE A 114 -18.55 -33.32 -49.34
CA ILE A 114 -19.09 -32.16 -50.04
C ILE A 114 -20.21 -31.53 -49.24
N LYS A 115 -21.07 -32.35 -48.64
CA LYS A 115 -22.21 -31.81 -47.91
C LYS A 115 -21.78 -30.95 -46.73
N GLN A 116 -20.53 -31.04 -46.31
CA GLN A 116 -20.07 -30.17 -45.23
C GLN A 116 -20.04 -28.72 -45.69
N SER A 117 -19.82 -27.81 -44.74
CA SER A 117 -19.69 -26.39 -45.06
C SER A 117 -18.24 -26.08 -45.46
N LEU A 118 -18.07 -24.98 -46.19
CA LEU A 118 -16.77 -24.70 -46.80
C LEU A 118 -15.67 -24.56 -45.76
N LYS A 119 -15.93 -23.85 -44.67
CA LYS A 119 -14.92 -23.72 -43.63
C LYS A 119 -14.52 -25.10 -43.11
N ASN A 120 -15.51 -25.97 -42.91
CA ASN A 120 -15.21 -27.31 -42.42
C ASN A 120 -14.42 -28.11 -43.43
N ILE A 121 -14.79 -28.03 -44.71
CA ILE A 121 -14.04 -28.75 -45.73
C ILE A 121 -12.60 -28.27 -45.76
N SER A 122 -12.37 -26.98 -45.54
CA SER A 122 -11.00 -26.49 -45.44
C SER A 122 -10.29 -27.03 -44.23
N GLU A 123 -10.94 -27.04 -43.06
CA GLU A 123 -10.29 -27.56 -41.86
C GLU A 123 -9.88 -29.01 -42.05
N ILE A 124 -10.68 -29.77 -42.81
CA ILE A 124 -10.36 -31.17 -43.02
C ILE A 124 -9.01 -31.31 -43.70
N ILE A 125 -8.73 -30.52 -44.72
CA ILE A 125 -7.44 -30.56 -45.37
C ILE A 125 -6.36 -29.99 -44.46
N ALA A 126 -6.69 -28.94 -43.71
CA ALA A 126 -5.69 -28.27 -42.91
C ALA A 126 -5.11 -29.18 -41.84
N LYS A 127 -5.97 -29.92 -41.12
CA LYS A 127 -5.47 -30.78 -40.06
C LYS A 127 -4.56 -31.86 -40.62
N GLY A 128 -4.99 -32.51 -41.69
CA GLY A 128 -4.18 -33.54 -42.29
C GLY A 128 -2.84 -33.02 -42.76
N VAL A 129 -2.82 -31.85 -43.39
CA VAL A 129 -1.56 -31.30 -43.83
C VAL A 129 -0.67 -30.95 -42.66
N THR A 130 -1.23 -30.43 -41.57
CA THR A 130 -0.40 -30.10 -40.41
C THR A 130 0.24 -31.36 -39.84
N GLN A 131 -0.53 -32.44 -39.75
CA GLN A 131 0.05 -33.70 -39.30
C GLN A 131 1.15 -34.16 -40.24
N ILE A 132 0.94 -34.01 -41.55
CA ILE A 132 1.98 -34.39 -42.51
C ILE A 132 3.24 -33.56 -42.27
N ASP A 133 3.08 -32.27 -41.99
CA ASP A 133 4.25 -31.42 -41.76
C ASP A 133 5.02 -31.85 -40.52
N ASN A 134 4.31 -32.11 -39.43
CA ASN A 134 4.97 -32.57 -38.22
C ASN A 134 5.67 -33.90 -38.45
N ASP A 135 5.02 -34.81 -39.17
CA ASP A 135 5.63 -36.11 -39.44
C ASP A 135 6.89 -35.96 -40.28
N LEU A 136 6.86 -35.09 -41.30
CA LEU A 136 8.07 -34.84 -42.08
C LEU A 136 9.16 -34.22 -41.24
N LYS A 137 8.78 -33.39 -40.27
CA LYS A 137 9.77 -32.81 -39.37
C LYS A 137 10.42 -33.87 -38.50
N SER A 138 9.63 -34.83 -38.01
CA SER A 138 10.10 -35.77 -37.00
C SER A 138 10.79 -36.99 -37.60
N ARG A 139 10.08 -37.74 -38.46
CA ARG A 139 10.61 -38.99 -38.96
C ARG A 139 11.84 -38.75 -39.84
N ALA A 140 11.79 -37.76 -40.72
CA ALA A 140 12.94 -37.47 -41.56
C ALA A 140 14.11 -37.02 -40.70
N SER A 141 13.84 -36.26 -39.64
CA SER A 141 14.91 -35.85 -38.74
C SER A 141 15.55 -37.06 -38.06
N ALA A 142 14.74 -38.03 -37.65
CA ALA A 142 15.28 -39.22 -37.01
C ALA A 142 16.13 -40.04 -37.98
N TYR A 143 15.65 -40.21 -39.21
CA TYR A 143 16.45 -40.91 -40.20
C TYR A 143 17.74 -40.15 -40.50
N ASN A 144 17.66 -38.82 -40.54
CA ASN A 144 18.87 -38.02 -40.70
C ASN A 144 19.83 -38.22 -39.54
N ASN A 145 19.29 -38.38 -38.33
CA ASN A 145 20.14 -38.64 -37.17
C ASN A 145 20.84 -39.98 -37.31
N LEU A 146 20.13 -41.00 -37.77
CA LEU A 146 20.78 -42.30 -38.00
C LEU A 146 21.86 -42.20 -39.06
N LYS A 147 21.55 -41.51 -40.17
CA LYS A 147 22.56 -41.31 -41.21
C LYS A 147 23.74 -40.52 -40.68
N GLY A 148 23.51 -39.57 -39.77
CA GLY A 148 24.60 -38.81 -39.20
C GLY A 148 25.44 -39.62 -38.23
N ASN A 149 24.80 -40.56 -37.52
CA ASN A 149 25.58 -41.51 -36.73
C ASN A 149 26.49 -42.34 -37.62
N LEU A 150 25.95 -42.80 -38.75
CA LEU A 150 26.80 -43.53 -39.70
C LEU A 150 27.94 -42.64 -40.22
N GLN A 151 27.62 -41.37 -40.51
CA GLN A 151 28.65 -40.46 -41.01
C GLN A 151 29.72 -40.19 -39.96
N ASN A 152 29.33 -40.06 -38.68
CA ASN A 152 30.31 -39.90 -37.62
C ASN A 152 31.17 -41.14 -37.48
N LEU A 153 30.58 -42.33 -37.62
CA LEU A 153 31.40 -43.54 -37.61
C LEU A 153 32.41 -43.54 -38.76
N GLU A 154 31.95 -43.14 -39.95
CA GLU A 154 32.88 -43.05 -41.09
C GLU A 154 33.99 -42.04 -40.81
N ARG A 155 33.63 -40.89 -40.22
CA ARG A 155 34.64 -39.89 -39.90
C ARG A 155 35.66 -40.44 -38.90
N LYS A 156 35.18 -41.20 -37.91
CA LYS A 156 36.10 -41.92 -37.03
C LYS A 156 37.00 -42.83 -37.85
N ASN A 157 36.46 -43.42 -38.92
CA ASN A 157 37.30 -44.20 -39.83
C ASN A 157 38.20 -43.31 -40.67
N ALA A 158 37.89 -42.02 -40.76
CA ALA A 158 38.70 -41.08 -41.52
C ALA A 158 39.74 -40.43 -40.63
N GLY A 159 40.73 -39.81 -41.26
CA GLY A 159 41.78 -39.10 -40.56
C GLY A 159 42.91 -39.99 -40.11
N SER A 160 43.89 -39.35 -39.48
CA SER A 160 45.05 -40.08 -38.97
C SER A 160 44.61 -41.04 -37.87
N LEU A 161 45.59 -41.81 -37.37
CA LEU A 161 45.30 -42.74 -36.30
C LEU A 161 44.92 -42.03 -35.01
N LEU A 162 45.54 -40.89 -34.70
CA LEU A 162 45.16 -40.13 -33.51
C LEU A 162 43.81 -39.44 -33.69
N THR A 163 43.61 -38.80 -34.85
CA THR A 163 42.31 -38.20 -35.12
C THR A 163 41.23 -39.27 -35.20
N ARG A 164 41.53 -40.38 -35.87
CA ARG A 164 40.63 -41.51 -35.90
C ARG A 164 40.80 -42.35 -34.63
N SER A 165 39.94 -43.35 -34.48
CA SER A 165 40.05 -44.32 -33.40
C SER A 165 40.67 -45.58 -33.98
N LEU A 166 41.83 -45.98 -33.43
CA LEU A 166 42.51 -47.17 -33.94
C LEU A 166 41.63 -48.40 -33.83
N ALA A 167 41.06 -48.64 -32.65
CA ALA A 167 40.18 -49.77 -32.41
C ALA A 167 40.76 -51.05 -33.01
N GLU A 168 40.22 -51.48 -34.15
CA GLU A 168 40.71 -52.71 -34.77
C GLU A 168 42.15 -52.54 -35.25
N ILE A 169 42.61 -51.30 -35.42
CA ILE A 169 43.94 -51.08 -35.99
C ILE A 169 45.01 -51.71 -35.12
N VAL A 170 44.93 -51.50 -33.81
CA VAL A 170 45.97 -51.98 -32.90
C VAL A 170 45.96 -53.50 -32.86
N LYS A 171 47.14 -54.09 -32.82
CA LYS A 171 47.27 -55.54 -32.67
C LYS A 171 47.20 -55.91 -31.19
N LYS A 172 46.27 -56.79 -30.84
CA LYS A 172 46.10 -57.21 -29.45
C LYS A 172 47.14 -58.23 -29.02
N ASP A 173 47.79 -58.91 -29.96
CA ASP A 173 48.80 -59.90 -29.61
C ASP A 173 50.00 -59.27 -28.91
N ASP A 174 50.33 -58.01 -29.22
CA ASP A 174 51.46 -57.33 -28.61
C ASP A 174 51.17 -56.84 -27.20
N PHE A 175 49.90 -56.89 -26.76
CA PHE A 175 49.57 -56.45 -25.41
C PHE A 175 50.22 -57.36 -24.39
N VAL A 176 50.63 -56.78 -23.26
CA VAL A 176 51.31 -57.52 -22.21
C VAL A 176 50.30 -58.01 -21.19
N LEU A 177 50.21 -59.33 -21.03
CA LEU A 177 49.27 -59.94 -20.09
C LEU A 177 49.83 -59.87 -18.67
N ASP A 178 48.93 -59.80 -17.70
CA ASP A 178 49.30 -59.59 -16.30
C ASP A 178 50.16 -58.33 -16.19
N SER A 179 49.74 -57.29 -16.90
CA SER A 179 50.51 -56.04 -17.00
C SER A 179 50.38 -55.23 -15.70
N GLU A 180 50.97 -55.77 -14.64
CA GLU A 180 50.91 -55.13 -13.34
C GLU A 180 51.95 -54.01 -13.22
N TYR A 181 53.23 -54.38 -13.34
CA TYR A 181 54.32 -53.41 -13.28
C TYR A 181 54.91 -53.10 -14.64
N LEU A 182 54.54 -53.85 -15.68
CA LEU A 182 54.95 -53.57 -17.04
C LEU A 182 53.73 -53.19 -17.86
N VAL A 183 53.95 -52.37 -18.90
CA VAL A 183 52.87 -51.90 -19.76
C VAL A 183 53.41 -51.73 -21.18
N THR A 184 52.49 -51.43 -22.09
CA THR A 184 52.82 -51.13 -23.47
C THR A 184 52.37 -49.71 -23.81
N LEU A 185 53.31 -48.89 -24.26
CA LEU A 185 53.02 -47.52 -24.66
C LEU A 185 53.34 -47.37 -26.14
N LEU A 186 52.39 -46.76 -26.86
CA LEU A 186 52.46 -46.57 -28.30
C LEU A 186 52.47 -45.05 -28.55
N VAL A 187 53.65 -44.53 -28.86
CA VAL A 187 53.80 -43.14 -29.32
C VAL A 187 54.76 -43.19 -30.51
N VAL A 188 54.20 -43.21 -31.71
CA VAL A 188 55.01 -43.27 -32.92
C VAL A 188 54.19 -42.72 -34.07
N VAL A 189 54.77 -41.82 -34.85
CA VAL A 189 54.05 -41.18 -35.94
C VAL A 189 55.00 -41.00 -37.13
N PRO A 190 55.67 -39.86 -37.25
CA PRO A 190 56.36 -39.54 -38.50
C PRO A 190 57.35 -40.62 -38.91
N LYS A 191 57.34 -40.96 -40.20
CA LYS A 191 58.29 -41.91 -40.74
C LYS A 191 59.62 -41.27 -41.08
N LEU A 192 59.68 -39.93 -41.12
CA LEU A 192 60.95 -39.26 -41.35
C LEU A 192 61.92 -39.49 -40.21
N ASN A 193 61.41 -39.66 -38.99
CA ASN A 193 62.22 -39.95 -37.82
C ASN A 193 62.26 -41.44 -37.51
N HIS A 194 61.83 -42.30 -38.43
CA HIS A 194 61.86 -43.74 -38.27
C HIS A 194 63.06 -44.37 -38.97
N ASN A 195 64.06 -43.58 -39.35
CA ASN A 195 65.23 -44.13 -40.01
C ASN A 195 65.99 -45.10 -39.10
N ASP A 196 65.90 -44.91 -37.78
CA ASP A 196 66.55 -45.79 -36.82
C ASP A 196 65.54 -46.34 -35.81
N TRP A 197 64.31 -46.61 -36.26
CA TRP A 197 63.26 -47.04 -35.36
C TRP A 197 63.61 -48.35 -34.66
N ILE A 198 64.41 -49.21 -35.30
CA ILE A 198 64.70 -50.52 -34.72
C ILE A 198 65.42 -50.37 -33.39
N LYS A 199 66.42 -49.48 -33.33
CA LYS A 199 67.16 -49.29 -32.08
C LYS A 199 66.35 -48.47 -31.08
N GLN A 200 65.59 -47.49 -31.57
CA GLN A 200 64.79 -46.67 -30.66
C GLN A 200 63.76 -47.51 -29.92
N TYR A 201 63.05 -48.38 -30.63
CA TYR A 201 62.07 -49.24 -29.98
C TYR A 201 62.68 -50.19 -28.97
N GLU A 202 63.82 -50.80 -29.29
CA GLU A 202 64.49 -51.68 -28.34
C GLU A 202 65.10 -50.91 -27.20
N THR A 203 65.27 -49.59 -27.35
CA THR A 203 65.87 -48.76 -26.31
C THR A 203 65.18 -47.40 -26.21
N LEU A 204 63.88 -47.35 -26.50
CA LEU A 204 63.16 -46.08 -26.40
C LEU A 204 63.33 -45.47 -25.01
N ALA A 205 63.19 -46.28 -23.97
CA ALA A 205 63.43 -45.86 -22.61
C ALA A 205 64.67 -46.56 -22.07
N GLU A 206 64.94 -46.38 -20.77
CA GLU A 206 66.10 -46.97 -20.13
C GLU A 206 65.89 -48.41 -19.68
N MET A 207 64.68 -48.94 -19.84
CA MET A 207 64.40 -50.34 -19.52
C MET A 207 63.40 -50.95 -20.50
N VAL A 208 63.48 -50.57 -21.77
CA VAL A 208 62.50 -51.03 -22.75
C VAL A 208 62.84 -52.45 -23.20
N VAL A 209 61.81 -53.26 -23.39
CA VAL A 209 61.95 -54.63 -23.89
C VAL A 209 62.30 -54.58 -25.37
N PRO A 210 63.25 -55.39 -25.83
CA PRO A 210 63.61 -55.35 -27.25
C PRO A 210 62.76 -56.26 -28.13
N ARG A 211 62.19 -57.32 -27.55
CA ARG A 211 61.47 -58.33 -28.32
C ARG A 211 60.00 -57.95 -28.52
N SER A 212 59.27 -57.74 -27.43
CA SER A 212 57.81 -57.57 -27.51
C SER A 212 57.42 -56.36 -28.34
N SER A 213 58.18 -55.28 -28.30
CA SER A 213 57.84 -54.07 -29.06
C SER A 213 57.74 -54.39 -30.53
N ASN A 214 56.67 -53.91 -31.18
CA ASN A 214 56.41 -54.25 -32.57
C ASN A 214 55.55 -53.18 -33.23
N VAL A 215 55.63 -53.15 -34.57
CA VAL A 215 54.85 -52.21 -35.37
C VAL A 215 53.54 -52.86 -35.80
N LEU A 216 52.44 -52.12 -35.67
CA LEU A 216 51.12 -52.60 -36.04
C LEU A 216 50.71 -52.10 -37.43
N SER A 217 50.88 -50.80 -37.69
CA SER A 217 50.53 -50.22 -38.97
C SER A 217 51.66 -49.30 -39.42
N GLU A 218 51.73 -49.09 -40.73
CA GLU A 218 52.75 -48.24 -41.33
C GLU A 218 52.14 -47.49 -42.50
N ASP A 219 51.97 -46.19 -42.36
CA ASP A 219 51.47 -45.36 -43.43
C ASP A 219 52.63 -44.86 -44.29
N GLN A 220 52.29 -44.22 -45.42
CA GLN A 220 53.31 -43.72 -46.32
C GLN A 220 54.15 -42.62 -45.68
N ASP A 221 53.62 -41.90 -44.69
CA ASP A 221 54.33 -40.82 -44.03
C ASP A 221 54.63 -41.10 -42.57
N SER A 222 53.96 -42.09 -41.97
CA SER A 222 54.11 -42.34 -40.54
C SER A 222 53.93 -43.83 -40.28
N TYR A 223 54.40 -44.27 -39.12
CA TYR A 223 54.28 -45.66 -38.67
C TYR A 223 53.78 -45.69 -37.24
N LEU A 224 53.00 -46.73 -36.93
CA LEU A 224 52.41 -46.92 -35.61
C LEU A 224 52.87 -48.24 -35.01
N CYS A 225 53.21 -48.21 -33.72
CA CYS A 225 53.75 -49.38 -33.05
C CYS A 225 53.46 -49.29 -31.55
N ASN A 226 53.68 -50.40 -30.85
CA ASN A 226 53.62 -50.46 -29.40
C ASN A 226 54.98 -50.91 -28.86
N VAL A 227 55.45 -50.24 -27.80
CA VAL A 227 56.74 -50.53 -27.20
C VAL A 227 56.54 -50.78 -25.71
N THR A 228 57.17 -51.83 -25.19
CA THR A 228 56.99 -52.23 -23.80
C THR A 228 57.91 -51.45 -22.88
N LEU A 229 57.43 -51.18 -21.68
CA LEU A 229 58.21 -50.49 -20.66
C LEU A 229 57.71 -50.93 -19.28
N PHE A 230 58.40 -50.46 -18.25
CA PHE A 230 57.99 -50.74 -16.87
C PHE A 230 56.84 -49.82 -16.47
N LYS A 231 56.20 -50.17 -15.36
CA LYS A 231 55.04 -49.38 -14.91
C LYS A 231 55.43 -47.94 -14.65
N LYS A 232 56.64 -47.72 -14.12
CA LYS A 232 57.09 -46.38 -13.78
C LYS A 232 57.68 -45.63 -14.97
N ALA A 233 57.88 -46.29 -16.11
CA ALA A 233 58.50 -45.67 -17.28
C ALA A 233 57.46 -45.14 -18.26
N VAL A 234 56.24 -44.88 -17.80
CA VAL A 234 55.20 -44.41 -18.71
C VAL A 234 55.53 -43.01 -19.21
N ASP A 235 55.50 -42.01 -18.32
CA ASP A 235 55.67 -40.63 -18.75
C ASP A 235 57.02 -40.43 -19.41
N ASP A 236 58.09 -40.96 -18.81
CA ASP A 236 59.40 -40.87 -19.43
C ASP A 236 59.36 -41.42 -20.84
N PHE A 237 58.72 -42.58 -21.03
CA PHE A 237 58.54 -43.10 -22.38
C PHE A 237 57.92 -42.06 -23.28
N ARG A 238 56.79 -41.48 -22.84
CA ARG A 238 56.18 -40.40 -23.59
C ARG A 238 57.16 -39.26 -23.78
N HIS A 239 57.87 -38.89 -22.70
CA HIS A 239 58.93 -37.90 -22.84
C HIS A 239 59.90 -38.29 -23.95
N LYS A 240 60.40 -39.53 -23.92
CA LYS A 240 61.31 -39.98 -24.97
C LYS A 240 60.61 -39.92 -26.32
N ALA A 241 59.31 -40.22 -26.36
CA ALA A 241 58.58 -40.13 -27.62
C ALA A 241 58.60 -38.69 -28.15
N ARG A 242 58.45 -37.70 -27.27
CA ARG A 242 58.58 -36.33 -27.71
C ARG A 242 59.99 -36.05 -28.19
N GLU A 243 60.99 -36.68 -27.57
CA GLU A 243 62.37 -36.46 -27.97
C GLU A 243 62.60 -36.89 -29.41
N ASN A 244 62.07 -38.05 -29.79
CA ASN A 244 62.18 -38.52 -31.16
C ASN A 244 61.17 -37.84 -32.09
N LYS A 245 60.49 -36.79 -31.63
CA LYS A 245 59.56 -36.02 -32.46
C LYS A 245 58.30 -36.83 -32.76
N PHE A 246 57.87 -37.65 -31.81
CA PHE A 246 56.69 -38.49 -31.99
C PHE A 246 55.46 -37.81 -31.39
N ILE A 247 54.29 -38.37 -31.71
CA ILE A 247 53.01 -37.81 -31.32
C ILE A 247 52.32 -38.76 -30.35
N VAL A 248 51.42 -38.21 -29.53
CA VAL A 248 50.78 -38.99 -28.49
C VAL A 248 49.86 -40.02 -29.12
N ARG A 249 50.06 -41.29 -28.76
CA ARG A 249 49.27 -42.39 -29.32
C ARG A 249 48.75 -43.28 -28.20
N ASP A 250 48.12 -42.67 -27.20
CA ASP A 250 47.53 -43.45 -26.12
C ASP A 250 46.39 -44.31 -26.65
N PHE A 251 46.39 -45.59 -26.28
CA PHE A 251 45.35 -46.53 -26.65
C PHE A 251 44.52 -47.03 -25.47
N GLN A 252 45.15 -47.29 -24.33
CA GLN A 252 44.43 -47.77 -23.14
C GLN A 252 43.81 -49.14 -23.39
N TYR A 253 44.31 -49.84 -24.40
CA TYR A 253 43.93 -51.24 -24.66
C TYR A 253 42.42 -51.42 -24.61
N ASN A 254 41.69 -50.59 -25.35
CA ASN A 254 40.23 -50.64 -25.36
C ASN A 254 39.72 -51.72 -26.31
N GLU A 255 40.15 -52.97 -26.10
CA GLU A 255 39.73 -54.05 -26.97
C GLU A 255 38.24 -54.33 -26.84
N GLU A 256 37.74 -54.43 -25.60
CA GLU A 256 36.30 -54.64 -25.42
C GLU A 256 35.50 -53.51 -26.01
N GLU A 257 35.95 -52.27 -25.81
CA GLU A 257 35.28 -51.12 -26.43
C GLU A 257 35.36 -51.20 -27.95
N MET A 258 36.46 -51.71 -28.50
CA MET A 258 36.56 -51.87 -29.95
C MET A 258 35.50 -52.84 -30.45
N ARG A 259 35.33 -53.98 -29.75
CA ARG A 259 34.30 -54.92 -30.15
C ARG A 259 32.92 -54.29 -30.05
N ALA A 260 32.67 -53.54 -28.98
CA ALA A 260 31.37 -52.90 -28.80
C ALA A 260 31.10 -51.89 -29.92
N ASP A 261 32.11 -51.12 -30.31
CA ASP A 261 31.94 -50.14 -31.37
C ASP A 261 31.68 -50.81 -32.71
N LYS A 262 32.37 -51.92 -32.99
CA LYS A 262 32.11 -52.66 -34.21
C LYS A 262 30.66 -53.15 -34.23
N GLU A 263 30.20 -53.70 -33.09
CA GLU A 263 28.81 -54.15 -33.03
C GLU A 263 27.83 -53.01 -33.21
N GLU A 264 28.13 -51.85 -32.61
CA GLU A 264 27.24 -50.70 -32.76
C GLU A 264 27.18 -50.23 -34.21
N MET A 265 28.33 -50.22 -34.90
CA MET A 265 28.32 -49.85 -36.31
C MET A 265 27.49 -50.83 -37.13
N ASN A 266 27.64 -52.14 -36.86
CA ASN A 266 26.84 -53.13 -37.57
C ASN A 266 25.35 -52.91 -37.33
N ARG A 267 24.98 -52.65 -36.08
CA ARG A 267 23.58 -52.43 -35.75
C ARG A 267 23.05 -51.17 -36.41
N LEU A 268 23.87 -50.11 -36.45
CA LEU A 268 23.44 -48.87 -37.10
C LEU A 268 23.21 -49.08 -38.59
N SER A 269 24.12 -49.81 -39.25
CA SER A 269 23.95 -50.07 -40.67
C SER A 269 22.71 -50.92 -40.93
N THR A 270 22.50 -51.95 -40.11
CA THR A 270 21.31 -52.78 -40.26
C THR A 270 20.04 -51.98 -40.02
N ASP A 271 20.04 -51.09 -39.02
CA ASP A 271 18.89 -50.24 -38.77
C ASP A 271 18.63 -49.31 -39.94
N LYS A 272 19.69 -48.77 -40.54
CA LYS A 272 19.51 -47.93 -41.72
C LYS A 272 18.87 -48.73 -42.84
N LYS A 273 19.36 -49.95 -43.07
CA LYS A 273 18.79 -50.78 -44.12
C LYS A 273 17.33 -51.11 -43.86
N LYS A 274 16.99 -51.35 -42.58
CA LYS A 274 15.61 -51.70 -42.25
C LYS A 274 14.70 -50.48 -42.26
N GLN A 275 15.24 -49.28 -42.03
CA GLN A 275 14.43 -48.08 -41.88
C GLN A 275 14.27 -47.29 -43.18
N PHE A 276 15.25 -47.34 -44.09
CA PHE A 276 15.11 -46.60 -45.34
C PHE A 276 13.90 -47.09 -46.13
N GLY A 277 13.70 -48.40 -46.18
CA GLY A 277 12.54 -48.96 -46.83
C GLY A 277 11.27 -48.45 -46.18
N PRO A 278 11.24 -48.45 -44.85
CA PRO A 278 10.05 -47.93 -44.16
C PRO A 278 9.82 -46.44 -44.39
N LEU A 279 10.85 -45.62 -44.18
CA LEU A 279 10.69 -44.18 -44.38
C LEU A 279 10.43 -43.86 -45.85
N VAL A 280 11.11 -44.56 -46.76
CA VAL A 280 10.86 -44.32 -48.18
C VAL A 280 9.43 -44.65 -48.54
N ARG A 281 8.91 -45.77 -48.03
CA ARG A 281 7.52 -46.11 -48.29
C ARG A 281 6.59 -45.07 -47.70
N TRP A 282 6.89 -44.59 -46.49
CA TRP A 282 6.04 -43.60 -45.85
C TRP A 282 6.00 -42.31 -46.67
N LEU A 283 7.16 -41.87 -47.17
CA LEU A 283 7.18 -40.69 -48.03
C LEU A 283 6.40 -40.93 -49.31
N LYS A 284 6.58 -42.10 -49.93
CA LYS A 284 5.90 -42.37 -51.18
C LYS A 284 4.39 -42.33 -51.00
N VAL A 285 3.90 -42.86 -49.88
CA VAL A 285 2.46 -42.84 -49.64
C VAL A 285 1.98 -41.45 -49.22
N ASN A 286 2.78 -40.74 -48.44
CA ASN A 286 2.32 -39.45 -47.90
C ASN A 286 2.36 -38.36 -48.96
N PHE A 287 3.24 -38.49 -49.95
CA PHE A 287 3.25 -37.53 -51.04
C PHE A 287 1.93 -37.55 -51.79
N SER A 288 1.39 -38.73 -52.06
CA SER A 288 0.11 -38.80 -52.74
C SER A 288 -0.95 -38.03 -51.96
N GLU A 289 -1.02 -38.25 -50.65
CA GLU A 289 -2.05 -37.59 -49.86
C GLU A 289 -1.85 -36.08 -49.84
N ALA A 290 -0.62 -35.62 -49.60
CA ALA A 290 -0.39 -34.18 -49.52
C ALA A 290 -0.66 -33.51 -50.85
N PHE A 291 -0.28 -34.16 -51.95
CA PHE A 291 -0.60 -33.62 -53.27
C PHE A 291 -2.10 -33.58 -53.50
N ILE A 292 -2.82 -34.61 -53.06
CA ILE A 292 -4.28 -34.60 -53.22
C ILE A 292 -4.87 -33.43 -52.45
N ALA A 293 -4.44 -33.24 -51.20
CA ALA A 293 -4.96 -32.14 -50.40
C ALA A 293 -4.61 -30.80 -51.03
N TRP A 294 -3.42 -30.71 -51.62
CA TRP A 294 -3.05 -29.48 -52.29
C TRP A 294 -3.96 -29.21 -53.48
N ILE A 295 -4.13 -30.18 -54.37
CA ILE A 295 -5.01 -29.94 -55.50
C ILE A 295 -6.41 -29.65 -55.00
N HIS A 296 -6.81 -30.25 -53.89
CA HIS A 296 -8.12 -29.94 -53.34
C HIS A 296 -8.19 -28.48 -52.93
N ILE A 297 -7.12 -27.95 -52.34
CA ILE A 297 -7.14 -26.55 -51.96
C ILE A 297 -7.13 -25.68 -53.20
N LYS A 298 -6.48 -26.13 -54.26
CA LYS A 298 -6.56 -25.38 -55.51
C LYS A 298 -7.99 -25.32 -56.00
N ALA A 299 -8.69 -26.45 -55.97
CA ALA A 299 -10.10 -26.47 -56.37
C ALA A 299 -10.95 -25.57 -55.49
N LEU A 300 -10.74 -25.64 -54.17
CA LEU A 300 -11.50 -24.80 -53.26
C LEU A 300 -11.27 -23.34 -53.55
N ARG A 301 -10.02 -22.94 -53.71
CA ARG A 301 -9.77 -21.55 -54.00
C ARG A 301 -10.45 -21.17 -55.30
N VAL A 302 -10.39 -22.03 -56.31
CA VAL A 302 -11.05 -21.72 -57.57
C VAL A 302 -12.52 -21.45 -57.33
N PHE A 303 -13.18 -22.35 -56.60
CA PHE A 303 -14.62 -22.22 -56.46
C PHE A 303 -14.98 -20.99 -55.64
N VAL A 304 -14.28 -20.75 -54.53
CA VAL A 304 -14.60 -19.58 -53.73
C VAL A 304 -14.46 -18.32 -54.56
N GLU A 305 -13.31 -18.15 -55.20
CA GLU A 305 -13.09 -16.91 -55.95
C GLU A 305 -14.06 -16.80 -57.12
N SER A 306 -14.43 -17.93 -57.72
CA SER A 306 -15.32 -17.93 -58.87
C SER A 306 -16.75 -17.58 -58.49
N VAL A 307 -17.24 -18.08 -57.36
CA VAL A 307 -18.52 -17.60 -56.87
C VAL A 307 -18.44 -16.10 -56.60
N LEU A 308 -17.46 -15.68 -55.80
CA LEU A 308 -17.42 -14.29 -55.43
C LEU A 308 -17.49 -13.41 -56.67
N ARG A 309 -16.78 -13.81 -57.72
CA ARG A 309 -16.74 -12.96 -58.91
C ARG A 309 -18.01 -13.08 -59.73
N TYR A 310 -18.75 -14.17 -59.62
CA TYR A 310 -19.98 -14.35 -60.39
C TYR A 310 -21.11 -14.70 -59.43
N GLY A 311 -22.03 -13.77 -59.23
CA GLY A 311 -23.09 -13.94 -58.26
C GLY A 311 -23.82 -15.25 -58.43
N LEU A 312 -24.39 -15.76 -57.35
CA LEU A 312 -25.18 -16.97 -57.46
C LEU A 312 -26.29 -16.73 -58.50
N PRO A 313 -26.69 -17.76 -59.25
CA PRO A 313 -26.26 -19.17 -59.18
C PRO A 313 -24.87 -19.38 -59.75
N VAL A 314 -24.34 -20.56 -59.58
CA VAL A 314 -22.97 -20.88 -59.92
C VAL A 314 -22.86 -21.29 -61.39
N ASN A 315 -21.74 -20.94 -62.02
CA ASN A 315 -21.38 -21.48 -63.32
C ASN A 315 -19.87 -21.36 -63.50
N PHE A 316 -19.14 -22.44 -63.28
CA PHE A 316 -17.68 -22.44 -63.20
C PHE A 316 -17.09 -23.61 -63.96
N GLN A 317 -17.43 -23.71 -65.23
CA GLN A 317 -16.88 -24.75 -66.06
C GLN A 317 -15.42 -24.40 -66.33
N ALA A 318 -14.62 -24.39 -65.28
CA ALA A 318 -13.26 -23.90 -65.37
C ALA A 318 -12.45 -24.74 -66.34
N MET A 319 -11.54 -24.09 -67.03
CA MET A 319 -10.68 -24.75 -68.00
C MET A 319 -9.25 -24.82 -67.46
N LEU A 320 -8.67 -26.01 -67.49
CA LEU A 320 -7.26 -26.19 -67.16
C LEU A 320 -6.47 -26.18 -68.45
N LEU A 321 -5.57 -25.22 -68.59
CA LEU A 321 -4.77 -25.05 -69.79
C LEU A 321 -3.31 -25.26 -69.46
N GLN A 322 -2.64 -26.08 -70.28
CA GLN A 322 -1.21 -26.33 -70.15
C GLN A 322 -0.51 -25.54 -71.23
N PRO A 323 0.27 -24.51 -70.86
CA PRO A 323 0.90 -23.65 -71.87
C PRO A 323 1.92 -24.42 -72.70
N ASN A 324 2.09 -24.00 -73.95
CA ASN A 324 3.06 -24.60 -74.84
C ASN A 324 4.40 -23.89 -74.69
N LYS A 325 5.33 -24.17 -75.60
CA LYS A 325 6.64 -23.55 -75.55
C LYS A 325 6.55 -22.09 -75.97
N LYS A 326 6.79 -21.19 -75.01
CA LYS A 326 6.85 -19.75 -75.28
C LYS A 326 5.57 -19.24 -75.93
N SER A 327 4.43 -19.81 -75.55
CA SER A 327 3.13 -19.34 -76.02
C SER A 327 2.39 -18.54 -74.95
N VAL A 328 3.05 -18.22 -73.84
CA VAL A 328 2.36 -17.61 -72.71
C VAL A 328 1.80 -16.25 -73.12
N LYS A 329 2.60 -15.43 -73.78
CA LYS A 329 2.17 -14.07 -74.10
C LYS A 329 0.95 -14.09 -75.03
N LYS A 330 1.05 -14.82 -76.14
CA LYS A 330 -0.05 -14.83 -77.11
C LYS A 330 -1.30 -15.43 -76.50
N LEU A 331 -1.16 -16.55 -75.78
CA LEU A 331 -2.32 -17.19 -75.18
C LEU A 331 -2.98 -16.28 -74.15
N ARG A 332 -2.18 -15.64 -73.30
CA ARG A 332 -2.73 -14.75 -72.30
C ARG A 332 -3.41 -13.55 -72.95
N GLU A 333 -2.84 -12.99 -74.00
CA GLU A 333 -3.49 -11.88 -74.68
C GLU A 333 -4.81 -12.31 -75.30
N VAL A 334 -4.83 -13.49 -75.93
CA VAL A 334 -6.07 -13.98 -76.51
C VAL A 334 -7.11 -14.19 -75.43
N LEU A 335 -6.71 -14.75 -74.29
CA LEU A 335 -7.64 -14.96 -73.19
C LEU A 335 -8.17 -13.64 -72.65
N HIS A 336 -7.31 -12.63 -72.56
CA HIS A 336 -7.75 -11.32 -72.10
C HIS A 336 -8.77 -10.74 -73.07
N GLU A 337 -8.50 -10.85 -74.37
CA GLU A 337 -9.43 -10.32 -75.36
C GLU A 337 -10.78 -11.04 -75.29
N LEU A 338 -10.73 -12.37 -75.16
CA LEU A 338 -11.97 -13.15 -75.11
C LEU A 338 -12.70 -12.98 -73.79
N TYR A 339 -11.98 -12.59 -72.73
CA TYR A 339 -12.55 -12.40 -71.41
C TYR A 339 -12.85 -10.94 -71.11
N LYS A 340 -12.67 -10.03 -72.06
CA LYS A 340 -13.02 -8.64 -71.85
C LYS A 340 -14.51 -8.54 -71.56
N HIS A 341 -15.31 -9.44 -72.13
CA HIS A 341 -16.75 -9.40 -71.96
C HIS A 341 -17.26 -10.18 -70.75
N LEU A 342 -16.72 -11.37 -70.50
CA LEU A 342 -17.20 -12.16 -69.37
C LEU A 342 -16.97 -11.45 -68.04
N ASP A 343 -16.06 -10.48 -68.01
CA ASP A 343 -15.78 -9.71 -66.82
C ASP A 343 -15.69 -8.24 -67.17
N SER A 344 -15.88 -7.39 -66.17
CA SER A 344 -15.91 -5.95 -66.40
C SER A 344 -14.55 -5.44 -66.84
N SER A 345 -14.52 -4.80 -68.00
CA SER A 345 -13.31 -4.16 -68.51
C SER A 345 -13.23 -2.68 -68.12
N ALA A 346 -14.17 -2.20 -67.30
CA ALA A 346 -14.20 -0.81 -66.87
C ALA A 346 -13.40 -0.59 -65.59
N ALA A 347 -12.66 -1.58 -65.12
CA ALA A 347 -11.89 -1.44 -63.88
C ALA A 347 -10.71 -2.40 -63.91
N ALA A 348 -9.76 -2.13 -63.04
CA ALA A 348 -8.52 -2.92 -62.96
C ALA A 348 -7.88 -2.92 -64.34
N ILE A 349 -7.17 -3.99 -64.68
CA ILE A 349 -6.60 -4.16 -66.02
C ILE A 349 -5.42 -3.20 -66.22
N ILE A 350 -5.67 -1.90 -66.11
CA ILE A 350 -4.64 -0.91 -66.41
C ILE A 350 -3.52 -0.96 -65.37
N ASP A 351 -3.85 -0.64 -64.12
CA ASP A 351 -2.86 -0.60 -63.06
C ASP A 351 -3.57 -0.28 -61.76
N ALA A 352 -2.79 -0.27 -60.67
CA ALA A 352 -3.35 0.04 -59.35
C ALA A 352 -2.22 0.32 -58.39
N PRO A 353 -2.43 1.16 -57.38
CA PRO A 353 -1.37 1.39 -56.38
C PRO A 353 -1.43 0.39 -55.24
N MET A 354 -0.41 0.39 -54.39
CA MET A 354 -0.39 -0.49 -53.23
C MET A 354 -1.41 -0.02 -52.20
N ASP A 355 -2.02 -0.99 -51.52
CA ASP A 355 -2.93 -0.71 -50.43
C ASP A 355 -2.55 -1.55 -49.21
N ILE A 356 -1.24 -1.59 -48.93
CA ILE A 356 -0.73 -2.54 -47.94
C ILE A 356 -1.41 -2.36 -46.59
N PRO A 357 -1.62 -1.15 -46.08
CA PRO A 357 -2.23 -1.03 -44.75
C PRO A 357 -3.59 -1.68 -44.72
N GLY A 358 -3.87 -2.37 -43.62
CA GLY A 358 -5.15 -3.01 -43.40
C GLY A 358 -5.06 -4.51 -43.32
N LEU A 359 -6.23 -5.15 -43.31
CA LEU A 359 -6.31 -6.59 -43.05
C LEU A 359 -5.61 -7.38 -44.14
N ASN A 360 -5.77 -6.99 -45.40
CA ASN A 360 -5.17 -7.73 -46.50
C ASN A 360 -4.81 -6.77 -47.63
N LEU A 361 -3.80 -7.18 -48.38
CA LEU A 361 -3.36 -6.46 -49.57
C LEU A 361 -3.21 -7.45 -50.71
N SER A 362 -3.59 -7.02 -51.91
CA SER A 362 -3.57 -7.92 -53.06
C SER A 362 -2.17 -8.50 -53.25
N GLN A 363 -2.11 -9.82 -53.45
CA GLN A 363 -0.84 -10.52 -53.55
C GLN A 363 -0.53 -11.01 -54.96
N GLN A 364 -1.52 -11.14 -55.83
CA GLN A 364 -1.33 -11.66 -57.17
C GLN A 364 -1.79 -10.63 -58.20
N GLU A 365 -1.56 -10.97 -59.46
CA GLU A 365 -2.04 -10.13 -60.56
C GLU A 365 -3.51 -10.45 -60.80
N TYR A 366 -4.31 -9.41 -61.00
CA TYR A 366 -5.73 -9.58 -61.30
C TYR A 366 -5.93 -9.64 -62.80
N TYR A 367 -6.72 -10.62 -63.23
CA TYR A 367 -6.97 -10.89 -64.64
C TYR A 367 -8.47 -10.94 -64.86
N PRO A 368 -8.93 -10.73 -66.08
CA PRO A 368 -10.37 -10.72 -66.33
C PRO A 368 -10.96 -12.12 -66.24
N TYR A 369 -10.65 -12.82 -65.16
CA TYR A 369 -11.18 -14.13 -64.85
C TYR A 369 -10.51 -14.58 -63.57
N VAL A 370 -10.96 -15.71 -63.05
CA VAL A 370 -10.25 -16.38 -61.96
C VAL A 370 -9.13 -17.22 -62.57
N TYR A 371 -7.91 -17.00 -62.08
CA TYR A 371 -6.72 -17.63 -62.62
C TYR A 371 -5.91 -18.19 -61.45
N TYR A 372 -5.49 -19.44 -61.57
CA TYR A 372 -4.64 -20.07 -60.57
C TYR A 372 -3.61 -20.97 -61.25
N LYS A 373 -2.53 -21.21 -60.52
CA LYS A 373 -1.37 -21.89 -61.09
C LYS A 373 -1.11 -23.18 -60.34
N ILE A 374 -0.70 -24.19 -61.10
CA ILE A 374 -0.17 -25.45 -60.59
C ILE A 374 1.23 -25.59 -61.14
N ASP A 375 2.21 -25.77 -60.25
CA ASP A 375 3.61 -25.71 -60.64
C ASP A 375 4.32 -27.02 -60.39
N CYS A 376 3.68 -28.13 -60.76
CA CYS A 376 4.27 -29.46 -60.60
C CYS A 376 5.71 -29.49 -61.08
N ALA B 2 34.33 70.77 -7.06
CA ALA B 2 35.74 70.40 -7.14
C ALA B 2 35.92 68.91 -6.88
N LEU B 3 36.90 68.31 -7.55
CA LEU B 3 37.21 66.89 -7.41
C LEU B 3 38.58 66.73 -6.76
N SER B 4 38.92 67.65 -5.87
CA SER B 4 40.19 67.61 -5.17
C SER B 4 40.18 66.54 -4.08
N ASP B 5 41.38 66.24 -3.56
CA ASP B 5 41.47 65.22 -2.53
C ASP B 5 40.58 65.54 -1.35
N ALA B 6 40.32 66.82 -1.09
CA ALA B 6 39.38 67.19 -0.05
C ALA B 6 37.98 66.69 -0.38
N ASP B 7 37.55 66.87 -1.64
CA ASP B 7 36.22 66.41 -2.04
C ASP B 7 36.14 64.88 -1.98
N VAL B 8 37.19 64.19 -2.42
CA VAL B 8 37.19 62.73 -2.34
C VAL B 8 37.14 62.28 -0.89
N GLN B 9 37.90 62.94 -0.03
CA GLN B 9 37.87 62.60 1.39
C GLN B 9 36.48 62.82 1.97
N LYS B 10 35.84 63.93 1.62
CA LYS B 10 34.50 64.19 2.13
C LYS B 10 33.51 63.13 1.64
N GLN B 11 33.60 62.77 0.37
CA GLN B 11 32.67 61.78 -0.18
C GLN B 11 32.89 60.41 0.46
N ILE B 12 34.15 60.00 0.61
CA ILE B 12 34.41 58.74 1.28
C ILE B 12 33.96 58.80 2.72
N LYS B 13 34.06 59.97 3.36
CA LYS B 13 33.56 60.13 4.72
C LYS B 13 32.06 59.97 4.78
N HIS B 14 31.36 60.51 3.79
CA HIS B 14 29.92 60.27 3.69
C HIS B 14 29.64 58.79 3.52
N MET B 15 30.44 58.10 2.72
CA MET B 15 30.26 56.67 2.54
C MET B 15 30.45 55.94 3.88
N MET B 16 31.48 56.33 4.62
CA MET B 16 31.71 55.73 5.94
C MET B 16 30.53 55.97 6.85
N ALA B 17 30.01 57.20 6.86
CA ALA B 17 28.88 57.52 7.71
C ALA B 17 27.65 56.70 7.34
N PHE B 18 27.40 56.54 6.03
CA PHE B 18 26.24 55.75 5.61
C PHE B 18 26.40 54.29 5.99
N ILE B 19 27.59 53.72 5.82
CA ILE B 19 27.76 52.33 6.22
C ILE B 19 27.61 52.20 7.73
N GLU B 20 28.08 53.19 8.48
CA GLU B 20 27.86 53.18 9.92
C GLU B 20 26.38 53.22 10.25
N GLN B 21 25.62 54.06 9.55
CA GLN B 21 24.18 54.11 9.78
C GLN B 21 23.54 52.77 9.46
N GLU B 22 23.95 52.14 8.37
CA GLU B 22 23.36 50.86 8.02
C GLU B 22 23.63 49.84 9.11
N ALA B 23 24.87 49.77 9.58
CA ALA B 23 25.20 48.85 10.65
C ALA B 23 24.39 49.17 11.90
N ASN B 24 24.30 50.46 12.24
CA ASN B 24 23.58 50.85 13.44
C ASN B 24 22.12 50.45 13.36
N GLU B 25 21.51 50.64 12.18
CA GLU B 25 20.11 50.27 12.03
C GLU B 25 19.93 48.77 12.10
N LYS B 26 20.87 48.01 11.53
CA LYS B 26 20.78 46.56 11.67
C LYS B 26 20.85 46.17 13.14
N ALA B 27 21.74 46.82 13.88
CA ALA B 27 21.86 46.51 15.30
C ALA B 27 20.59 46.86 16.06
N GLU B 28 19.99 48.03 15.76
CA GLU B 28 18.75 48.39 16.43
C GLU B 28 17.66 47.38 16.13
N GLU B 29 17.51 47.02 14.87
CA GLU B 29 16.46 46.07 14.50
C GLU B 29 16.68 44.75 15.22
N ILE B 30 17.89 44.23 15.15
CA ILE B 30 18.14 42.92 15.73
C ILE B 30 18.00 42.99 17.24
N ASP B 31 18.38 44.11 17.85
CA ASP B 31 18.25 44.27 19.28
C ASP B 31 16.79 44.25 19.70
N ALA B 32 15.93 44.93 18.96
CA ALA B 32 14.50 44.90 19.26
C ALA B 32 13.95 43.50 19.10
N LYS B 33 14.36 42.79 18.05
CA LYS B 33 13.91 41.42 17.88
C LYS B 33 14.35 40.56 19.06
N ALA B 34 15.58 40.75 19.52
CA ALA B 34 16.08 40.02 20.67
C ALA B 34 15.22 40.31 21.90
N GLU B 35 14.90 41.57 22.13
CA GLU B 35 14.12 41.92 23.31
C GLU B 35 12.75 41.28 23.27
N GLU B 36 12.09 41.32 22.12
CA GLU B 36 10.77 40.68 22.03
C GLU B 36 10.88 39.17 22.23
N GLU B 37 11.91 38.55 21.66
CA GLU B 37 12.08 37.11 21.86
C GLU B 37 12.28 36.81 23.34
N PHE B 38 13.11 37.60 24.01
CA PHE B 38 13.33 37.42 25.44
C PHE B 38 12.01 37.54 26.19
N ASN B 39 11.22 38.56 25.88
CA ASN B 39 9.97 38.77 26.60
C ASN B 39 9.04 37.57 26.40
N ILE B 40 8.92 37.08 25.18
CA ILE B 40 7.97 35.99 24.94
C ILE B 40 8.45 34.71 25.60
N GLU B 41 9.76 34.42 25.55
CA GLU B 41 10.25 33.22 26.20
C GLU B 41 10.07 33.30 27.70
N LYS B 42 10.33 34.48 28.27
CA LYS B 42 10.14 34.68 29.70
C LYS B 42 8.68 34.48 30.09
N GLY B 43 7.76 35.05 29.30
CA GLY B 43 6.35 34.86 29.58
C GLY B 43 5.94 33.40 29.49
N ARG B 44 6.45 32.68 28.50
CA ARG B 44 6.13 31.27 28.37
C ARG B 44 6.57 30.50 29.62
N LEU B 45 7.81 30.69 30.04
CA LEU B 45 8.31 29.95 31.18
C LEU B 45 7.56 30.33 32.45
N VAL B 46 7.31 31.62 32.65
CA VAL B 46 6.62 32.06 33.85
C VAL B 46 5.20 31.52 33.87
N GLN B 47 4.56 31.42 32.70
CA GLN B 47 3.23 30.83 32.63
C GLN B 47 3.28 29.36 32.99
N THR B 48 4.28 28.63 32.48
CA THR B 48 4.38 27.22 32.82
C THR B 48 4.53 27.02 34.32
N GLN B 49 5.33 27.86 34.97
CA GLN B 49 5.45 27.73 36.42
C GLN B 49 4.20 28.20 37.14
N ARG B 50 3.54 29.22 36.63
CA ARG B 50 2.29 29.70 37.22
C ARG B 50 1.26 28.59 37.24
N LEU B 51 1.27 27.75 36.21
CA LEU B 51 0.35 26.61 36.22
C LEU B 51 0.54 25.77 37.46
N LYS B 52 1.79 25.39 37.76
CA LYS B 52 2.05 24.55 38.91
C LYS B 52 1.70 25.27 40.21
N ILE B 53 2.07 26.55 40.31
CA ILE B 53 1.79 27.29 41.54
C ILE B 53 0.28 27.36 41.77
N MET B 54 -0.47 27.68 40.73
CA MET B 54 -1.92 27.75 40.84
C MET B 54 -2.51 26.40 41.22
N GLU B 55 -2.05 25.32 40.60
CA GLU B 55 -2.58 24.02 40.93
C GLU B 55 -2.35 23.71 42.41
N TYR B 56 -1.13 23.95 42.89
CA TYR B 56 -0.81 23.66 44.27
C TYR B 56 -1.70 24.46 45.22
N TYR B 57 -1.74 25.77 45.04
CA TYR B 57 -2.44 26.58 46.02
C TYR B 57 -3.95 26.52 45.87
N GLU B 58 -4.46 26.15 44.69
CA GLU B 58 -5.89 25.88 44.59
C GLU B 58 -6.25 24.56 45.24
N LYS B 59 -5.37 23.56 45.17
CA LYS B 59 -5.60 22.36 45.96
C LYS B 59 -5.66 22.71 47.45
N LYS B 60 -4.73 23.54 47.92
CA LYS B 60 -4.77 23.94 49.31
C LYS B 60 -6.06 24.67 49.65
N GLU B 61 -6.45 25.63 48.82
CA GLU B 61 -7.69 26.36 49.09
C GLU B 61 -8.90 25.45 49.04
N LYS B 62 -8.88 24.43 48.18
CA LYS B 62 -9.98 23.50 48.14
C LYS B 62 -10.05 22.68 49.42
N GLN B 63 -8.89 22.30 49.97
CA GLN B 63 -8.91 21.66 51.27
C GLN B 63 -9.50 22.59 52.32
N ILE B 64 -9.15 23.87 52.29
CA ILE B 64 -9.69 24.81 53.27
C ILE B 64 -11.21 24.92 53.11
N GLU B 65 -11.69 25.00 51.88
CA GLU B 65 -13.13 25.06 51.65
C GLU B 65 -13.82 23.81 52.15
N GLN B 66 -13.21 22.65 51.92
CA GLN B 66 -13.80 21.41 52.41
C GLN B 66 -13.87 21.43 53.94
N GLN B 67 -12.82 21.94 54.59
CA GLN B 67 -12.86 22.05 56.05
C GLN B 67 -13.97 23.01 56.49
N LYS B 68 -14.11 24.14 55.81
CA LYS B 68 -15.20 25.04 56.15
C LYS B 68 -16.54 24.34 56.06
N LYS B 69 -16.77 23.63 54.95
CA LYS B 69 -18.05 22.96 54.76
C LYS B 69 -18.29 21.92 55.84
N ILE B 70 -17.27 21.12 56.15
CA ILE B 70 -17.46 20.07 57.15
C ILE B 70 -17.73 20.69 58.50
N GLN B 71 -17.07 21.80 58.82
CA GLN B 71 -17.34 22.44 60.10
C GLN B 71 -18.77 22.94 60.17
N MET B 72 -19.25 23.57 59.10
CA MET B 72 -20.63 24.06 59.13
C MET B 72 -21.61 22.92 59.26
N SER B 73 -21.38 21.83 58.51
CA SER B 73 -22.27 20.67 58.60
C SER B 73 -22.27 20.10 60.02
N ASN B 74 -21.09 20.00 60.63
CA ASN B 74 -21.03 19.48 61.99
C ASN B 74 -21.77 20.39 62.95
N LEU B 75 -21.66 21.70 62.77
CA LEU B 75 -22.37 22.60 63.68
C LEU B 75 -23.86 22.44 63.53
N MET B 76 -24.35 22.35 62.29
CA MET B 76 -25.77 22.09 62.08
C MET B 76 -26.19 20.77 62.72
N ASN B 77 -25.36 19.75 62.59
CA ASN B 77 -25.69 18.46 63.17
C ASN B 77 -25.81 18.57 64.68
N GLN B 78 -24.90 19.29 65.33
CA GLN B 78 -25.00 19.45 66.77
C GLN B 78 -26.26 20.22 67.15
N ALA B 79 -26.64 21.20 66.36
CA ALA B 79 -27.91 21.86 66.63
C ALA B 79 -29.06 20.85 66.61
N ARG B 80 -29.12 20.04 65.55
CA ARG B 80 -30.22 19.10 65.41
C ARG B 80 -30.25 18.11 66.57
N LEU B 81 -29.09 17.56 66.91
CA LEU B 81 -29.04 16.60 68.00
C LEU B 81 -29.39 17.26 69.33
N LYS B 82 -29.04 18.53 69.51
CA LYS B 82 -29.38 19.17 70.77
C LYS B 82 -30.88 19.36 70.90
N VAL B 83 -31.54 19.79 69.83
CA VAL B 83 -33.00 19.93 69.93
C VAL B 83 -33.65 18.56 70.14
N LEU B 84 -33.13 17.52 69.48
CA LEU B 84 -33.67 16.18 69.72
C LEU B 84 -33.49 15.77 71.17
N ARG B 85 -32.32 16.05 71.74
CA ARG B 85 -32.10 15.69 73.13
C ARG B 85 -33.04 16.46 74.04
N ALA B 86 -33.31 17.73 73.71
CA ALA B 86 -34.26 18.48 74.51
C ALA B 86 -35.63 17.83 74.47
N ARG B 87 -36.08 17.41 73.29
CA ARG B 87 -37.35 16.71 73.20
C ARG B 87 -37.34 15.44 74.03
N ASP B 88 -36.25 14.67 73.94
CA ASP B 88 -36.19 13.40 74.64
C ASP B 88 -36.23 13.61 76.14
N ASP B 89 -35.52 14.63 76.62
CA ASP B 89 -35.61 14.97 78.03
C ASP B 89 -37.03 15.36 78.40
N LEU B 90 -37.74 16.05 77.50
CA LEU B 90 -39.16 16.31 77.74
C LEU B 90 -39.93 15.02 77.97
N ILE B 91 -39.74 14.05 77.09
CA ILE B 91 -40.50 12.81 77.21
C ILE B 91 -40.17 12.14 78.54
N THR B 92 -38.90 12.16 78.93
CA THR B 92 -38.52 11.51 80.19
C THR B 92 -39.10 12.24 81.39
N ASP B 93 -39.13 13.57 81.35
CA ASP B 93 -39.82 14.31 82.41
C ASP B 93 -41.27 13.88 82.49
N LEU B 94 -41.91 13.72 81.33
CA LEU B 94 -43.30 13.29 81.35
C LEU B 94 -43.44 11.94 82.02
N LEU B 95 -42.61 10.97 81.63
CA LEU B 95 -42.70 9.64 82.22
C LEU B 95 -42.45 9.70 83.72
N ASN B 96 -41.51 10.53 84.15
CA ASN B 96 -41.23 10.64 85.57
C ASN B 96 -42.42 11.21 86.32
N GLU B 97 -43.08 12.21 85.74
CA GLU B 97 -44.30 12.70 86.34
C GLU B 97 -45.32 11.58 86.45
N ALA B 98 -45.38 10.74 85.42
CA ALA B 98 -46.34 9.63 85.45
C ALA B 98 -46.03 8.68 86.60
N LYS B 99 -44.76 8.30 86.75
CA LYS B 99 -44.39 7.38 87.81
C LYS B 99 -44.65 7.99 89.18
N GLN B 100 -44.37 9.29 89.33
CA GLN B 100 -44.67 9.95 90.59
C GLN B 100 -46.17 9.93 90.88
N ARG B 101 -46.98 10.19 89.85
CA ARG B 101 -48.43 10.18 90.05
C ARG B 101 -48.92 8.78 90.41
N LEU B 102 -48.38 7.76 89.75
CA LEU B 102 -48.73 6.39 90.10
C LEU B 102 -48.33 6.09 91.54
N SER B 103 -47.17 6.60 91.96
CA SER B 103 -46.77 6.43 93.35
C SER B 103 -47.77 7.09 94.28
N LYS B 104 -48.19 8.32 93.96
CA LYS B 104 -49.13 9.02 94.83
C LYS B 104 -50.45 8.27 94.92
N VAL B 105 -50.89 7.69 93.81
CA VAL B 105 -52.09 6.86 93.84
C VAL B 105 -51.87 5.63 94.71
N VAL B 106 -50.70 5.00 94.58
CA VAL B 106 -50.45 3.75 95.29
C VAL B 106 -50.72 3.87 96.78
N LYS B 107 -50.76 5.10 97.31
CA LYS B 107 -51.10 5.27 98.71
C LYS B 107 -52.59 5.14 98.95
N ASP B 108 -53.42 5.58 98.00
CA ASP B 108 -54.87 5.53 98.17
C ASP B 108 -55.29 4.08 98.33
N THR B 109 -55.72 3.71 99.53
CA THR B 109 -55.90 2.29 99.85
C THR B 109 -56.88 1.62 98.90
N THR B 110 -58.01 2.27 98.62
CA THR B 110 -59.02 1.65 97.75
C THR B 110 -58.45 1.39 96.37
N ARG B 111 -57.87 2.43 95.76
CA ARG B 111 -57.32 2.27 94.42
C ARG B 111 -56.19 1.25 94.43
N TYR B 112 -55.36 1.27 95.47
CA TYR B 112 -54.28 0.30 95.53
C TYR B 112 -54.83 -1.12 95.58
N GLN B 113 -55.86 -1.35 96.38
CA GLN B 113 -56.44 -2.68 96.47
C GLN B 113 -57.00 -3.10 95.12
N VAL B 114 -57.69 -2.21 94.43
CA VAL B 114 -58.25 -2.56 93.13
C VAL B 114 -57.14 -2.92 92.15
N LEU B 115 -56.13 -2.05 92.06
CA LEU B 115 -55.05 -2.30 91.09
C LEU B 115 -54.32 -3.60 91.41
N LEU B 116 -54.06 -3.86 92.69
CA LEU B 116 -53.43 -5.12 93.05
C LEU B 116 -54.32 -6.29 92.63
N ASP B 117 -55.63 -6.20 92.91
CA ASP B 117 -56.55 -7.24 92.47
C ASP B 117 -56.36 -7.50 90.99
N GLY B 118 -56.21 -6.43 90.21
CA GLY B 118 -55.86 -6.62 88.81
C GLY B 118 -54.49 -7.24 88.64
N LEU B 119 -53.47 -6.57 89.15
CA LEU B 119 -52.11 -6.98 88.90
C LEU B 119 -51.83 -8.29 89.62
N SER B 193 -43.49 -10.13 86.11
CA SER B 193 -43.03 -8.86 86.63
C SER B 193 -44.07 -7.78 86.40
N ASN B 194 -45.03 -7.67 87.29
CA ASN B 194 -46.09 -6.68 87.19
C ASN B 194 -45.99 -5.68 88.34
N THR B 195 -44.81 -5.11 88.52
CA THR B 195 -44.67 -3.91 89.32
C THR B 195 -45.00 -2.68 88.49
N LEU B 196 -45.66 -1.72 89.12
CA LEU B 196 -46.20 -0.58 88.37
C LEU B 196 -45.15 0.01 87.45
N GLU B 197 -43.90 0.01 87.86
CA GLU B 197 -42.85 0.54 86.99
C GLU B 197 -42.76 -0.27 85.71
N SER B 198 -42.82 -1.60 85.83
CA SER B 198 -42.75 -2.44 84.64
C SER B 198 -43.94 -2.16 83.72
N ARG B 199 -45.13 -2.07 84.28
CA ARG B 199 -46.28 -1.72 83.45
C ARG B 199 -46.06 -0.38 82.78
N LEU B 200 -45.52 0.59 83.50
CA LEU B 200 -45.40 1.93 82.93
C LEU B 200 -44.44 1.94 81.77
N ASP B 201 -43.30 1.28 81.93
CA ASP B 201 -42.36 1.23 80.83
C ASP B 201 -42.95 0.47 79.65
N LEU B 202 -43.63 -0.64 79.92
CA LEU B 202 -44.21 -1.42 78.82
C LEU B 202 -45.28 -0.60 78.07
N ILE B 203 -46.18 0.04 78.81
CA ILE B 203 -47.25 0.81 78.18
C ILE B 203 -46.66 1.99 77.43
N ALA B 204 -45.67 2.66 78.00
CA ALA B 204 -45.10 3.84 77.37
C ALA B 204 -44.40 3.48 76.06
N GLN B 205 -43.61 2.40 76.07
CA GLN B 205 -42.85 2.07 74.87
C GLN B 205 -43.78 1.72 73.73
N GLN B 206 -45.06 1.49 74.01
CA GLN B 206 -46.01 1.28 72.93
C GLN B 206 -46.78 2.55 72.61
N MET B 207 -47.11 3.35 73.61
CA MET B 207 -47.89 4.55 73.37
C MET B 207 -47.08 5.68 72.75
N MET B 208 -45.76 5.55 72.68
CA MET B 208 -44.96 6.69 72.24
C MET B 208 -45.51 7.36 71.00
N PRO B 209 -45.92 6.67 69.95
CA PRO B 209 -46.48 7.39 68.81
C PRO B 209 -47.62 8.32 69.19
N GLU B 210 -48.59 7.89 69.98
CA GLU B 210 -49.62 8.83 70.41
C GLU B 210 -49.06 9.92 71.30
N VAL B 211 -48.12 9.60 72.18
CA VAL B 211 -47.59 10.67 73.03
C VAL B 211 -46.93 11.73 72.17
N ARG B 212 -46.16 11.33 71.16
CA ARG B 212 -45.55 12.31 70.28
C ARG B 212 -46.62 13.09 69.55
N GLY B 213 -47.60 12.40 68.99
CA GLY B 213 -48.66 13.11 68.30
C GLY B 213 -49.34 14.13 69.18
N ALA B 214 -49.42 13.86 70.48
CA ALA B 214 -50.21 14.71 71.36
C ALA B 214 -49.36 15.76 72.05
N LEU B 215 -48.03 15.62 72.02
CA LEU B 215 -47.17 16.61 72.67
C LEU B 215 -46.55 17.59 71.68
N PHE B 216 -46.22 17.15 70.46
CA PHE B 216 -45.50 18.01 69.53
C PHE B 216 -46.15 18.09 68.16
N GLY B 217 -47.44 17.81 68.08
CA GLY B 217 -48.13 17.86 66.80
C GLY B 217 -47.66 16.75 65.89
N ALA B 218 -48.55 16.24 65.05
CA ALA B 218 -48.16 15.20 64.12
C ALA B 218 -47.10 15.73 63.15
N ASN B 219 -46.56 14.83 62.35
CA ASN B 219 -45.63 15.22 61.30
C ASN B 219 -46.44 15.50 60.04
N ALA B 220 -46.45 16.76 59.60
CA ALA B 220 -47.28 17.13 58.47
C ALA B 220 -46.91 16.37 57.20
N ASN B 221 -45.70 15.84 57.11
CA ASN B 221 -45.30 15.14 55.90
C ASN B 221 -45.90 13.75 55.80
N ARG B 222 -46.39 13.17 56.90
CA ARG B 222 -46.89 11.81 56.88
C ARG B 222 -48.20 11.72 56.11
N SER C 4 -20.11 0.52 -67.06
CA SER C 4 -21.23 0.98 -67.89
C SER C 4 -22.56 0.54 -67.30
N ASP C 5 -23.64 0.94 -67.96
CA ASP C 5 -24.97 0.55 -67.48
C ASP C 5 -25.04 -0.96 -67.28
N ALA C 6 -24.42 -1.71 -68.19
CA ALA C 6 -24.28 -3.14 -67.97
C ALA C 6 -23.50 -3.41 -66.69
N ASP C 7 -22.46 -2.62 -66.42
CA ASP C 7 -21.72 -2.80 -65.18
C ASP C 7 -22.61 -2.55 -63.97
N VAL C 8 -23.40 -1.49 -64.02
CA VAL C 8 -24.28 -1.17 -62.90
C VAL C 8 -25.27 -2.31 -62.67
N GLN C 9 -25.87 -2.81 -63.75
CA GLN C 9 -26.83 -3.89 -63.61
C GLN C 9 -26.16 -5.14 -63.06
N LYS C 10 -24.95 -5.45 -63.53
CA LYS C 10 -24.27 -6.66 -63.07
C LYS C 10 -23.99 -6.58 -61.58
N GLN C 11 -23.41 -5.46 -61.12
CA GLN C 11 -23.15 -5.32 -59.69
C GLN C 11 -24.45 -5.36 -58.89
N ILE C 12 -25.49 -4.70 -59.39
CA ILE C 12 -26.78 -4.72 -58.70
C ILE C 12 -27.24 -6.17 -58.52
N LYS C 13 -27.20 -6.94 -59.60
CA LYS C 13 -27.67 -8.32 -59.53
C LYS C 13 -26.82 -9.13 -58.56
N HIS C 14 -25.50 -8.93 -58.56
CA HIS C 14 -24.65 -9.72 -57.68
C HIS C 14 -24.97 -9.44 -56.22
N MET C 15 -24.95 -8.17 -55.82
CA MET C 15 -25.26 -7.90 -54.42
C MET C 15 -26.67 -8.35 -54.07
N MET C 16 -27.63 -8.16 -54.97
CA MET C 16 -28.99 -8.62 -54.72
C MET C 16 -28.98 -10.11 -54.41
N ALA C 17 -28.36 -10.90 -55.29
CA ALA C 17 -28.39 -12.33 -55.13
C ALA C 17 -27.76 -12.73 -53.81
N PHE C 18 -26.63 -12.11 -53.46
CA PHE C 18 -25.93 -12.58 -52.28
C PHE C 18 -26.65 -12.15 -51.01
N ILE C 19 -27.25 -10.97 -51.00
CA ILE C 19 -28.01 -10.57 -49.82
C ILE C 19 -29.22 -11.48 -49.65
N GLU C 20 -29.92 -11.79 -50.74
CA GLU C 20 -31.07 -12.68 -50.64
C GLU C 20 -30.65 -14.07 -50.17
N GLN C 21 -29.54 -14.59 -50.69
CA GLN C 21 -29.11 -15.92 -50.28
C GLN C 21 -28.64 -15.93 -48.85
N GLU C 22 -28.02 -14.86 -48.38
CA GLU C 22 -27.70 -14.78 -46.96
C GLU C 22 -28.97 -14.83 -46.13
N ALA C 23 -30.00 -14.11 -46.58
CA ALA C 23 -31.27 -14.15 -45.85
C ALA C 23 -31.85 -15.56 -45.82
N ASN C 24 -31.86 -16.24 -46.95
CA ASN C 24 -32.40 -17.60 -46.99
C ASN C 24 -31.59 -18.53 -46.10
N GLU C 25 -30.26 -18.39 -46.10
CA GLU C 25 -29.44 -19.25 -45.27
C GLU C 25 -29.77 -19.01 -43.80
N LYS C 26 -29.93 -17.75 -43.40
CA LYS C 26 -30.34 -17.48 -42.04
C LYS C 26 -31.69 -18.11 -41.75
N ALA C 27 -32.62 -18.03 -42.71
CA ALA C 27 -33.95 -18.58 -42.48
C ALA C 27 -33.89 -20.08 -42.27
N GLU C 28 -33.11 -20.78 -43.10
CA GLU C 28 -32.99 -22.23 -42.94
C GLU C 28 -32.34 -22.58 -41.62
N GLU C 29 -31.29 -21.85 -41.24
CA GLU C 29 -30.66 -22.12 -39.94
C GLU C 29 -31.65 -21.90 -38.82
N ILE C 30 -32.44 -20.83 -38.91
CA ILE C 30 -33.46 -20.56 -37.89
C ILE C 30 -34.45 -21.71 -37.83
N ASP C 31 -34.89 -22.20 -38.99
CA ASP C 31 -35.88 -23.27 -38.99
C ASP C 31 -35.32 -24.54 -38.33
N ALA C 32 -34.06 -24.88 -38.65
CA ALA C 32 -33.46 -26.06 -38.06
C ALA C 32 -33.32 -25.91 -36.55
N LYS C 33 -32.78 -24.77 -36.10
CA LYS C 33 -32.65 -24.55 -34.67
C LYS C 33 -34.03 -24.49 -34.02
N ALA C 34 -35.06 -24.10 -34.77
CA ALA C 34 -36.40 -24.07 -34.22
C ALA C 34 -36.92 -25.47 -33.99
N GLU C 35 -36.68 -26.38 -34.93
CA GLU C 35 -37.05 -27.77 -34.69
C GLU C 35 -36.30 -28.31 -33.48
N GLU C 36 -35.02 -27.98 -33.37
CA GLU C 36 -34.26 -28.41 -32.19
C GLU C 36 -34.90 -27.89 -30.91
N GLU C 37 -35.27 -26.61 -30.90
CA GLU C 37 -35.90 -26.02 -29.72
C GLU C 37 -37.24 -26.68 -29.43
N PHE C 38 -38.02 -26.95 -30.46
CA PHE C 38 -39.27 -27.68 -30.30
C PHE C 38 -39.03 -28.99 -29.55
N ASN C 39 -38.06 -29.77 -30.02
CA ASN C 39 -37.78 -31.05 -29.39
C ASN C 39 -37.34 -30.87 -27.94
N ILE C 40 -36.35 -30.01 -27.71
CA ILE C 40 -35.80 -29.90 -26.36
C ILE C 40 -36.82 -29.31 -25.40
N GLU C 41 -37.71 -28.44 -25.88
CA GLU C 41 -38.72 -27.88 -25.00
C GLU C 41 -39.77 -28.92 -24.64
N LYS C 42 -40.22 -29.72 -25.61
CA LYS C 42 -41.05 -30.85 -25.25
C LYS C 42 -40.36 -31.67 -24.18
N GLY C 43 -39.10 -32.02 -24.41
CA GLY C 43 -38.36 -32.84 -23.46
C GLY C 43 -38.34 -32.22 -22.08
N ARG C 44 -37.92 -30.97 -21.97
CA ARG C 44 -37.80 -30.31 -20.68
C ARG C 44 -39.14 -30.29 -19.95
N LEU C 45 -40.16 -29.75 -20.60
CA LEU C 45 -41.44 -29.55 -19.92
C LEU C 45 -42.08 -30.87 -19.55
N VAL C 46 -42.09 -31.82 -20.48
CA VAL C 46 -42.67 -33.14 -20.20
C VAL C 46 -41.89 -33.81 -19.07
N GLN C 47 -40.56 -33.78 -19.12
CA GLN C 47 -39.78 -34.43 -18.08
C GLN C 47 -40.11 -33.85 -16.72
N THR C 48 -40.10 -32.51 -16.60
CA THR C 48 -40.32 -31.90 -15.30
C THR C 48 -41.73 -32.17 -14.78
N GLN C 49 -42.75 -31.94 -15.61
CA GLN C 49 -44.11 -32.13 -15.16
C GLN C 49 -44.40 -33.59 -14.85
N ARG C 50 -43.89 -34.50 -15.69
CA ARG C 50 -44.06 -35.92 -15.43
C ARG C 50 -43.38 -36.31 -14.12
N LEU C 51 -42.19 -35.77 -13.87
CA LEU C 51 -41.49 -36.07 -12.62
C LEU C 51 -42.33 -35.64 -11.43
N LYS C 52 -42.86 -34.41 -11.47
CA LYS C 52 -43.67 -33.94 -10.35
C LYS C 52 -44.93 -34.76 -10.19
N ILE C 53 -45.59 -35.12 -11.29
CA ILE C 53 -46.81 -35.91 -11.21
C ILE C 53 -46.52 -37.30 -10.66
N MET C 54 -45.42 -37.91 -11.11
CA MET C 54 -45.03 -39.20 -10.55
C MET C 54 -44.75 -39.10 -9.07
N GLU C 55 -44.05 -38.05 -8.65
CA GLU C 55 -43.80 -37.87 -7.22
C GLU C 55 -45.11 -37.78 -6.46
N TYR C 56 -46.05 -36.99 -6.95
CA TYR C 56 -47.31 -36.80 -6.26
C TYR C 56 -48.08 -38.11 -6.14
N TYR C 57 -48.26 -38.81 -7.27
CA TYR C 57 -49.00 -40.06 -7.24
C TYR C 57 -48.31 -41.09 -6.36
N GLU C 58 -46.98 -41.19 -6.45
CA GLU C 58 -46.28 -42.18 -5.65
C GLU C 58 -46.38 -41.86 -4.17
N LYS C 59 -46.30 -40.58 -3.81
CA LYS C 59 -46.43 -40.22 -2.41
C LYS C 59 -47.82 -40.57 -1.89
N LYS C 60 -48.84 -40.27 -2.68
CA LYS C 60 -50.20 -40.63 -2.25
C LYS C 60 -50.36 -42.14 -2.16
N GLU C 61 -49.73 -42.89 -3.06
CA GLU C 61 -49.79 -44.35 -3.00
C GLU C 61 -49.10 -44.87 -1.74
N LYS C 62 -47.95 -44.30 -1.39
CA LYS C 62 -47.27 -44.72 -0.18
C LYS C 62 -48.13 -44.41 1.04
N GLN C 63 -48.79 -43.25 1.04
CA GLN C 63 -49.67 -42.94 2.15
C GLN C 63 -50.83 -43.93 2.21
N ILE C 64 -51.36 -44.31 1.04
CA ILE C 64 -52.47 -45.26 1.02
C ILE C 64 -52.02 -46.61 1.57
N GLU C 65 -50.82 -47.05 1.19
CA GLU C 65 -50.33 -48.33 1.69
C GLU C 65 -50.10 -48.28 3.20
N GLN C 66 -49.57 -47.16 3.69
CA GLN C 66 -49.41 -47.00 5.13
C GLN C 66 -50.76 -47.04 5.83
N GLN C 67 -51.76 -46.39 5.24
CA GLN C 67 -53.09 -46.40 5.83
C GLN C 67 -53.67 -47.81 5.84
N LYS C 68 -53.46 -48.57 4.77
CA LYS C 68 -53.93 -49.95 4.74
C LYS C 68 -53.23 -50.78 5.81
N LYS C 69 -51.92 -50.60 5.96
CA LYS C 69 -51.20 -51.34 6.99
C LYS C 69 -51.73 -51.01 8.38
N ILE C 70 -51.93 -49.72 8.66
CA ILE C 70 -52.43 -49.34 9.98
C ILE C 70 -53.83 -49.86 10.19
N GLN C 71 -54.66 -49.81 9.15
CA GLN C 71 -56.03 -50.30 9.27
C GLN C 71 -56.03 -51.79 9.57
N MET C 72 -55.18 -52.56 8.88
CA MET C 72 -55.06 -53.98 9.16
C MET C 72 -54.57 -54.24 10.58
N SER C 73 -53.55 -53.49 11.01
CA SER C 73 -53.04 -53.67 12.35
C SER C 73 -54.12 -53.43 13.38
N ASN C 74 -54.87 -52.33 13.22
CA ASN C 74 -55.96 -52.07 14.15
C ASN C 74 -57.01 -53.17 14.10
N LEU C 75 -57.35 -53.64 12.91
CA LEU C 75 -58.40 -54.65 12.83
C LEU C 75 -57.98 -55.92 13.55
N MET C 76 -56.74 -56.36 13.34
CA MET C 76 -56.30 -57.57 14.02
C MET C 76 -56.21 -57.35 15.53
N ASN C 77 -55.75 -56.17 15.95
CA ASN C 77 -55.65 -55.91 17.38
C ASN C 77 -57.04 -55.94 18.02
N GLN C 78 -58.03 -55.36 17.34
CA GLN C 78 -59.38 -55.38 17.87
C GLN C 78 -59.94 -56.78 17.91
N ALA C 79 -59.64 -57.60 16.90
CA ALA C 79 -60.07 -58.99 16.96
C ALA C 79 -59.46 -59.67 18.18
N ARG C 80 -58.18 -59.47 18.42
CA ARG C 80 -57.52 -60.09 19.56
C ARG C 80 -58.17 -59.66 20.86
N LEU C 81 -58.33 -58.35 21.05
CA LEU C 81 -58.93 -57.88 22.28
C LEU C 81 -60.37 -58.36 22.41
N LYS C 82 -61.09 -58.51 21.30
CA LYS C 82 -62.47 -58.95 21.41
C LYS C 82 -62.53 -60.41 21.87
N VAL C 83 -61.64 -61.24 21.35
CA VAL C 83 -61.63 -62.62 21.83
C VAL C 83 -61.22 -62.68 23.29
N LEU C 84 -60.27 -61.83 23.71
CA LEU C 84 -59.94 -61.79 25.13
C LEU C 84 -61.13 -61.37 25.98
N ARG C 85 -61.89 -60.36 25.53
CA ARG C 85 -63.03 -59.93 26.31
C ARG C 85 -64.10 -61.00 26.37
N ALA C 86 -64.28 -61.75 25.28
CA ALA C 86 -65.21 -62.87 25.34
C ALA C 86 -64.75 -63.89 26.35
N ARG C 87 -63.46 -64.19 26.37
CA ARG C 87 -62.93 -65.14 27.35
C ARG C 87 -63.17 -64.65 28.77
N ASP C 88 -62.87 -63.37 29.01
CA ASP C 88 -63.06 -62.80 30.34
C ASP C 88 -64.51 -62.84 30.76
N ASP C 89 -65.42 -62.54 29.83
CA ASP C 89 -66.84 -62.60 30.15
C ASP C 89 -67.24 -64.01 30.54
N LEU C 90 -66.71 -65.01 29.82
CA LEU C 90 -67.01 -66.39 30.16
C LEU C 90 -66.55 -66.73 31.56
N ILE C 91 -65.33 -66.34 31.92
CA ILE C 91 -64.80 -66.68 33.24
C ILE C 91 -65.58 -65.95 34.33
N THR C 92 -65.92 -64.68 34.09
CA THR C 92 -66.71 -63.96 35.07
C THR C 92 -68.07 -64.59 35.24
N ASP C 93 -68.70 -65.04 34.16
CA ASP C 93 -69.95 -65.78 34.29
C ASP C 93 -69.75 -66.99 35.19
N LEU C 94 -68.63 -67.69 35.03
CA LEU C 94 -68.34 -68.79 35.95
C LEU C 94 -68.31 -68.31 37.39
N LEU C 95 -67.63 -67.20 37.65
CA LEU C 95 -67.55 -66.70 39.03
C LEU C 95 -68.92 -66.36 39.58
N ASN C 96 -69.78 -65.71 38.79
CA ASN C 96 -71.10 -65.38 39.32
C ASN C 96 -71.91 -66.64 39.55
N GLU C 97 -71.71 -67.66 38.72
CA GLU C 97 -72.34 -68.95 39.00
C GLU C 97 -71.89 -69.48 40.35
N ALA C 98 -70.60 -69.36 40.63
CA ALA C 98 -70.10 -69.81 41.93
C ALA C 98 -70.73 -69.01 43.05
N LYS C 99 -70.86 -67.70 42.87
CA LYS C 99 -71.46 -66.86 43.91
C LYS C 99 -72.89 -67.26 44.19
N GLN C 100 -73.67 -67.50 43.13
CA GLN C 100 -75.03 -67.98 43.33
C GLN C 100 -75.03 -69.32 44.04
N ARG C 101 -74.06 -70.19 43.71
CA ARG C 101 -73.97 -71.47 44.40
C ARG C 101 -73.74 -71.27 45.89
N LEU C 102 -72.85 -70.36 46.24
CA LEU C 102 -72.60 -70.06 47.65
C LEU C 102 -73.87 -69.55 48.32
N SER C 103 -74.57 -68.64 47.66
CA SER C 103 -75.81 -68.10 48.21
C SER C 103 -76.85 -69.19 48.37
N LYS C 104 -76.78 -70.23 47.53
CA LYS C 104 -77.68 -71.38 47.72
C LYS C 104 -77.28 -72.17 48.95
N VAL C 105 -75.99 -72.49 49.09
CA VAL C 105 -75.58 -73.38 50.16
C VAL C 105 -75.81 -72.73 51.52
N VAL C 106 -75.62 -71.40 51.61
CA VAL C 106 -75.81 -70.74 52.90
C VAL C 106 -77.22 -71.01 53.42
N LYS C 107 -78.16 -71.28 52.51
CA LYS C 107 -79.53 -71.56 52.95
C LYS C 107 -79.62 -72.90 53.68
N ASP C 108 -78.75 -73.84 53.34
CA ASP C 108 -78.72 -75.14 54.02
C ASP C 108 -78.12 -74.93 55.41
N THR C 109 -78.99 -74.90 56.42
CA THR C 109 -78.53 -74.60 57.77
C THR C 109 -77.49 -75.61 58.24
N THR C 110 -77.70 -76.89 57.93
CA THR C 110 -76.77 -77.91 58.39
C THR C 110 -75.35 -77.62 57.89
N ARG C 111 -75.20 -77.34 56.60
CA ARG C 111 -73.87 -77.06 56.07
C ARG C 111 -73.38 -75.69 56.48
N TYR C 112 -74.27 -74.69 56.49
CA TYR C 112 -73.81 -73.35 56.80
C TYR C 112 -73.31 -73.24 58.22
N GLN C 113 -73.86 -74.03 59.15
CA GLN C 113 -73.40 -73.98 60.53
C GLN C 113 -71.93 -74.39 60.61
N VAL C 114 -71.59 -75.53 60.00
CA VAL C 114 -70.21 -75.98 60.02
C VAL C 114 -69.32 -74.98 59.31
N LEU C 115 -69.76 -74.49 58.15
CA LEU C 115 -68.95 -73.55 57.40
C LEU C 115 -68.67 -72.28 58.19
N LEU C 116 -69.69 -71.78 58.88
CA LEU C 116 -69.53 -70.56 59.66
C LEU C 116 -68.63 -70.80 60.87
N ASP C 117 -68.82 -71.92 61.57
CA ASP C 117 -67.89 -72.26 62.64
C ASP C 117 -66.47 -72.21 62.10
N GLY C 118 -66.25 -72.81 60.94
CA GLY C 118 -64.92 -72.81 60.36
C GLY C 118 -64.40 -71.41 60.12
N LEU C 119 -65.17 -70.60 59.39
CA LEU C 119 -64.68 -69.27 59.06
C LEU C 119 -64.35 -68.50 60.33
N VAL C 120 -65.25 -68.50 61.30
CA VAL C 120 -65.01 -67.77 62.52
C VAL C 120 -63.72 -68.26 63.16
N LEU C 121 -63.53 -69.58 63.20
CA LEU C 121 -62.32 -70.11 63.81
C LEU C 121 -61.09 -69.75 62.99
N GLN C 122 -61.28 -69.41 61.72
CA GLN C 122 -60.16 -68.95 60.90
C GLN C 122 -59.94 -67.46 61.10
N SER C 193 -61.65 -60.06 57.16
CA SER C 193 -62.83 -60.06 56.31
C SER C 193 -63.05 -61.45 55.74
N ASN C 194 -63.67 -62.32 56.53
CA ASN C 194 -63.94 -63.70 56.12
C ASN C 194 -65.31 -63.85 55.51
N THR C 195 -65.78 -62.88 54.74
CA THR C 195 -67.04 -63.06 54.03
C THR C 195 -66.83 -63.93 52.80
N LEU C 196 -67.82 -64.77 52.52
CA LEU C 196 -67.73 -65.64 51.36
C LEU C 196 -67.45 -64.84 50.10
N GLU C 197 -68.07 -63.66 49.99
CA GLU C 197 -67.82 -62.79 48.84
C GLU C 197 -66.34 -62.44 48.76
N SER C 198 -65.61 -62.59 49.86
CA SER C 198 -64.18 -62.36 49.88
C SER C 198 -63.37 -63.63 49.68
N ARG C 199 -63.77 -64.72 50.36
CA ARG C 199 -63.03 -65.96 50.24
C ARG C 199 -63.08 -66.49 48.81
N LEU C 200 -64.24 -66.40 48.17
CA LEU C 200 -64.35 -66.85 46.80
C LEU C 200 -63.38 -66.09 45.91
N ASP C 201 -63.33 -64.77 46.07
CA ASP C 201 -62.40 -63.97 45.31
C ASP C 201 -60.97 -64.42 45.56
N LEU C 202 -60.62 -64.63 46.83
CA LEU C 202 -59.25 -64.97 47.17
C LEU C 202 -58.83 -66.29 46.53
N ILE C 203 -59.69 -67.30 46.61
CA ILE C 203 -59.34 -68.60 46.05
C ILE C 203 -59.31 -68.52 44.54
N ALA C 204 -60.27 -67.83 43.93
CA ALA C 204 -60.31 -67.81 42.47
C ALA C 204 -59.10 -67.09 41.90
N GLN C 205 -58.70 -65.97 42.48
CA GLN C 205 -57.55 -65.26 41.94
C GLN C 205 -56.28 -66.09 42.04
N GLN C 206 -56.24 -67.03 42.99
CA GLN C 206 -55.10 -67.93 43.09
C GLN C 206 -55.23 -69.10 42.12
N MET C 207 -56.46 -69.52 41.84
CA MET C 207 -56.70 -70.68 40.98
C MET C 207 -56.70 -70.32 39.51
N MET C 208 -56.73 -69.05 39.16
CA MET C 208 -56.88 -68.65 37.76
C MET C 208 -56.15 -69.56 36.79
N PRO C 209 -54.86 -69.88 36.97
CA PRO C 209 -54.23 -70.77 35.99
C PRO C 209 -54.94 -72.09 35.81
N GLU C 210 -55.41 -72.71 36.90
CA GLU C 210 -56.07 -73.99 36.74
C GLU C 210 -57.41 -73.85 36.02
N VAL C 211 -58.16 -72.79 36.32
CA VAL C 211 -59.45 -72.60 35.64
C VAL C 211 -59.23 -72.29 34.16
N ARG C 212 -58.26 -71.44 33.83
CA ARG C 212 -57.92 -71.22 32.42
C ARG C 212 -57.59 -72.53 31.74
N GLY C 213 -56.70 -73.32 32.33
CA GLY C 213 -56.35 -74.58 31.72
C GLY C 213 -57.53 -75.51 31.56
N ALA C 214 -58.47 -75.48 32.50
CA ALA C 214 -59.55 -76.46 32.50
C ALA C 214 -60.67 -76.06 31.55
N LEU C 215 -60.93 -74.76 31.40
CA LEU C 215 -62.06 -74.34 30.57
C LEU C 215 -61.67 -74.25 29.09
N PHE C 216 -60.49 -73.72 28.80
CA PHE C 216 -60.13 -73.37 27.42
C PHE C 216 -58.96 -74.19 26.90
N GLY C 217 -58.70 -75.35 27.49
CA GLY C 217 -57.64 -76.22 27.04
C GLY C 217 -56.27 -75.64 27.30
N ALA C 218 -55.30 -76.49 27.56
CA ALA C 218 -53.97 -76.03 27.89
C ALA C 218 -53.36 -75.24 26.74
N ASN C 219 -52.16 -74.73 26.95
CA ASN C 219 -51.38 -74.08 25.91
C ASN C 219 -50.29 -75.03 25.43
N ALA C 220 -50.25 -75.25 24.12
CA ALA C 220 -49.25 -76.18 23.58
C ALA C 220 -47.86 -75.58 23.61
N ASN C 221 -47.75 -74.26 23.43
CA ASN C 221 -46.44 -73.63 23.30
C ASN C 221 -45.66 -73.58 24.60
N ARG C 222 -46.29 -73.84 25.75
CA ARG C 222 -45.58 -73.77 27.02
C ARG C 222 -44.82 -75.06 27.27
N LEU D 3 73.06 -52.51 -31.55
CA LEU D 3 72.45 -53.09 -30.34
C LEU D 3 72.83 -54.56 -30.20
N SER D 4 72.67 -55.10 -28.99
CA SER D 4 73.01 -56.48 -28.73
C SER D 4 72.19 -56.98 -27.54
N ASP D 5 72.13 -58.31 -27.40
CA ASP D 5 71.37 -58.90 -26.32
C ASP D 5 72.00 -58.65 -24.96
N ALA D 6 73.33 -58.63 -24.90
CA ALA D 6 74.01 -58.47 -23.60
C ALA D 6 73.69 -57.12 -22.97
N ASP D 7 73.90 -56.03 -23.72
CA ASP D 7 73.63 -54.70 -23.17
C ASP D 7 72.14 -54.51 -22.88
N VAL D 8 71.27 -54.98 -23.76
CA VAL D 8 69.84 -54.87 -23.54
C VAL D 8 69.42 -55.63 -22.29
N GLN D 9 70.11 -56.74 -21.99
CA GLN D 9 69.88 -57.41 -20.72
C GLN D 9 70.15 -56.46 -19.56
N LYS D 10 70.98 -55.44 -19.77
CA LYS D 10 71.25 -54.48 -18.72
C LYS D 10 69.99 -53.72 -18.33
N GLN D 11 69.31 -53.12 -19.31
CA GLN D 11 68.07 -52.41 -19.00
C GLN D 11 66.97 -53.39 -18.57
N ILE D 12 66.96 -54.59 -19.16
CA ILE D 12 65.98 -55.59 -18.74
C ILE D 12 66.16 -55.91 -17.26
N LYS D 13 67.41 -56.12 -16.84
CA LYS D 13 67.68 -56.42 -15.44
C LYS D 13 67.45 -55.22 -14.55
N HIS D 14 67.66 -54.00 -15.04
CA HIS D 14 67.31 -52.84 -14.25
C HIS D 14 65.80 -52.79 -13.98
N MET D 15 65.00 -53.08 -15.00
CA MET D 15 63.55 -53.16 -14.79
C MET D 15 63.20 -54.31 -13.83
N MET D 16 63.85 -55.46 -14.01
CA MET D 16 63.59 -56.60 -13.13
C MET D 16 63.98 -56.28 -11.70
N ALA D 17 65.03 -55.49 -11.52
CA ALA D 17 65.41 -55.05 -10.18
C ALA D 17 64.40 -54.06 -9.64
N PHE D 18 63.82 -53.23 -10.50
CA PHE D 18 62.71 -52.38 -10.05
C PHE D 18 61.60 -53.25 -9.49
N ILE D 19 61.24 -54.30 -10.22
CA ILE D 19 60.16 -55.18 -9.78
C ILE D 19 60.55 -55.88 -8.48
N GLU D 20 61.78 -56.39 -8.40
CA GLU D 20 62.21 -57.12 -7.21
C GLU D 20 62.31 -56.19 -6.01
N GLN D 21 62.67 -54.93 -6.23
CA GLN D 21 62.71 -53.97 -5.13
C GLN D 21 61.31 -53.62 -4.66
N GLU D 22 60.36 -53.50 -5.59
CA GLU D 22 58.97 -53.30 -5.19
C GLU D 22 58.48 -54.50 -4.37
N ALA D 23 58.84 -55.71 -4.81
CA ALA D 23 58.45 -56.91 -4.08
C ALA D 23 59.10 -56.94 -2.69
N ASN D 24 60.37 -56.54 -2.60
CA ASN D 24 61.02 -56.47 -1.31
C ASN D 24 60.35 -55.43 -0.42
N GLU D 25 59.91 -54.31 -0.99
CA GLU D 25 59.19 -53.32 -0.20
C GLU D 25 57.89 -53.91 0.34
N LYS D 26 57.19 -54.67 -0.50
CA LYS D 26 55.98 -55.35 -0.03
C LYS D 26 56.30 -56.36 1.08
N ALA D 27 57.39 -57.11 0.93
CA ALA D 27 57.76 -58.09 1.94
C ALA D 27 58.13 -57.43 3.26
N GLU D 28 58.87 -56.32 3.20
CA GLU D 28 59.15 -55.56 4.40
C GLU D 28 57.88 -54.99 5.00
N GLU D 29 56.91 -54.63 4.16
CA GLU D 29 55.61 -54.22 4.68
C GLU D 29 54.95 -55.37 5.43
N ILE D 30 55.06 -56.58 4.89
CA ILE D 30 54.48 -57.74 5.55
C ILE D 30 55.15 -57.98 6.89
N ASP D 31 56.47 -57.86 6.94
CA ASP D 31 57.19 -58.05 8.20
C ASP D 31 56.84 -56.94 9.20
N ALA D 32 56.72 -55.70 8.71
CA ALA D 32 56.31 -54.61 9.58
C ALA D 32 54.91 -54.83 10.12
N LYS D 33 54.03 -55.42 9.32
CA LYS D 33 52.73 -55.84 9.83
C LYS D 33 52.92 -56.89 10.93
N ALA D 34 53.68 -57.94 10.64
CA ALA D 34 53.88 -59.03 11.60
C ALA D 34 54.54 -58.57 12.88
N GLU D 35 55.18 -57.40 12.87
CA GLU D 35 55.71 -56.84 14.11
C GLU D 35 54.69 -55.90 14.76
N GLU D 36 54.38 -54.78 14.09
CA GLU D 36 53.54 -53.76 14.70
C GLU D 36 52.11 -54.23 14.86
N GLU D 37 51.46 -54.63 13.76
CA GLU D 37 50.06 -55.04 13.84
C GLU D 37 49.91 -56.33 14.62
N PHE D 38 50.88 -57.25 14.51
CA PHE D 38 50.82 -58.48 15.28
C PHE D 38 50.91 -58.18 16.77
N ASN D 39 51.84 -57.30 17.16
CA ASN D 39 51.94 -56.91 18.56
C ASN D 39 50.66 -56.20 19.02
N ILE D 40 50.10 -55.35 18.17
CA ILE D 40 48.89 -54.62 18.55
C ILE D 40 47.73 -55.60 18.74
N GLU D 41 47.58 -56.57 17.84
CA GLU D 41 46.50 -57.54 17.96
C GLU D 41 46.69 -58.42 19.19
N LYS D 42 47.92 -58.92 19.40
CA LYS D 42 48.17 -59.73 20.58
C LYS D 42 47.94 -58.94 21.85
N GLY D 43 48.35 -57.67 21.85
CA GLY D 43 48.14 -56.83 23.03
C GLY D 43 46.68 -56.52 23.27
N ARG D 44 45.91 -56.30 22.20
CA ARG D 44 44.48 -56.11 22.37
C ARG D 44 43.83 -57.36 22.93
N LEU D 45 44.21 -58.53 22.42
CA LEU D 45 43.67 -59.78 22.95
C LEU D 45 44.07 -59.95 24.42
N VAL D 46 45.33 -59.65 24.75
CA VAL D 46 45.81 -59.80 26.11
C VAL D 46 45.08 -58.84 27.04
N GLN D 47 44.90 -57.59 26.62
CA GLN D 47 44.19 -56.63 27.43
C GLN D 47 42.75 -57.06 27.64
N THR D 48 42.09 -57.55 26.59
CA THR D 48 40.71 -58.01 26.73
C THR D 48 40.62 -59.19 27.68
N GLN D 49 41.47 -60.19 27.48
CA GLN D 49 41.42 -61.39 28.33
C GLN D 49 41.74 -61.04 29.77
N ARG D 50 42.79 -60.26 29.99
CA ARG D 50 43.16 -59.88 31.34
C ARG D 50 42.07 -59.05 31.99
N LEU D 51 41.49 -58.09 31.26
CA LEU D 51 40.46 -57.25 31.84
C LEU D 51 39.24 -58.08 32.24
N LYS D 52 38.77 -58.94 31.34
CA LYS D 52 37.62 -59.76 31.67
C LYS D 52 37.94 -60.68 32.84
N ILE D 53 39.12 -61.31 32.82
CA ILE D 53 39.45 -62.28 33.87
C ILE D 53 39.61 -61.60 35.21
N MET D 54 40.25 -60.42 35.23
CA MET D 54 40.46 -59.72 36.49
C MET D 54 39.17 -59.12 37.02
N GLU D 55 38.28 -58.65 36.12
CA GLU D 55 36.98 -58.21 36.57
C GLU D 55 36.21 -59.37 37.18
N TYR D 56 36.25 -60.55 36.54
CA TYR D 56 35.59 -61.72 37.13
C TYR D 56 36.23 -62.11 38.45
N TYR D 57 37.56 -62.06 38.54
CA TYR D 57 38.24 -62.35 39.80
C TYR D 57 37.80 -61.38 40.88
N GLU D 58 37.72 -60.08 40.54
CA GLU D 58 37.34 -59.10 41.55
C GLU D 58 35.89 -59.30 41.96
N LYS D 59 35.01 -59.62 41.01
CA LYS D 59 33.64 -59.88 41.38
C LYS D 59 33.57 -61.08 42.32
N LYS D 60 34.33 -62.13 42.02
CA LYS D 60 34.34 -63.30 42.90
C LYS D 60 34.90 -62.94 44.26
N GLU D 61 35.98 -62.18 44.30
CA GLU D 61 36.57 -61.83 45.58
C GLU D 61 35.60 -60.99 46.39
N LYS D 62 34.93 -60.03 45.75
CA LYS D 62 34.01 -59.18 46.48
C LYS D 62 32.80 -59.98 46.93
N GLN D 63 32.38 -60.96 46.14
CA GLN D 63 31.27 -61.80 46.59
C GLN D 63 31.71 -62.65 47.77
N ILE D 64 32.96 -63.10 47.78
CA ILE D 64 33.47 -63.84 48.93
C ILE D 64 33.52 -62.94 50.15
N GLU D 65 34.00 -61.70 49.98
CA GLU D 65 34.10 -60.80 51.12
C GLU D 65 32.71 -60.41 51.62
N GLN D 66 31.76 -60.18 50.72
CA GLN D 66 30.40 -59.92 51.16
C GLN D 66 29.81 -61.13 51.84
N GLN D 67 30.13 -62.33 51.36
CA GLN D 67 29.61 -63.53 51.99
C GLN D 67 30.15 -63.65 53.41
N LYS D 68 31.45 -63.39 53.59
CA LYS D 68 32.02 -63.43 54.92
C LYS D 68 31.45 -62.31 55.79
N LYS D 69 31.21 -61.15 55.20
CA LYS D 69 30.63 -60.04 55.96
C LYS D 69 29.22 -60.40 56.42
N ILE D 70 28.43 -61.02 55.56
CA ILE D 70 27.08 -61.43 55.95
C ILE D 70 27.14 -62.48 57.05
N GLN D 71 28.02 -63.47 56.91
CA GLN D 71 28.09 -64.47 57.96
C GLN D 71 28.56 -63.86 59.27
N MET D 72 29.52 -62.94 59.22
CA MET D 72 29.96 -62.29 60.45
C MET D 72 28.85 -61.42 61.04
N SER D 73 28.10 -60.72 60.21
CA SER D 73 27.02 -59.90 60.73
C SER D 73 25.98 -60.76 61.42
N ASN D 74 25.57 -61.85 60.79
CA ASN D 74 24.59 -62.72 61.42
C ASN D 74 25.16 -63.34 62.69
N LEU D 75 26.46 -63.67 62.69
CA LEU D 75 27.04 -64.21 63.91
C LEU D 75 27.00 -63.18 65.03
N MET D 76 27.34 -61.92 64.73
CA MET D 76 27.26 -60.89 65.76
C MET D 76 25.84 -60.76 66.26
N ASN D 77 24.88 -60.66 65.35
CA ASN D 77 23.51 -60.44 65.80
C ASN D 77 23.04 -61.60 66.66
N GLN D 78 23.40 -62.82 66.28
CA GLN D 78 22.94 -63.97 67.06
C GLN D 78 23.64 -64.00 68.40
N ALA D 79 24.87 -63.50 68.46
CA ALA D 79 25.49 -63.29 69.77
C ALA D 79 24.67 -62.33 70.61
N ARG D 80 24.23 -61.22 70.01
CA ARG D 80 23.50 -60.22 70.78
C ARG D 80 22.18 -60.80 71.29
N LEU D 81 21.44 -61.47 70.43
CA LEU D 81 20.15 -61.99 70.86
C LEU D 81 20.33 -63.16 71.82
N LYS D 82 21.40 -63.93 71.68
CA LYS D 82 21.65 -64.96 72.67
C LYS D 82 21.91 -64.35 74.04
N VAL D 83 22.68 -63.26 74.10
CA VAL D 83 22.93 -62.67 75.41
C VAL D 83 21.66 -62.02 75.95
N LEU D 84 20.83 -61.42 75.08
CA LEU D 84 19.56 -60.90 75.55
C LEU D 84 18.69 -62.00 76.14
N ARG D 85 18.64 -63.15 75.49
CA ARG D 85 17.88 -64.25 76.08
C ARG D 85 18.49 -64.69 77.39
N ALA D 86 19.82 -64.66 77.50
CA ALA D 86 20.43 -65.02 78.78
C ALA D 86 19.97 -64.07 79.88
N ARG D 87 19.98 -62.78 79.58
CA ARG D 87 19.50 -61.80 80.55
C ARG D 87 18.06 -62.08 80.95
N ASP D 88 17.19 -62.20 79.94
CA ASP D 88 15.77 -62.38 80.21
C ASP D 88 15.53 -63.67 80.98
N ASP D 89 16.35 -64.69 80.73
CA ASP D 89 16.24 -65.93 81.48
C ASP D 89 16.60 -65.70 82.94
N LEU D 90 17.62 -64.89 83.21
CA LEU D 90 17.90 -64.56 84.60
C LEU D 90 16.71 -63.87 85.25
N ILE D 91 16.10 -62.93 84.53
CA ILE D 91 14.96 -62.20 85.10
C ILE D 91 13.83 -63.18 85.41
N THR D 92 13.56 -64.09 84.49
CA THR D 92 12.51 -65.07 84.72
C THR D 92 12.85 -65.97 85.90
N ASP D 93 14.12 -66.33 86.04
CA ASP D 93 14.51 -67.13 87.20
C ASP D 93 14.23 -66.36 88.49
N LEU D 94 14.51 -65.06 88.47
CA LEU D 94 14.23 -64.25 89.65
C LEU D 94 12.75 -64.23 89.99
N LEU D 95 11.91 -64.00 88.99
CA LEU D 95 10.47 -63.97 89.25
C LEU D 95 9.97 -65.33 89.71
N ASN D 96 10.51 -66.41 89.15
CA ASN D 96 10.14 -67.74 89.60
C ASN D 96 10.53 -67.96 91.05
N GLU D 97 11.71 -67.48 91.44
CA GLU D 97 12.11 -67.57 92.83
C GLU D 97 11.16 -66.79 93.71
N ALA D 98 10.71 -65.63 93.22
CA ALA D 98 9.75 -64.84 93.99
C ALA D 98 8.45 -65.60 94.19
N LYS D 99 7.98 -66.27 93.13
CA LYS D 99 6.79 -67.09 93.25
C LYS D 99 7.00 -68.21 94.25
N GLN D 100 8.20 -68.81 94.24
CA GLN D 100 8.52 -69.86 95.19
C GLN D 100 8.51 -69.36 96.62
N ARG D 101 9.02 -68.16 96.86
CA ARG D 101 9.04 -67.60 98.21
C ARG D 101 7.66 -67.14 98.67
N LEU D 102 6.85 -66.59 97.76
CA LEU D 102 5.52 -66.15 98.14
C LEU D 102 4.69 -67.31 98.66
N SER D 103 4.75 -68.47 97.99
CA SER D 103 4.06 -69.64 98.49
C SER D 103 4.44 -69.96 99.92
N LYS D 104 5.70 -69.77 100.29
CA LYS D 104 6.11 -70.00 101.67
C LYS D 104 5.42 -69.04 102.62
N VAL D 105 5.25 -67.78 102.20
CA VAL D 105 4.61 -66.78 103.05
C VAL D 105 3.17 -67.17 103.31
N ILE D 177 -3.14 -72.95 93.07
CA ILE D 177 -2.76 -71.55 93.10
C ILE D 177 -2.02 -71.26 94.39
N ALA D 178 -1.25 -70.16 94.41
CA ALA D 178 -0.57 -69.77 95.64
C ALA D 178 -1.57 -69.35 96.72
N GLY D 179 -2.47 -68.43 96.39
CA GLY D 179 -3.45 -67.97 97.34
C GLY D 179 -4.04 -66.63 96.91
N GLY D 180 -4.67 -65.97 97.88
CA GLY D 180 -5.32 -64.70 97.63
C GLY D 180 -6.83 -64.84 97.52
N VAL D 181 -7.41 -63.99 96.68
CA VAL D 181 -8.84 -64.04 96.42
C VAL D 181 -9.14 -63.47 95.05
N SER D 193 -9.70 -60.17 90.60
CA SER D 193 -8.70 -61.23 90.55
C SER D 193 -7.46 -60.85 91.34
N ASN D 194 -7.50 -61.03 92.66
CA ASN D 194 -6.38 -60.62 93.50
C ASN D 194 -5.72 -61.84 94.09
N THR D 195 -5.47 -62.84 93.26
CA THR D 195 -4.65 -63.97 93.65
C THR D 195 -3.18 -63.55 93.70
N LEU D 196 -2.44 -64.13 94.65
CA LEU D 196 -1.05 -63.72 94.81
C LEU D 196 -0.29 -63.79 93.50
N GLU D 197 -0.63 -64.75 92.64
CA GLU D 197 0.03 -64.82 91.33
C GLU D 197 -0.25 -63.56 90.52
N SER D 198 -1.52 -63.18 90.42
CA SER D 198 -1.86 -62.00 89.63
C SER D 198 -1.22 -60.77 90.22
N ARG D 199 -1.27 -60.62 91.55
CA ARG D 199 -0.65 -59.46 92.16
C ARG D 199 0.84 -59.42 91.86
N LEU D 200 1.53 -60.54 92.05
CA LEU D 200 2.97 -60.56 91.89
C LEU D 200 3.35 -60.21 90.47
N ASP D 201 2.67 -60.79 89.49
CA ASP D 201 2.95 -60.44 88.12
C ASP D 201 2.71 -58.96 87.87
N LEU D 202 1.59 -58.43 88.39
CA LEU D 202 1.26 -57.04 88.11
C LEU D 202 2.28 -56.10 88.72
N ILE D 203 2.79 -56.43 89.90
CA ILE D 203 3.80 -55.59 90.52
C ILE D 203 5.11 -55.68 89.77
N ALA D 204 5.54 -56.90 89.46
CA ALA D 204 6.84 -57.06 88.83
C ALA D 204 6.88 -56.39 87.48
N GLN D 205 5.79 -56.46 86.72
CA GLN D 205 5.83 -55.85 85.39
C GLN D 205 5.99 -54.35 85.49
N GLN D 206 5.70 -53.77 86.66
CA GLN D 206 5.95 -52.35 86.85
C GLN D 206 7.32 -52.09 87.46
N MET D 207 7.79 -53.00 88.31
CA MET D 207 9.12 -52.83 88.89
C MET D 207 10.24 -53.01 87.86
N MET D 208 10.01 -53.79 86.81
CA MET D 208 11.10 -54.20 85.93
C MET D 208 12.21 -53.18 85.83
N PRO D 209 11.98 -51.97 85.32
CA PRO D 209 13.10 -51.02 85.21
C PRO D 209 13.95 -50.97 86.46
N GLU D 210 13.30 -50.91 87.62
CA GLU D 210 14.05 -50.87 88.88
C GLU D 210 14.83 -52.15 89.09
N VAL D 211 14.23 -53.30 88.79
CA VAL D 211 14.94 -54.57 88.96
C VAL D 211 16.16 -54.62 88.05
N ARG D 212 15.99 -54.19 86.81
CA ARG D 212 17.11 -54.11 85.89
C ARG D 212 18.21 -53.23 86.45
N GLY D 213 17.87 -52.01 86.86
CA GLY D 213 18.87 -51.11 87.38
C GLY D 213 19.61 -51.69 88.57
N ALA D 214 18.87 -52.34 89.48
CA ALA D 214 19.51 -52.89 90.67
C ALA D 214 20.41 -54.07 90.32
N LEU D 215 19.97 -54.95 89.42
CA LEU D 215 20.72 -56.16 89.18
C LEU D 215 21.90 -55.91 88.24
N PHE D 216 21.65 -55.33 87.06
CA PHE D 216 22.69 -55.23 86.04
C PHE D 216 23.29 -53.85 85.96
N GLY D 217 23.11 -53.02 86.99
CA GLY D 217 23.75 -51.73 87.05
C GLY D 217 23.12 -50.72 86.11
N ALA D 218 22.99 -49.49 86.55
CA ALA D 218 22.39 -48.47 85.72
C ALA D 218 23.15 -48.34 84.42
N ASN D 219 22.44 -47.95 83.37
CA ASN D 219 23.08 -47.71 82.08
C ASN D 219 23.90 -46.44 82.21
N ALA D 220 25.22 -46.54 82.03
CA ALA D 220 26.05 -45.36 82.15
C ALA D 220 25.58 -44.24 81.24
N ASN D 221 25.00 -44.58 80.09
CA ASN D 221 24.49 -43.59 79.17
C ASN D 221 23.04 -43.25 79.52
N SER E 3 43.92 58.35 -1.05
CA SER E 3 44.55 57.40 -1.94
C SER E 3 43.57 56.30 -2.33
N GLN E 4 43.55 55.95 -3.62
CA GLN E 4 42.59 54.96 -4.10
C GLN E 4 42.73 53.65 -3.35
N SER E 5 43.96 53.12 -3.25
CA SER E 5 44.19 51.98 -2.38
C SER E 5 43.87 52.34 -0.94
N GLN E 6 44.27 53.55 -0.51
CA GLN E 6 43.92 53.99 0.83
C GLN E 6 42.41 54.09 1.00
N GLY E 7 41.69 54.59 0.01
CA GLY E 7 40.25 54.71 0.14
C GLY E 7 39.57 53.36 0.18
N ILE E 8 39.99 52.44 -0.68
CA ILE E 8 39.41 51.10 -0.69
C ILE E 8 39.68 50.40 0.62
N GLN E 9 40.90 50.54 1.16
CA GLN E 9 41.21 49.99 2.46
C GLN E 9 40.34 50.65 3.53
N GLN E 10 40.09 51.95 3.40
CA GLN E 10 39.24 52.63 4.37
C GLN E 10 37.84 52.05 4.36
N LEU E 11 37.29 51.84 3.16
CA LEU E 11 35.95 51.26 3.07
C LEU E 11 35.93 49.84 3.62
N LEU E 12 36.98 49.06 3.32
CA LEU E 12 37.03 47.69 3.83
C LEU E 12 37.12 47.66 5.34
N GLN E 13 37.92 48.56 5.93
CA GLN E 13 38.00 48.64 7.38
C GLN E 13 36.67 49.05 7.98
N ALA E 14 35.97 49.98 7.34
CA ALA E 14 34.64 50.35 7.82
C ALA E 14 33.69 49.18 7.76
N GLU E 15 33.74 48.40 6.68
CA GLU E 15 32.89 47.22 6.57
C GLU E 15 33.23 46.21 7.65
N LYS E 16 34.52 46.07 7.96
CA LYS E 16 34.90 45.20 9.06
C LYS E 16 34.33 45.71 10.39
N ARG E 17 34.32 47.03 10.57
CA ARG E 17 33.72 47.62 11.76
C ARG E 17 32.23 47.29 11.83
N ALA E 18 31.53 47.38 10.69
CA ALA E 18 30.11 47.05 10.66
C ALA E 18 29.87 45.58 10.93
N ALA E 19 30.73 44.71 10.38
CA ALA E 19 30.62 43.29 10.68
C ALA E 19 30.82 43.03 12.16
N GLU E 20 31.79 43.71 12.77
CA GLU E 20 31.98 43.58 14.21
C GLU E 20 30.73 44.04 14.97
N LYS E 21 30.13 45.14 14.53
CA LYS E 21 28.93 45.65 15.20
C LYS E 21 27.80 44.64 15.14
N VAL E 22 27.52 44.12 13.95
CA VAL E 22 26.43 43.14 13.83
C VAL E 22 26.75 41.89 14.63
N ALA E 23 28.02 41.46 14.62
CA ALA E 23 28.39 40.29 15.39
C ALA E 23 28.18 40.51 16.87
N ASP E 24 28.51 41.72 17.35
CA ASP E 24 28.28 42.03 18.76
C ASP E 24 26.81 42.00 19.11
N ALA E 25 25.97 42.53 18.22
CA ALA E 25 24.53 42.45 18.46
C ALA E 25 24.05 41.01 18.50
N ARG E 26 24.54 40.18 17.57
CA ARG E 26 24.14 38.77 17.56
C ARG E 26 24.58 38.07 18.84
N LYS E 27 25.80 38.36 19.30
CA LYS E 27 26.29 37.78 20.53
C LYS E 27 25.43 38.23 21.72
N ARG E 28 25.03 39.50 21.72
CA ARG E 28 24.13 39.98 22.77
C ARG E 28 22.83 39.19 22.76
N LYS E 29 22.25 38.99 21.58
CA LYS E 29 21.02 38.21 21.50
C LYS E 29 21.24 36.80 22.05
N ALA E 30 22.29 36.13 21.58
CA ALA E 30 22.51 34.76 21.98
C ALA E 30 22.70 34.65 23.49
N ARG E 31 23.44 35.59 24.07
CA ARG E 31 23.68 35.54 25.51
C ARG E 31 22.43 35.90 26.30
N ARG E 32 21.64 36.85 25.79
CA ARG E 32 20.44 37.26 26.51
C ARG E 32 19.35 36.22 26.43
N LEU E 33 19.46 35.27 25.51
CA LEU E 33 18.55 34.14 25.54
C LEU E 33 18.69 33.36 26.86
N LYS E 34 19.93 33.14 27.31
CA LYS E 34 20.13 32.48 28.60
C LYS E 34 19.61 33.34 29.74
N GLN E 35 19.77 34.66 29.65
CA GLN E 35 19.17 35.54 30.65
C GLN E 35 17.67 35.39 30.67
N ALA E 36 17.05 35.23 29.51
CA ALA E 36 15.62 34.96 29.46
C ALA E 36 15.28 33.69 30.21
N LYS E 37 16.09 32.64 30.01
CA LYS E 37 15.85 31.42 30.78
C LYS E 37 15.94 31.67 32.28
N GLU E 38 16.97 32.41 32.70
CA GLU E 38 17.30 32.46 34.12
C GLU E 38 16.40 33.42 34.88
N GLU E 39 16.20 34.63 34.35
CA GLU E 39 15.50 35.67 35.10
C GLU E 39 14.06 35.28 35.43
N ALA E 40 13.50 34.29 34.73
CA ALA E 40 12.15 33.86 35.04
C ALA E 40 12.03 33.39 36.48
N GLN E 41 13.13 33.01 37.11
CA GLN E 41 13.10 32.60 38.51
C GLN E 41 12.62 33.74 39.39
N MET E 42 13.06 34.96 39.11
CA MET E 42 12.60 36.09 39.90
C MET E 42 11.08 36.21 39.83
N GLU E 43 10.53 36.14 38.62
CA GLU E 43 9.08 36.30 38.47
C GLU E 43 8.32 35.17 39.13
N VAL E 44 8.79 33.92 38.96
CA VAL E 44 8.05 32.81 39.56
C VAL E 44 8.13 32.90 41.08
N GLU E 45 9.27 33.32 41.62
CA GLU E 45 9.36 33.49 43.07
C GLU E 45 8.41 34.58 43.54
N GLN E 46 8.33 35.69 42.82
CA GLN E 46 7.43 36.76 43.22
C GLN E 46 5.99 36.29 43.18
N TYR E 47 5.63 35.54 42.15
CA TYR E 47 4.29 34.96 42.07
C TYR E 47 4.02 34.06 43.28
N ARG E 48 4.97 33.18 43.59
CA ARG E 48 4.79 32.27 44.73
C ARG E 48 4.59 33.07 46.01
N ARG E 49 5.43 34.08 46.23
CA ARG E 49 5.35 34.86 47.46
C ARG E 49 4.02 35.59 47.56
N GLU E 50 3.57 36.16 46.44
CA GLU E 50 2.28 36.85 46.43
C GLU E 50 1.16 35.90 46.81
N ARG E 51 1.11 34.74 46.17
CA ARG E 51 0.03 33.81 46.46
C ARG E 51 0.11 33.29 47.88
N GLU E 52 1.33 33.09 48.40
CA GLU E 52 1.48 32.64 49.78
C GLU E 52 0.97 33.70 50.74
N GLN E 53 1.31 34.97 50.49
CA GLN E 53 0.79 36.04 51.34
C GLN E 53 -0.73 36.04 51.33
N GLU E 54 -1.33 35.98 50.13
CA GLU E 54 -2.78 35.99 50.05
C GLU E 54 -3.39 34.79 50.76
N PHE E 55 -2.79 33.61 50.57
CA PHE E 55 -3.29 32.39 51.19
C PHE E 55 -3.25 32.49 52.70
N GLN E 56 -2.13 32.96 53.25
CA GLN E 56 -2.02 33.06 54.70
C GLN E 56 -2.95 34.13 55.25
N SER E 57 -3.13 35.23 54.52
CA SER E 57 -4.08 36.25 54.97
C SER E 57 -5.49 35.68 55.01
N LYS E 58 -5.88 34.94 53.98
CA LYS E 58 -7.20 34.31 53.97
C LYS E 58 -7.35 33.33 55.13
N GLN E 59 -6.31 32.51 55.36
CA GLN E 59 -6.38 31.53 56.43
C GLN E 59 -6.54 32.20 57.78
N GLN E 60 -5.79 33.27 58.02
CA GLN E 60 -5.84 33.94 59.32
C GLN E 60 -7.14 34.70 59.50
N ALA E 61 -7.72 35.24 58.42
CA ALA E 61 -8.94 36.02 58.52
C ALA E 61 -10.21 35.19 58.46
N ALA E 62 -10.14 33.94 58.01
CA ALA E 62 -11.35 33.12 57.87
C ALA E 62 -11.95 32.72 59.20
N MET E 63 -11.23 32.90 60.31
CA MET E 63 -11.70 32.39 61.60
C MET E 63 -12.95 33.11 62.10
N GLY E 64 -13.25 34.29 61.58
CA GLY E 64 -14.31 35.11 62.17
C GLY E 64 -15.70 34.51 62.04
N SER E 65 -16.04 33.99 60.87
CA SER E 65 -17.42 33.59 60.59
C SER E 65 -17.92 32.50 61.53
N GLN E 66 -17.01 31.77 62.19
CA GLN E 66 -17.44 30.68 63.06
C GLN E 66 -18.31 31.19 64.19
N GLY E 67 -17.91 32.29 64.83
CA GLY E 67 -18.69 32.81 65.93
C GLY E 67 -20.07 33.26 65.50
N ASN E 68 -20.16 33.95 64.37
CA ASN E 68 -21.46 34.39 63.87
C ASN E 68 -22.35 33.20 63.55
N LEU E 69 -21.79 32.19 62.88
CA LEU E 69 -22.59 31.01 62.57
C LEU E 69 -23.09 30.34 63.85
N SER E 70 -22.21 30.22 64.84
CA SER E 70 -22.59 29.58 66.10
C SER E 70 -23.71 30.35 66.77
N ALA E 71 -23.59 31.68 66.82
CA ALA E 71 -24.63 32.48 67.46
C ALA E 71 -25.96 32.34 66.72
N GLU E 72 -25.92 32.36 65.39
CA GLU E 72 -27.15 32.24 64.62
C GLU E 72 -27.83 30.91 64.91
N VAL E 73 -27.08 29.82 64.78
CA VAL E 73 -27.70 28.52 64.95
C VAL E 73 -28.16 28.33 66.38
N GLU E 74 -27.43 28.90 67.35
CA GLU E 74 -27.85 28.73 68.74
C GLU E 74 -29.13 29.49 69.01
N GLN E 75 -29.30 30.68 68.44
CA GLN E 75 -30.58 31.35 68.55
C GLN E 75 -31.67 30.50 67.92
N ALA E 76 -31.39 29.90 66.76
CA ALA E 76 -32.39 29.07 66.11
C ALA E 76 -32.81 27.90 66.99
N THR E 77 -31.84 27.19 67.55
CA THR E 77 -32.17 26.05 68.42
C THR E 77 -32.90 26.52 69.66
N ARG E 78 -32.55 27.69 70.17
CA ARG E 78 -33.27 28.19 71.34
C ARG E 78 -34.74 28.44 71.00
N ARG E 79 -34.99 29.01 69.83
CA ARG E 79 -36.38 29.18 69.41
C ARG E 79 -37.07 27.83 69.29
N GLN E 80 -36.41 26.85 68.67
CA GLN E 80 -37.05 25.55 68.51
C GLN E 80 -37.36 24.91 69.85
N VAL E 81 -36.41 24.97 70.79
CA VAL E 81 -36.60 24.31 72.07
C VAL E 81 -37.70 25.03 72.85
N GLN E 82 -37.78 26.35 72.76
CA GLN E 82 -38.87 27.05 73.42
C GLN E 82 -40.20 26.66 72.80
N GLY E 83 -40.25 26.51 71.49
CA GLY E 83 -41.49 26.07 70.86
C GLY E 83 -41.91 24.69 71.32
N MET E 84 -40.97 23.75 71.36
CA MET E 84 -41.28 22.41 71.84
C MET E 84 -41.71 22.45 73.30
N GLN E 85 -41.03 23.25 74.12
CA GLN E 85 -41.39 23.30 75.52
C GLN E 85 -42.79 23.85 75.72
N SER E 86 -43.15 24.91 74.97
CA SER E 86 -44.51 25.44 75.07
C SER E 86 -45.53 24.41 74.60
N SER E 87 -45.26 23.76 73.46
CA SER E 87 -46.21 22.78 72.95
C SER E 87 -46.43 21.67 73.96
N GLN E 88 -45.36 21.18 74.57
CA GLN E 88 -45.52 20.19 75.63
C GLN E 88 -46.37 20.73 76.76
N GLN E 89 -46.02 21.90 77.29
CA GLN E 89 -46.71 22.39 78.47
C GLN E 89 -48.20 22.56 78.18
N ARG E 90 -48.57 22.85 76.93
CA ARG E 90 -49.99 22.95 76.63
C ARG E 90 -50.69 21.61 76.80
N ASN E 91 -50.16 20.56 76.15
CA ASN E 91 -50.86 19.30 76.02
C ASN E 91 -50.52 18.29 77.11
N ARG E 92 -49.62 18.64 78.02
CA ARG E 92 -49.05 17.62 78.90
C ARG E 92 -50.11 16.96 79.77
N GLU E 93 -51.05 17.73 80.29
CA GLU E 93 -51.94 17.20 81.32
C GLU E 93 -52.81 16.07 80.76
N ARG E 94 -53.37 16.26 79.56
CA ARG E 94 -54.30 15.25 79.04
C ARG E 94 -53.57 13.98 78.62
N VAL E 95 -52.36 14.10 78.07
CA VAL E 95 -51.59 12.90 77.80
C VAL E 95 -51.32 12.16 79.09
N LEU E 96 -50.98 12.88 80.16
CA LEU E 96 -50.79 12.17 81.42
C LEU E 96 -52.06 11.48 81.87
N THR E 97 -53.21 12.14 81.78
CA THR E 97 -54.42 11.50 82.29
C THR E 97 -54.79 10.28 81.46
N GLN E 98 -54.66 10.38 80.13
CA GLN E 98 -54.89 9.19 79.30
C GLN E 98 -53.94 8.07 79.70
N LEU E 99 -52.66 8.38 79.80
CA LEU E 99 -51.68 7.33 80.03
C LEU E 99 -51.97 6.63 81.35
N LEU E 100 -52.28 7.38 82.40
CA LEU E 100 -52.61 6.74 83.66
C LEU E 100 -53.90 5.96 83.55
N GLY E 101 -54.91 6.50 82.86
CA GLY E 101 -56.14 5.75 82.72
C GLY E 101 -55.92 4.40 82.09
N MET E 102 -55.03 4.33 81.10
CA MET E 102 -54.79 3.06 80.42
C MET E 102 -53.93 2.15 81.30
N VAL E 103 -52.93 2.69 82.00
CA VAL E 103 -52.10 1.85 82.84
C VAL E 103 -52.91 1.29 84.00
N CYS E 104 -53.98 1.99 84.39
CA CYS E 104 -54.86 1.50 85.44
C CYS E 104 -56.13 0.94 84.83
N SER F 3 -30.76 6.71 -62.57
CA SER F 3 -29.82 5.61 -62.74
C SER F 3 -28.94 5.45 -61.50
N GLN F 4 -28.17 6.51 -61.21
CA GLN F 4 -27.23 6.44 -60.10
C GLN F 4 -27.94 6.14 -58.79
N SER F 5 -29.21 6.53 -58.68
CA SER F 5 -30.01 6.19 -57.52
C SER F 5 -30.81 4.91 -57.70
N GLN F 6 -31.08 4.49 -58.94
CA GLN F 6 -31.90 3.31 -59.15
C GLN F 6 -31.28 2.08 -58.48
N GLY F 7 -29.96 1.92 -58.63
CA GLY F 7 -29.30 0.82 -57.95
C GLY F 7 -29.52 0.88 -56.45
N ILE F 8 -29.45 2.07 -55.87
CA ILE F 8 -29.63 2.20 -54.43
C ILE F 8 -31.05 1.79 -54.04
N GLN F 9 -32.03 2.23 -54.82
CA GLN F 9 -33.40 1.80 -54.59
C GLN F 9 -33.48 0.29 -54.56
N GLN F 10 -32.90 -0.36 -55.58
CA GLN F 10 -32.96 -1.81 -55.63
C GLN F 10 -32.31 -2.42 -54.40
N LEU F 11 -31.18 -1.86 -53.97
CA LEU F 11 -30.48 -2.42 -52.83
C LEU F 11 -31.33 -2.34 -51.57
N LEU F 12 -31.96 -1.19 -51.34
CA LEU F 12 -32.76 -1.08 -50.11
C LEU F 12 -33.97 -1.98 -50.18
N GLN F 13 -34.59 -2.12 -51.36
CA GLN F 13 -35.73 -3.01 -51.46
C GLN F 13 -35.31 -4.45 -51.18
N ALA F 14 -34.14 -4.86 -51.68
CA ALA F 14 -33.65 -6.20 -51.40
C ALA F 14 -33.37 -6.38 -49.92
N GLU F 15 -32.78 -5.37 -49.28
CA GLU F 15 -32.54 -5.45 -47.85
C GLU F 15 -33.85 -5.67 -47.10
N LYS F 16 -34.90 -4.95 -47.50
CA LYS F 16 -36.18 -5.11 -46.82
C LYS F 16 -36.77 -6.50 -47.08
N ARG F 17 -36.63 -7.01 -48.30
CA ARG F 17 -37.08 -8.37 -48.56
C ARG F 17 -36.41 -9.35 -47.63
N ALA F 18 -35.10 -9.21 -47.44
CA ALA F 18 -34.37 -10.10 -46.54
C ALA F 18 -34.87 -9.94 -45.11
N ALA F 19 -35.06 -8.70 -44.68
CA ALA F 19 -35.54 -8.48 -43.32
C ALA F 19 -36.88 -9.15 -43.11
N GLU F 20 -37.78 -9.02 -44.09
CA GLU F 20 -39.08 -9.68 -43.98
C GLU F 20 -38.93 -11.20 -43.96
N LYS F 21 -38.07 -11.75 -44.81
CA LYS F 21 -37.96 -13.21 -44.87
C LYS F 21 -37.31 -13.79 -43.64
N VAL F 22 -36.51 -13.02 -42.92
CA VAL F 22 -35.99 -13.50 -41.65
C VAL F 22 -37.00 -13.27 -40.53
N ALA F 23 -37.77 -12.19 -40.59
CA ALA F 23 -38.82 -11.99 -39.60
C ALA F 23 -39.85 -13.10 -39.67
N ASP F 24 -40.19 -13.55 -40.88
CA ASP F 24 -41.16 -14.63 -41.02
C ASP F 24 -40.63 -15.91 -40.38
N ALA F 25 -39.36 -16.22 -40.56
CA ALA F 25 -38.80 -17.40 -39.92
C ALA F 25 -38.81 -17.23 -38.41
N ARG F 26 -38.54 -16.02 -37.92
CA ARG F 26 -38.58 -15.82 -36.48
C ARG F 26 -39.99 -16.05 -35.95
N LYS F 27 -41.00 -15.58 -36.68
CA LYS F 27 -42.38 -15.82 -36.27
C LYS F 27 -42.70 -17.31 -36.27
N ARG F 28 -42.23 -18.03 -37.29
CA ARG F 28 -42.42 -19.47 -37.31
C ARG F 28 -41.78 -20.13 -36.11
N LYS F 29 -40.57 -19.69 -35.76
CA LYS F 29 -39.89 -20.26 -34.61
C LYS F 29 -40.69 -20.02 -33.33
N ALA F 30 -41.16 -18.79 -33.13
CA ALA F 30 -41.95 -18.50 -31.94
C ALA F 30 -43.22 -19.33 -31.91
N ARG F 31 -43.91 -19.43 -33.06
CA ARG F 31 -45.14 -20.20 -33.11
C ARG F 31 -44.89 -21.66 -32.82
N ARG F 32 -43.83 -22.23 -33.40
CA ARG F 32 -43.54 -23.65 -33.17
C ARG F 32 -43.11 -23.89 -31.73
N LEU F 33 -42.43 -22.92 -31.11
CA LEU F 33 -42.10 -23.04 -29.70
C LEU F 33 -43.37 -23.11 -28.86
N LYS F 34 -44.33 -22.23 -29.16
CA LYS F 34 -45.59 -22.28 -28.43
C LYS F 34 -46.33 -23.59 -28.68
N GLN F 35 -46.31 -24.08 -29.93
CA GLN F 35 -46.94 -25.37 -30.22
C GLN F 35 -46.27 -26.48 -29.42
N ALA F 36 -44.94 -26.45 -29.31
CA ALA F 36 -44.24 -27.44 -28.52
C ALA F 36 -44.69 -27.39 -27.07
N LYS F 37 -44.78 -26.19 -26.52
CA LYS F 37 -45.27 -26.05 -25.16
C LYS F 37 -46.65 -26.68 -25.00
N GLU F 38 -47.54 -26.38 -25.95
CA GLU F 38 -48.91 -26.89 -25.87
C GLU F 38 -48.92 -28.41 -25.95
N GLU F 39 -48.14 -28.98 -26.87
CA GLU F 39 -48.12 -30.43 -27.03
C GLU F 39 -47.58 -31.12 -25.79
N ALA F 40 -46.53 -30.55 -25.20
CA ALA F 40 -46.03 -31.09 -23.94
C ALA F 40 -47.11 -31.05 -22.88
N GLN F 41 -47.85 -29.95 -22.80
CA GLN F 41 -48.89 -29.86 -21.78
C GLN F 41 -50.01 -30.88 -22.01
N MET F 42 -50.41 -31.06 -23.26
CA MET F 42 -51.44 -32.05 -23.56
C MET F 42 -50.97 -33.45 -23.19
N GLU F 43 -49.71 -33.78 -23.51
CA GLU F 43 -49.19 -35.08 -23.10
C GLU F 43 -49.17 -35.22 -21.58
N VAL F 44 -48.80 -34.15 -20.88
CA VAL F 44 -48.81 -34.16 -19.43
C VAL F 44 -50.22 -34.45 -18.93
N GLU F 45 -51.22 -33.83 -19.54
CA GLU F 45 -52.59 -34.07 -19.12
C GLU F 45 -52.98 -35.52 -19.36
N GLN F 46 -52.58 -36.09 -20.50
CA GLN F 46 -52.85 -37.50 -20.77
C GLN F 46 -52.28 -38.36 -19.65
N TYR F 47 -51.00 -38.17 -19.32
CA TYR F 47 -50.38 -38.99 -18.29
C TYR F 47 -51.06 -38.78 -16.94
N ARG F 48 -51.40 -37.52 -16.63
CA ARG F 48 -52.03 -37.24 -15.35
C ARG F 48 -53.35 -37.97 -15.22
N ARG F 49 -54.17 -37.95 -16.27
CA ARG F 49 -55.44 -38.66 -16.21
C ARG F 49 -55.25 -40.17 -16.20
N GLU F 50 -54.24 -40.67 -16.91
CA GLU F 50 -53.93 -42.10 -16.85
C GLU F 50 -53.66 -42.52 -15.41
N ARG F 51 -52.81 -41.77 -14.71
CA ARG F 51 -52.48 -42.14 -13.34
C ARG F 51 -53.62 -41.85 -12.38
N GLU F 52 -54.47 -40.87 -12.67
CA GLU F 52 -55.69 -40.70 -11.87
C GLU F 52 -56.57 -41.93 -11.96
N GLN F 53 -56.75 -42.44 -13.19
CA GLN F 53 -57.54 -43.65 -13.37
C GLN F 53 -56.91 -44.81 -12.61
N GLU F 54 -55.59 -44.95 -12.72
CA GLU F 54 -54.91 -46.03 -12.01
C GLU F 54 -55.07 -45.89 -10.50
N PHE F 55 -54.97 -44.66 -9.99
CA PHE F 55 -55.17 -44.42 -8.58
C PHE F 55 -56.58 -44.81 -8.14
N GLN F 56 -57.58 -44.47 -8.95
CA GLN F 56 -58.95 -44.83 -8.61
C GLN F 56 -59.12 -46.35 -8.59
N SER F 57 -58.52 -47.05 -9.55
CA SER F 57 -58.59 -48.50 -9.55
C SER F 57 -57.92 -49.08 -8.30
N LYS F 58 -56.76 -48.53 -7.93
CA LYS F 58 -56.07 -49.01 -6.75
C LYS F 58 -56.92 -48.77 -5.50
N GLN F 59 -57.55 -47.60 -5.40
CA GLN F 59 -58.41 -47.33 -4.25
C GLN F 59 -59.58 -48.29 -4.19
N GLN F 60 -60.21 -48.56 -5.35
CA GLN F 60 -61.33 -49.50 -5.37
C GLN F 60 -60.88 -50.88 -4.92
N ALA F 61 -59.73 -51.34 -5.43
CA ALA F 61 -59.23 -52.66 -5.04
C ALA F 61 -58.90 -52.69 -3.55
N ALA F 62 -58.31 -51.62 -3.03
CA ALA F 62 -57.98 -51.58 -1.61
C ALA F 62 -59.25 -51.63 -0.76
N MET F 63 -60.28 -50.89 -1.16
CA MET F 63 -61.54 -50.92 -0.42
C MET F 63 -62.13 -52.33 -0.44
N GLY F 64 -62.12 -52.97 -1.61
CA GLY F 64 -62.63 -54.33 -1.69
C GLY F 64 -61.85 -55.29 -0.81
N SER F 65 -60.52 -55.20 -0.86
CA SER F 65 -59.69 -56.09 -0.05
C SER F 65 -59.91 -55.84 1.44
N GLN F 66 -60.04 -54.58 1.84
CA GLN F 66 -60.29 -54.27 3.24
C GLN F 66 -61.64 -54.83 3.69
N GLY F 67 -62.66 -54.69 2.86
CA GLY F 67 -63.95 -55.26 3.22
C GLY F 67 -63.88 -56.77 3.35
N ASN F 68 -63.23 -57.43 2.40
CA ASN F 68 -63.09 -58.88 2.46
C ASN F 68 -62.33 -59.30 3.71
N LEU F 69 -61.25 -58.60 4.02
CA LEU F 69 -60.45 -58.90 5.20
C LEU F 69 -61.24 -58.69 6.48
N SER F 70 -62.02 -57.61 6.57
CA SER F 70 -62.82 -57.39 7.75
C SER F 70 -63.84 -58.51 7.93
N ALA F 71 -64.51 -58.90 6.84
CA ALA F 71 -65.47 -59.99 6.95
C ALA F 71 -64.79 -61.28 7.39
N GLU F 72 -63.64 -61.58 6.80
CA GLU F 72 -62.95 -62.82 7.12
C GLU F 72 -62.52 -62.83 8.59
N VAL F 73 -61.95 -61.73 9.08
CA VAL F 73 -61.48 -61.71 10.45
C VAL F 73 -62.64 -61.74 11.43
N GLU F 74 -63.75 -61.07 11.11
CA GLU F 74 -64.93 -61.15 11.97
C GLU F 74 -65.43 -62.59 12.05
N GLN F 75 -65.46 -63.28 10.91
CA GLN F 75 -65.85 -64.68 10.93
C GLN F 75 -64.89 -65.51 11.77
N ALA F 76 -63.59 -65.23 11.64
CA ALA F 76 -62.61 -65.97 12.43
C ALA F 76 -62.82 -65.74 13.92
N THR F 77 -63.06 -64.50 14.33
CA THR F 77 -63.28 -64.22 15.74
C THR F 77 -64.53 -64.92 16.24
N ARG F 78 -65.60 -64.90 15.43
CA ARG F 78 -66.82 -65.59 15.84
C ARG F 78 -66.58 -67.08 16.00
N ARG F 79 -65.80 -67.67 15.09
CA ARG F 79 -65.47 -69.08 15.23
C ARG F 79 -64.68 -69.32 16.51
N GLN F 80 -63.72 -68.45 16.80
CA GLN F 80 -62.93 -68.61 18.02
C GLN F 80 -63.81 -68.56 19.25
N VAL F 81 -64.71 -67.58 19.31
CA VAL F 81 -65.58 -67.44 20.48
C VAL F 81 -66.49 -68.66 20.60
N GLN F 82 -67.03 -69.14 19.48
CA GLN F 82 -67.88 -70.32 19.56
C GLN F 82 -67.10 -71.51 20.09
N GLY F 83 -65.87 -71.69 19.61
CA GLY F 83 -65.05 -72.79 20.10
C GLY F 83 -64.74 -72.66 21.58
N MET F 84 -64.46 -71.43 22.04
CA MET F 84 -64.21 -71.22 23.45
C MET F 84 -65.43 -71.60 24.28
N GLN F 85 -66.61 -71.16 23.83
CA GLN F 85 -67.82 -71.48 24.57
C GLN F 85 -68.05 -72.98 24.61
N SER F 86 -67.86 -73.66 23.47
CA SER F 86 -68.04 -75.10 23.44
C SER F 86 -67.07 -75.80 24.38
N SER F 87 -65.81 -75.38 24.39
CA SER F 87 -64.85 -75.97 25.32
C SER F 87 -65.26 -75.75 26.76
N GLN F 88 -65.63 -74.51 27.12
CA GLN F 88 -65.99 -74.21 28.50
C GLN F 88 -67.21 -74.97 28.96
N GLN F 89 -68.22 -75.12 28.10
CA GLN F 89 -69.42 -75.84 28.50
C GLN F 89 -69.11 -77.26 28.94
N ARG F 90 -68.01 -77.83 28.45
CA ARG F 90 -67.65 -79.20 28.81
C ARG F 90 -67.05 -79.28 30.20
N ASN F 91 -66.32 -78.25 30.63
CA ASN F 91 -65.64 -78.27 31.91
C ASN F 91 -66.28 -77.37 32.96
N ARG F 92 -67.43 -76.75 32.67
CA ARG F 92 -68.04 -75.85 33.63
C ARG F 92 -68.25 -76.55 34.96
N GLU F 93 -68.91 -77.72 34.93
CA GLU F 93 -69.29 -78.36 36.18
C GLU F 93 -68.08 -78.81 36.98
N ARG F 94 -67.08 -79.37 36.32
CA ARG F 94 -65.91 -79.85 37.05
C ARG F 94 -65.20 -78.69 37.74
N VAL F 95 -64.89 -77.63 37.00
CA VAL F 95 -64.19 -76.50 37.61
C VAL F 95 -65.03 -75.89 38.70
N LEU F 96 -66.33 -75.74 38.45
CA LEU F 96 -67.19 -75.13 39.45
C LEU F 96 -67.19 -75.95 40.74
N THR F 97 -67.29 -77.27 40.62
CA THR F 97 -67.26 -78.10 41.83
C THR F 97 -65.94 -77.96 42.54
N GLN F 98 -64.84 -77.95 41.78
CA GLN F 98 -63.53 -77.84 42.43
C GLN F 98 -63.44 -76.52 43.20
N LEU F 99 -63.88 -75.43 42.58
CA LEU F 99 -63.77 -74.12 43.23
C LEU F 99 -64.65 -74.05 44.47
N LEU F 100 -65.89 -74.51 44.35
CA LEU F 100 -66.78 -74.47 45.49
C LEU F 100 -66.26 -75.35 46.62
N GLY F 101 -65.73 -76.52 46.28
CA GLY F 101 -65.14 -77.37 47.31
C GLY F 101 -63.99 -76.70 48.01
N MET F 102 -63.08 -76.09 47.24
CA MET F 102 -61.95 -75.42 47.86
C MET F 102 -62.42 -74.34 48.82
N VAL F 103 -63.46 -73.59 48.43
CA VAL F 103 -63.97 -72.56 49.33
C VAL F 103 -64.56 -73.18 50.59
N CYS F 104 -65.39 -74.21 50.43
CA CYS F 104 -66.13 -74.72 51.58
C CYS F 104 -65.22 -75.44 52.57
N ASP F 105 -64.14 -76.06 52.10
CA ASP F 105 -63.18 -76.68 53.00
C ASP F 105 -62.29 -75.56 53.56
N VAL F 106 -62.45 -75.26 54.84
CA VAL F 106 -61.82 -74.08 55.41
C VAL F 106 -60.43 -74.41 55.96
N ARG F 107 -60.33 -75.48 56.76
CA ARG F 107 -59.07 -75.82 57.41
C ARG F 107 -58.53 -74.62 58.18
N PRO F 108 -59.11 -74.26 59.33
CA PRO F 108 -58.67 -73.05 60.02
C PRO F 108 -57.17 -73.01 60.30
N GLN G 4 61.56 -63.04 -27.54
CA GLN G 4 60.35 -63.59 -28.13
C GLN G 4 59.50 -64.29 -27.07
N SER G 5 58.89 -65.42 -27.44
CA SER G 5 58.06 -66.15 -26.48
C SER G 5 58.88 -66.63 -25.30
N GLN G 6 60.08 -67.15 -25.55
CA GLN G 6 60.93 -67.62 -24.46
C GLN G 6 61.32 -66.47 -23.55
N GLY G 7 61.69 -65.32 -24.13
CA GLY G 7 62.02 -64.17 -23.31
C GLY G 7 60.86 -63.68 -22.48
N ILE G 8 59.66 -63.70 -23.05
CA ILE G 8 58.48 -63.29 -22.32
C ILE G 8 58.18 -64.27 -21.19
N GLN G 9 58.39 -65.56 -21.44
CA GLN G 9 58.15 -66.57 -20.39
C GLN G 9 59.16 -66.45 -19.27
N GLN G 10 60.41 -66.10 -19.60
CA GLN G 10 61.42 -65.94 -18.56
C GLN G 10 61.01 -64.89 -17.55
N LEU G 11 60.25 -63.88 -17.97
CA LEU G 11 59.75 -62.85 -17.06
C LEU G 11 58.37 -63.18 -16.51
N LEU G 12 57.57 -63.97 -17.23
CA LEU G 12 56.32 -64.46 -16.68
C LEU G 12 56.57 -65.33 -15.46
N GLN G 13 57.61 -66.16 -15.52
CA GLN G 13 58.00 -66.93 -14.34
C GLN G 13 58.38 -66.02 -13.19
N ALA G 14 59.11 -64.93 -13.49
CA ALA G 14 59.48 -63.98 -12.45
C ALA G 14 58.27 -63.33 -11.83
N GLU G 15 57.29 -62.94 -12.65
CA GLU G 15 56.08 -62.33 -12.12
C GLU G 15 55.28 -63.33 -11.28
N LYS G 16 55.20 -64.59 -11.73
CA LYS G 16 54.52 -65.61 -10.95
C LYS G 16 55.21 -65.81 -9.61
N ARG G 17 56.54 -65.83 -9.60
CA ARG G 17 57.27 -65.95 -8.34
C ARG G 17 57.03 -64.76 -7.44
N ALA G 18 57.00 -63.34 -8.11
CA ALA G 18 56.76 -62.06 -7.44
C ALA G 18 55.42 -62.07 -6.73
N ALA G 19 54.42 -62.71 -7.33
CA ALA G 19 53.14 -62.84 -6.65
C ALA G 19 53.16 -63.92 -5.58
N GLU G 20 53.83 -65.03 -5.86
CA GLU G 20 53.75 -66.20 -4.98
C GLU G 20 54.44 -65.94 -3.66
N LYS G 21 55.52 -65.18 -3.67
CA LYS G 21 56.21 -64.85 -2.44
C LYS G 21 55.28 -64.10 -1.50
N VAL G 22 54.54 -63.11 -2.02
CA VAL G 22 53.61 -62.36 -1.19
C VAL G 22 52.45 -63.23 -0.74
N ALA G 23 51.97 -64.12 -1.64
CA ALA G 23 50.88 -65.01 -1.25
C ALA G 23 51.29 -65.91 -0.09
N ASP G 24 52.47 -66.53 -0.19
CA ASP G 24 52.97 -67.35 0.90
C ASP G 24 53.24 -66.51 2.14
N ALA G 25 53.67 -65.26 1.96
CA ALA G 25 53.89 -64.38 3.09
C ALA G 25 52.60 -64.16 3.86
N ARG G 26 51.51 -63.89 3.13
CA ARG G 26 50.22 -63.69 3.78
C ARG G 26 49.76 -64.97 4.47
N LYS G 27 49.93 -66.12 3.81
CA LYS G 27 49.48 -67.38 4.40
C LYS G 27 50.24 -67.67 5.70
N ARG G 28 51.57 -67.59 5.65
CA ARG G 28 52.37 -67.81 6.84
C ARG G 28 52.09 -66.76 7.90
N LYS G 29 51.73 -65.54 7.48
CA LYS G 29 51.38 -64.52 8.45
C LYS G 29 50.10 -64.89 9.18
N ALA G 30 49.11 -65.41 8.46
CA ALA G 30 47.90 -65.87 9.12
C ALA G 30 48.21 -66.99 10.10
N ARG G 31 49.01 -67.96 9.66
CA ARG G 31 49.36 -69.08 10.54
C ARG G 31 50.10 -68.59 11.78
N ARG G 32 51.04 -67.65 11.59
CA ARG G 32 51.83 -67.14 12.71
C ARG G 32 50.97 -66.33 13.66
N LEU G 33 50.02 -65.56 13.13
CA LEU G 33 49.08 -64.84 13.99
C LEU G 33 48.29 -65.82 14.83
N LYS G 34 47.79 -66.89 14.22
CA LYS G 34 47.05 -67.90 14.97
C LYS G 34 47.93 -68.51 16.06
N GLN G 35 49.16 -68.88 15.71
CA GLN G 35 50.05 -69.52 16.68
C GLN G 35 50.41 -68.59 17.82
N ALA G 36 50.73 -67.33 17.52
CA ALA G 36 51.11 -66.38 18.56
C ALA G 36 49.92 -66.05 19.46
N LYS G 37 48.73 -65.89 18.88
CA LYS G 37 47.54 -65.68 19.70
C LYS G 37 47.28 -66.87 20.59
N GLU G 38 47.46 -68.09 20.06
CA GLU G 38 47.26 -69.29 20.87
C GLU G 38 48.26 -69.33 22.02
N GLU G 39 49.52 -69.01 21.74
CA GLU G 39 50.54 -69.07 22.79
C GLU G 39 50.30 -68.01 23.86
N ALA G 40 49.96 -66.78 23.45
CA ALA G 40 49.67 -65.74 24.42
C ALA G 40 48.42 -66.09 25.23
N GLN G 41 47.41 -66.66 24.57
CA GLN G 41 46.20 -67.08 25.28
C GLN G 41 46.52 -68.18 26.28
N MET G 42 47.36 -69.14 25.90
CA MET G 42 47.75 -70.19 26.83
C MET G 42 48.52 -69.62 28.01
N GLU G 43 49.42 -68.69 27.75
CA GLU G 43 50.17 -68.06 28.85
C GLU G 43 49.21 -67.33 29.80
N VAL G 44 48.30 -66.53 29.24
CA VAL G 44 47.36 -65.80 30.06
C VAL G 44 46.49 -66.76 30.85
N GLU G 45 46.07 -67.85 30.20
CA GLU G 45 45.16 -68.80 30.85
C GLU G 45 45.86 -69.55 31.96
N GLN G 46 47.12 -69.95 31.76
CA GLN G 46 47.87 -70.60 32.83
C GLN G 46 48.10 -69.64 33.98
N TYR G 47 48.44 -68.39 33.67
CA TYR G 47 48.61 -67.40 34.74
C TYR G 47 47.31 -67.21 35.51
N ARG G 48 46.20 -67.12 34.80
CA ARG G 48 44.90 -66.94 35.44
C ARG G 48 44.49 -68.15 36.26
N ARG G 49 44.77 -69.36 35.79
CA ARG G 49 44.46 -70.55 36.58
C ARG G 49 45.30 -70.59 37.84
N GLU G 50 46.58 -70.24 37.74
CA GLU G 50 47.42 -70.18 38.93
C GLU G 50 46.89 -69.14 39.90
N ARG G 51 46.48 -67.98 39.39
CA ARG G 51 45.91 -66.95 40.26
C ARG G 51 44.62 -67.42 40.90
N GLU G 52 43.79 -68.17 40.16
CA GLU G 52 42.54 -68.67 40.72
C GLU G 52 42.81 -69.66 41.84
N GLN G 53 43.75 -70.58 41.62
CA GLN G 53 44.08 -71.54 42.67
C GLN G 53 44.61 -70.83 43.91
N GLU G 54 45.51 -69.86 43.70
CA GLU G 54 46.04 -69.11 44.83
C GLU G 54 44.92 -68.36 45.55
N PHE G 55 44.00 -67.76 44.78
CA PHE G 55 42.90 -67.01 45.39
C PHE G 55 42.00 -67.93 46.20
N GLN G 56 41.71 -69.12 45.67
CA GLN G 56 40.88 -70.07 46.41
C GLN G 56 41.54 -70.49 47.71
N SER G 57 42.84 -70.82 47.63
CA SER G 57 43.56 -71.22 48.84
C SER G 57 43.58 -70.09 49.86
N LYS G 58 43.85 -68.87 49.39
CA LYS G 58 43.92 -67.72 50.29
C LYS G 58 42.55 -67.42 50.91
N GLN G 59 41.49 -67.52 50.11
CA GLN G 59 40.15 -67.31 50.63
C GLN G 59 39.82 -68.37 51.67
N GLN G 60 40.20 -69.61 51.43
CA GLN G 60 39.96 -70.67 52.42
C GLN G 60 40.71 -70.38 53.71
N ALA G 61 41.98 -69.95 53.61
CA ALA G 61 42.74 -69.64 54.81
C ALA G 61 42.14 -68.46 55.56
N ALA G 62 41.75 -67.41 54.84
CA ALA G 62 41.11 -66.27 55.50
C ALA G 62 39.76 -66.64 56.08
N MET G 63 39.12 -67.68 55.53
CA MET G 63 37.89 -68.18 56.13
C MET G 63 38.15 -68.68 57.54
N GLY G 64 39.22 -69.46 57.73
CA GLY G 64 39.60 -69.86 59.07
C GLY G 64 40.06 -68.68 59.91
N SER G 65 40.72 -67.72 59.28
CA SER G 65 41.17 -66.54 60.01
C SER G 65 39.99 -65.79 60.63
N GLN G 66 38.93 -65.58 59.85
CA GLN G 66 37.72 -64.96 60.37
C GLN G 66 36.90 -65.90 61.25
N GLY G 67 37.05 -67.21 61.07
CA GLY G 67 36.49 -68.13 62.04
C GLY G 67 37.13 -67.98 63.40
N ASN G 68 38.41 -67.58 63.42
CA ASN G 68 39.04 -67.26 64.70
C ASN G 68 38.31 -66.10 65.37
N LEU G 69 37.99 -65.05 64.62
CA LEU G 69 37.22 -63.96 65.18
C LEU G 69 35.81 -64.40 65.54
N SER G 70 35.25 -65.37 64.81
CA SER G 70 33.97 -65.94 65.20
C SER G 70 34.03 -66.61 66.57
N ALA G 71 35.06 -67.42 66.79
CA ALA G 71 35.24 -68.03 68.10
C ALA G 71 35.47 -66.96 69.16
N GLU G 72 36.16 -65.88 68.80
CA GLU G 72 36.35 -64.78 69.74
C GLU G 72 35.02 -64.13 70.09
N VAL G 73 34.15 -63.94 69.10
CA VAL G 73 32.83 -63.38 69.38
C VAL G 73 32.04 -64.30 70.29
N GLU G 74 32.14 -65.61 70.06
CA GLU G 74 31.55 -66.56 70.99
C GLU G 74 32.09 -66.36 72.41
N GLN G 75 33.42 -66.26 72.55
CA GLN G 75 33.98 -66.06 73.87
C GLN G 75 33.51 -64.75 74.48
N ALA G 76 33.32 -63.72 73.66
CA ALA G 76 32.83 -62.44 74.17
C ALA G 76 31.41 -62.60 74.68
N THR G 77 30.59 -63.35 73.96
CA THR G 77 29.25 -63.66 74.48
C THR G 77 29.36 -64.34 75.83
N ARG G 78 30.27 -65.32 75.93
CA ARG G 78 30.41 -66.04 77.20
C ARG G 78 30.82 -65.09 78.32
N ARG G 79 31.76 -64.19 78.04
CA ARG G 79 32.21 -63.25 79.05
C ARG G 79 31.07 -62.34 79.49
N GLN G 80 30.30 -61.84 78.53
CA GLN G 80 29.17 -60.99 78.89
C GLN G 80 28.14 -61.76 79.72
N VAL G 81 27.89 -63.02 79.37
CA VAL G 81 26.95 -63.81 80.14
C VAL G 81 27.44 -63.99 81.57
N GLN G 82 28.74 -64.30 81.74
CA GLN G 82 29.26 -64.46 83.08
C GLN G 82 29.17 -63.17 83.86
N GLY G 83 29.48 -62.04 83.22
CA GLY G 83 29.33 -60.77 83.89
C GLY G 83 27.90 -60.52 84.32
N MET G 84 26.94 -60.84 83.45
CA MET G 84 25.54 -60.68 83.81
C MET G 84 25.21 -61.53 85.03
N GLN G 85 25.64 -62.78 85.03
CA GLN G 85 25.31 -63.65 86.15
C GLN G 85 25.91 -63.12 87.45
N SER G 86 27.16 -62.67 87.42
CA SER G 86 27.79 -62.18 88.63
C SER G 86 27.10 -60.92 89.12
N SER G 87 26.81 -59.99 88.21
CA SER G 87 26.17 -58.75 88.60
C SER G 87 24.81 -59.03 89.22
N GLN G 88 24.04 -59.96 88.64
CA GLN G 88 22.81 -60.39 89.28
C GLN G 88 23.08 -60.90 90.69
N GLN G 89 23.88 -61.96 90.80
CA GLN G 89 24.19 -62.56 92.09
C GLN G 89 24.49 -61.50 93.14
N ARG G 90 25.14 -60.40 92.74
CA ARG G 90 25.50 -59.39 93.74
C ARG G 90 24.27 -58.80 94.41
N ASN G 91 23.23 -58.46 93.63
CA ASN G 91 22.10 -57.70 94.15
C ASN G 91 20.81 -58.51 94.27
N ARG G 92 20.85 -59.81 93.97
CA ARG G 92 19.64 -60.62 93.97
C ARG G 92 18.92 -60.53 95.29
N GLU G 93 19.64 -60.67 96.40
CA GLU G 93 18.97 -60.72 97.70
C GLU G 93 18.18 -59.46 97.96
N ARG G 94 18.81 -58.30 97.74
CA ARG G 94 18.12 -57.06 98.07
C ARG G 94 16.97 -56.79 97.12
N VAL G 95 17.12 -57.14 95.83
CA VAL G 95 16.01 -56.93 94.90
C VAL G 95 14.82 -57.81 95.29
N LEU G 96 15.08 -59.07 95.62
CA LEU G 96 13.98 -59.95 96.02
C LEU G 96 13.33 -59.46 97.30
N THR G 97 14.13 -59.08 98.29
CA THR G 97 13.55 -58.60 99.54
C THR G 97 12.65 -57.41 99.29
N GLN G 98 13.12 -56.42 98.53
CA GLN G 98 12.30 -55.24 98.28
C GLN G 98 11.05 -55.61 97.50
N LEU G 99 11.16 -56.48 96.50
CA LEU G 99 10.02 -56.83 95.68
C LEU G 99 8.95 -57.52 96.52
N LEU G 100 9.33 -58.56 97.26
CA LEU G 100 8.38 -59.25 98.13
C LEU G 100 7.79 -58.29 99.16
N GLY G 101 8.62 -57.47 99.79
CA GLY G 101 8.11 -56.57 100.81
C GLY G 101 7.04 -55.65 100.26
N MET G 102 7.30 -55.03 99.12
CA MET G 102 6.29 -54.11 98.61
C MET G 102 5.10 -54.86 98.04
N VAL G 103 5.26 -56.14 97.71
CA VAL G 103 4.10 -56.96 97.38
C VAL G 103 3.20 -57.12 98.59
N CYS G 104 3.78 -57.43 99.75
CA CYS G 104 2.95 -57.60 100.94
C CYS G 104 2.34 -56.29 101.40
N ASP G 105 3.00 -55.17 101.14
CA ASP G 105 2.45 -53.86 101.50
C ASP G 105 1.26 -53.57 100.59
N VAL G 106 0.06 -53.62 101.14
CA VAL G 106 -1.15 -53.41 100.37
C VAL G 106 -1.63 -51.97 100.53
N ILE H 18 20.78 66.09 9.58
CA ILE H 18 21.09 67.40 10.14
C ILE H 18 21.21 67.32 11.67
N ILE H 19 20.68 66.24 12.25
CA ILE H 19 20.71 66.09 13.70
C ILE H 19 22.15 65.98 14.19
N ALA H 20 22.95 65.15 13.52
CA ALA H 20 24.34 64.98 13.93
C ALA H 20 25.12 66.29 13.77
N ALA H 21 24.89 67.01 12.68
CA ALA H 21 25.56 68.30 12.49
C ALA H 21 25.17 69.28 13.57
N LYS H 22 23.87 69.31 13.93
CA LYS H 22 23.43 70.18 15.01
C LYS H 22 24.10 69.81 16.32
N ALA H 23 24.20 68.51 16.61
CA ALA H 23 24.85 68.07 17.83
C ALA H 23 26.31 68.48 17.86
N ALA H 24 27.01 68.30 16.74
CA ALA H 24 28.43 68.68 16.69
C ALA H 24 28.60 70.18 16.87
N GLU H 25 27.75 70.98 16.22
CA GLU H 25 27.82 72.43 16.38
C GLU H 25 27.54 72.85 17.82
N VAL H 26 26.56 72.23 18.46
CA VAL H 26 26.26 72.55 19.85
C VAL H 26 27.43 72.19 20.76
N ARG H 27 28.00 71.00 20.54
CA ARG H 27 29.13 70.57 21.36
C ARG H 27 30.32 71.52 21.21
N ALA H 28 30.64 71.90 19.97
CA ALA H 28 31.74 72.83 19.75
C ALA H 28 31.44 74.18 20.37
N ASN H 29 30.21 74.67 20.22
CA ASN H 29 29.83 76.00 20.69
C ASN H 29 29.47 75.93 22.18
N LYS H 30 30.51 76.01 23.01
CA LYS H 30 30.31 76.07 24.45
C LYS H 30 30.15 77.52 24.89
N VAL H 31 29.17 77.73 25.78
CA VAL H 31 28.84 79.06 26.27
C VAL H 31 28.97 79.06 27.79
N ASN H 32 29.63 80.10 28.30
CA ASN H 32 29.88 80.18 29.73
C ASN H 32 28.56 80.19 30.50
N TRP H 33 28.49 79.35 31.54
CA TRP H 33 27.32 79.30 32.41
C TRP H 33 27.41 80.26 33.58
N GLN H 34 28.49 81.05 33.67
CA GLN H 34 28.60 82.03 34.74
C GLN H 34 27.76 83.27 34.50
N SER H 35 27.35 83.52 33.25
CA SER H 35 26.49 84.67 32.97
C SER H 35 25.14 84.53 33.66
N TYR H 36 24.57 83.33 33.63
CA TYR H 36 23.31 83.10 34.33
C TYR H 36 23.45 83.29 35.83
N LEU H 37 24.56 82.82 36.41
CA LEU H 37 24.79 83.02 37.83
C LEU H 37 24.95 84.51 38.15
N GLN H 38 25.60 85.26 37.27
CA GLN H 38 25.74 86.70 37.47
C GLN H 38 24.37 87.37 37.47
N GLY H 39 23.47 86.93 36.59
CA GLY H 39 22.12 87.47 36.57
C GLY H 39 21.21 86.90 37.63
N GLN H 40 21.69 85.97 38.46
CA GLN H 40 20.89 85.35 39.51
C GLN H 40 19.73 84.54 38.92
N MET H 41 19.82 84.21 37.63
CA MET H 41 18.77 83.42 36.99
C MET H 41 18.90 81.94 37.30
N ILE H 42 20.02 81.51 37.86
CA ILE H 42 20.26 80.11 38.19
C ILE H 42 20.83 80.03 39.60
N SER H 43 20.72 78.84 40.19
CA SER H 43 21.31 78.59 41.49
C SER H 43 22.82 78.45 41.36
N ALA H 44 23.53 78.92 42.39
CA ALA H 44 24.99 78.82 42.38
C ALA H 44 25.43 77.36 42.35
N GLU H 45 24.74 76.49 43.08
CA GLU H 45 25.10 75.08 43.09
C GLU H 45 24.96 74.46 41.70
N ASP H 46 23.90 74.84 40.98
CA ASP H 46 23.72 74.33 39.62
C ASP H 46 24.87 74.75 38.73
N CYS H 47 25.29 76.02 38.82
CA CYS H 47 26.40 76.49 38.01
C CYS H 47 27.69 75.76 38.37
N GLU H 48 27.94 75.57 39.67
CA GLU H 48 29.17 74.88 40.08
C GLU H 48 29.18 73.44 39.56
N PHE H 49 28.05 72.74 39.69
CA PHE H 49 27.97 71.36 39.19
C PHE H 49 28.16 71.31 37.69
N ILE H 50 27.54 72.25 36.96
CA ILE H 50 27.69 72.27 35.51
C ILE H 50 29.14 72.51 35.13
N GLN H 51 29.81 73.45 35.80
CA GLN H 51 31.21 73.71 35.52
C GLN H 51 32.07 72.49 35.81
N ARG H 52 31.81 71.81 36.93
CA ARG H 52 32.58 70.62 37.27
C ARG H 52 32.39 69.52 36.23
N PHE H 53 31.14 69.30 35.80
CA PHE H 53 30.89 68.28 34.79
C PHE H 53 31.55 68.65 33.46
N GLU H 54 31.49 69.92 33.07
CA GLU H 54 32.15 70.36 31.84
C GLU H 54 33.65 70.14 31.92
N MET H 55 34.25 70.46 33.07
CA MET H 55 35.67 70.19 33.28
C MET H 55 35.95 68.71 33.51
N LYS H 56 34.95 67.93 33.89
CA LYS H 56 35.10 66.50 34.11
C LYS H 56 34.53 65.76 32.90
N ARG H 57 35.41 65.52 31.92
CA ARG H 57 35.03 64.82 30.70
C ARG H 57 35.42 63.34 30.71
N CYS H 58 36.39 62.95 31.54
CA CYS H 58 36.80 61.56 31.60
C CYS H 58 35.66 60.70 32.14
N SER H 59 35.64 59.44 31.69
CA SER H 59 34.57 58.53 32.10
C SER H 59 34.55 58.37 33.62
N GLU H 60 35.72 58.16 34.22
CA GLU H 60 35.78 58.03 35.67
C GLU H 60 35.34 59.30 36.37
N GLU H 61 35.81 60.46 35.89
CA GLU H 61 35.44 61.72 36.51
C GLU H 61 33.95 61.98 36.38
N LYS H 62 33.40 61.76 35.18
CA LYS H 62 31.97 61.99 34.98
C LYS H 62 31.13 61.05 35.85
N GLN H 63 31.52 59.78 35.91
CA GLN H 63 30.78 58.82 36.73
C GLN H 63 30.84 59.20 38.20
N GLU H 64 32.03 59.58 38.69
CA GLU H 64 32.16 59.97 40.09
C GLU H 64 31.31 61.20 40.39
N MET H 65 31.35 62.21 39.51
CA MET H 65 30.57 63.42 39.75
C MET H 65 29.08 63.10 39.75
N LEU H 66 28.63 62.25 38.82
CA LEU H 66 27.21 61.88 38.79
C LEU H 66 26.82 61.14 40.06
N GLN H 67 27.65 60.21 40.52
CA GLN H 67 27.33 59.46 41.73
C GLN H 67 27.28 60.36 42.96
N THR H 68 28.23 61.28 43.08
CA THR H 68 28.26 62.16 44.24
C THR H 68 27.17 63.23 44.16
N GLU H 69 26.82 63.66 42.95
CA GLU H 69 25.82 64.69 42.72
C GLU H 69 24.77 64.23 41.73
N GLY H 70 24.21 63.03 41.95
CA GLY H 70 23.19 62.54 41.04
C GLY H 70 21.94 63.39 41.06
N SER H 71 21.45 63.73 42.25
CA SER H 71 20.25 64.55 42.36
C SER H 71 20.50 65.97 41.87
N GLN H 72 21.69 66.50 42.15
CA GLN H 72 22.00 67.87 41.76
C GLN H 72 22.09 68.03 40.25
N CYS H 73 22.50 67.00 39.53
CA CYS H 73 22.74 67.10 38.10
C CYS H 73 21.47 67.49 37.33
N ALA H 74 20.44 66.66 37.44
CA ALA H 74 19.19 66.93 36.72
C ALA H 74 18.54 68.21 37.21
N LYS H 75 18.63 68.50 38.50
CA LYS H 75 18.05 69.74 39.02
C LYS H 75 18.72 70.96 38.39
N THR H 76 20.05 70.96 38.34
CA THR H 76 20.76 72.08 37.72
C THR H 76 20.45 72.19 36.25
N PHE H 77 20.41 71.04 35.55
CA PHE H 77 20.10 71.06 34.13
C PHE H 77 18.72 71.66 33.89
N ILE H 78 17.73 71.21 34.67
CA ILE H 78 16.37 71.72 34.50
C ILE H 78 16.30 73.21 34.81
N ASN H 79 16.96 73.63 35.89
CA ASN H 79 16.93 75.04 36.26
C ASN H 79 17.52 75.91 35.16
N LEU H 80 18.69 75.53 34.65
CA LEU H 80 19.34 76.32 33.61
C LEU H 80 18.51 76.32 32.33
N MET H 81 17.98 75.16 31.94
CA MET H 81 17.22 75.08 30.69
C MET H 81 15.93 75.90 30.77
N THR H 82 15.20 75.77 31.89
CA THR H 82 13.92 76.47 31.99
C THR H 82 14.12 77.97 32.20
N HIS H 83 15.02 78.35 33.11
CA HIS H 83 15.21 79.76 33.43
C HIS H 83 15.87 80.52 32.29
N ILE H 84 16.84 79.90 31.62
CA ILE H 84 17.62 80.58 30.59
C ILE H 84 16.81 80.60 29.30
N SER H 85 16.63 81.80 28.75
CA SER H 85 15.97 81.96 27.45
C SER H 85 16.91 81.69 26.29
N LYS H 86 18.22 81.81 26.51
CA LYS H 86 19.19 81.59 25.43
C LYS H 86 19.15 80.14 24.96
N GLU H 87 19.13 79.96 23.64
CA GLU H 87 19.10 78.61 23.08
C GLU H 87 20.45 77.91 23.16
N GLN H 88 21.54 78.67 23.28
CA GLN H 88 22.86 78.06 23.30
C GLN H 88 23.04 77.17 24.53
N THR H 89 22.69 77.68 25.70
CA THR H 89 22.84 76.89 26.92
C THR H 89 21.95 75.66 26.90
N VAL H 90 20.71 75.81 26.43
CA VAL H 90 19.79 74.68 26.36
C VAL H 90 20.34 73.62 25.41
N GLN H 91 20.84 74.05 24.25
CA GLN H 91 21.41 73.11 23.30
C GLN H 91 22.62 72.40 23.89
N TYR H 92 23.48 73.13 24.59
CA TYR H 92 24.66 72.52 25.18
C TYR H 92 24.28 71.49 26.24
N ILE H 93 23.31 71.83 27.09
CA ILE H 93 22.88 70.91 28.13
C ILE H 93 22.24 69.66 27.52
N LEU H 94 21.39 69.85 26.52
CA LEU H 94 20.77 68.70 25.85
C LEU H 94 21.83 67.83 25.20
N THR H 95 22.83 68.45 24.56
CA THR H 95 23.89 67.68 23.92
C THR H 95 24.70 66.91 24.95
N MET H 96 25.00 67.52 26.09
CA MET H 96 25.73 66.81 27.14
C MET H 96 24.93 65.62 27.66
N VAL H 97 23.63 65.81 27.90
CA VAL H 97 22.80 64.71 28.38
C VAL H 97 22.75 63.59 27.35
N ASP H 98 22.58 63.95 26.07
CA ASP H 98 22.54 62.94 25.02
C ASP H 98 23.87 62.21 24.93
N ASP H 99 24.98 62.92 25.07
CA ASP H 99 26.28 62.26 25.06
C ASP H 99 26.40 61.30 26.22
N MET H 100 25.93 61.70 27.40
CA MET H 100 26.00 60.83 28.56
C MET H 100 25.18 59.56 28.31
N LEU H 101 23.98 59.72 27.76
CA LEU H 101 23.15 58.56 27.46
C LEU H 101 23.79 57.66 26.42
N GLN H 102 24.42 58.25 25.40
CA GLN H 102 25.01 57.47 24.31
C GLN H 102 26.24 56.71 24.78
N GLU H 103 27.12 57.36 25.53
CA GLU H 103 28.30 56.65 26.05
C GLU H 103 27.88 55.49 26.94
N ASN H 104 26.83 55.69 27.72
CA ASN H 104 26.26 54.62 28.55
C ASN H 104 24.79 54.91 28.73
N HIS H 105 23.94 54.10 28.11
CA HIS H 105 22.50 54.31 28.24
C HIS H 105 22.02 54.14 29.68
N GLN H 106 22.82 53.52 30.55
CA GLN H 106 22.41 53.29 31.92
C GLN H 106 22.35 54.57 32.74
N ARG H 107 23.13 55.59 32.38
CA ARG H 107 23.13 56.84 33.14
C ARG H 107 21.73 57.37 33.41
N VAL H 108 20.75 56.97 32.59
CA VAL H 108 19.37 57.38 32.82
C VAL H 108 18.97 57.25 34.27
N SER H 109 19.43 56.21 34.96
CA SER H 109 19.00 55.98 36.34
C SER H 109 19.20 57.23 37.18
N ILE H 110 20.34 57.90 37.03
CA ILE H 110 20.61 59.08 37.86
C ILE H 110 19.48 60.09 37.71
N PHE H 111 19.09 60.39 36.47
CA PHE H 111 18.00 61.33 36.25
C PHE H 111 16.75 60.87 36.98
N PHE H 112 16.41 59.59 36.85
CA PHE H 112 15.26 59.06 37.59
C PHE H 112 15.40 59.32 39.07
N ASP H 113 16.59 59.08 39.63
CA ASP H 113 16.81 59.37 41.04
C ASP H 113 16.45 60.80 41.35
N TYR H 114 16.85 61.74 40.49
CA TYR H 114 16.48 63.14 40.68
C TYR H 114 14.97 63.29 40.77
N ALA H 115 14.25 62.70 39.81
CA ALA H 115 12.79 62.72 39.86
C ALA H 115 12.30 62.07 41.14
N LYS H 116 12.98 60.99 41.57
CA LYS H 116 12.64 60.38 42.84
C LYS H 116 12.88 61.35 44.00
N ARG H 117 13.99 62.08 43.96
CA ARG H 117 14.27 63.06 45.00
C ARG H 117 13.27 64.21 44.96
N SER H 118 12.81 64.58 43.76
CA SER H 118 11.84 65.65 43.59
C SER H 118 10.40 65.18 43.80
N LYS H 119 10.18 63.89 44.03
CA LYS H 119 8.84 63.36 44.28
C LYS H 119 7.89 63.75 43.15
N SER H 120 8.39 63.72 41.92
CA SER H 120 7.60 64.10 40.76
C SER H 120 8.12 63.35 39.54
N THR H 121 7.26 63.19 38.55
CA THR H 121 7.68 62.59 37.30
C THR H 121 8.58 63.55 36.52
N ALA H 122 9.57 62.97 35.85
CA ALA H 122 10.52 63.78 35.10
C ALA H 122 9.91 64.39 33.84
N TRP H 123 8.79 63.85 33.38
CA TRP H 123 8.17 64.39 32.17
C TRP H 123 7.77 65.85 32.36
N PRO H 124 7.10 66.24 33.45
CA PRO H 124 6.67 67.63 33.56
C PRO H 124 7.79 68.64 33.47
N TYR H 125 8.97 68.31 33.98
CA TYR H 125 10.10 69.24 33.92
C TYR H 125 10.53 69.55 32.50
N PHE H 126 10.14 68.72 31.52
CA PHE H 126 10.55 68.91 30.14
C PHE H 126 9.39 69.02 29.16
N LEU H 127 8.18 68.58 29.52
CA LEU H 127 7.07 68.66 28.57
C LEU H 127 6.89 70.07 28.02
N PRO H 128 6.88 71.13 28.83
CA PRO H 128 6.90 72.47 28.25
C PRO H 128 8.14 72.74 27.41
N MET H 129 9.25 72.08 27.73
CA MET H 129 10.48 72.31 26.96
C MET H 129 10.29 71.96 25.49
N LEU H 130 9.41 71.00 25.19
CA LEU H 130 9.15 70.65 23.79
C LEU H 130 8.58 71.81 23.00
N ASN H 131 7.99 72.79 23.68
CA ASN H 131 7.46 73.98 23.03
C ASN H 131 8.51 75.07 22.85
N ARG H 132 9.76 74.78 23.18
CA ARG H 132 10.82 75.76 23.02
C ARG H 132 11.01 76.11 21.55
N GLN H 133 11.62 77.27 21.31
CA GLN H 133 11.74 77.76 19.94
C GLN H 133 12.64 76.86 19.11
N ASP H 134 13.80 76.50 19.62
CA ASP H 134 14.78 75.78 18.82
C ASP H 134 14.28 74.39 18.47
N PRO H 135 14.09 74.06 17.19
CA PRO H 135 13.71 72.68 16.86
C PRO H 135 14.72 71.65 17.34
N PHE H 136 16.01 71.99 17.25
CA PHE H 136 17.04 71.06 17.73
C PHE H 136 16.89 70.81 19.22
N THR H 137 16.62 71.86 20.00
CA THR H 137 16.46 71.69 21.44
C THR H 137 15.27 70.79 21.73
N VAL H 138 14.15 71.02 21.05
CA VAL H 138 12.96 70.23 21.29
C VAL H 138 13.21 68.77 20.95
N HIS H 139 13.86 68.53 19.80
CA HIS H 139 14.14 67.15 19.40
C HIS H 139 15.09 66.46 20.38
N MET H 140 16.12 67.17 20.85
CA MET H 140 17.04 66.59 21.81
C MET H 140 16.31 66.25 23.11
N ALA H 141 15.46 67.15 23.59
CA ALA H 141 14.70 66.87 24.80
C ALA H 141 13.78 65.67 24.59
N ALA H 142 13.14 65.59 23.43
CA ALA H 142 12.27 64.45 23.15
C ALA H 142 13.05 63.15 23.15
N ARG H 143 14.24 63.16 22.54
CA ARG H 143 15.08 61.97 22.54
C ARG H 143 15.47 61.58 23.96
N ILE H 144 15.81 62.57 24.79
CA ILE H 144 16.17 62.27 26.18
C ILE H 144 15.00 61.64 26.90
N ILE H 145 13.80 62.21 26.74
CA ILE H 145 12.63 61.66 27.41
C ILE H 145 12.38 60.24 26.92
N ALA H 146 12.51 60.01 25.62
CA ALA H 146 12.24 58.70 25.07
C ALA H 146 13.22 57.67 25.64
N LYS H 147 14.51 57.99 25.65
CA LYS H 147 15.50 57.05 26.16
C LYS H 147 15.26 56.77 27.64
N LEU H 148 14.97 57.83 28.41
CA LEU H 148 14.71 57.66 29.83
C LEU H 148 13.52 56.73 30.05
N ALA H 149 12.47 56.90 29.26
CA ALA H 149 11.32 56.00 29.37
C ALA H 149 11.73 54.58 29.02
N ALA H 150 12.48 54.41 27.94
CA ALA H 150 12.75 53.07 27.43
C ALA H 150 13.61 52.27 28.39
N TRP H 151 14.67 52.87 28.90
CA TRP H 151 15.62 52.14 29.74
C TRP H 151 15.26 52.17 31.23
N GLY H 152 14.28 52.98 31.63
CA GLY H 152 13.91 53.08 33.02
C GLY H 152 12.83 52.10 33.41
N LYS H 153 12.43 52.17 34.68
CA LYS H 153 11.30 51.40 35.18
C LYS H 153 9.99 52.17 35.13
N GLU H 154 10.00 53.40 34.64
CA GLU H 154 8.81 54.25 34.64
C GLU H 154 8.09 54.13 33.31
N LEU H 155 6.87 53.60 33.34
CA LEU H 155 6.03 53.50 32.15
C LEU H 155 5.22 54.79 32.06
N MET H 156 5.63 55.67 31.15
CA MET H 156 4.96 56.96 31.03
C MET H 156 3.48 56.78 30.78
N GLU H 157 2.66 57.54 31.50
CA GLU H 157 1.21 57.45 31.38
C GLU H 157 0.60 58.75 31.85
N GLY H 158 -0.70 58.87 31.63
CA GLY H 158 -1.43 60.04 32.08
C GLY H 158 -1.42 61.16 31.06
N SER H 159 -1.99 62.29 31.48
CA SER H 159 -2.13 63.43 30.58
C SER H 159 -0.79 63.83 29.99
N ASP H 160 0.29 63.71 30.76
CA ASP H 160 1.61 64.00 30.21
C ASP H 160 1.95 63.05 29.08
N LEU H 161 1.66 61.75 29.25
CA LEU H 161 1.93 60.79 28.20
C LEU H 161 1.11 61.09 26.95
N ASN H 162 -0.16 61.40 27.13
CA ASN H 162 -1.01 61.73 25.99
C ASN H 162 -0.50 62.98 25.29
N TYR H 163 -0.10 63.99 26.05
CA TYR H 163 0.41 65.22 25.43
C TYR H 163 1.71 64.96 24.69
N TYR H 164 2.58 64.12 25.24
CA TYR H 164 3.82 63.79 24.54
C TYR H 164 3.53 63.07 23.23
N PHE H 165 2.61 62.11 23.26
CA PHE H 165 2.23 61.42 22.04
C PHE H 165 1.62 62.41 21.04
N ASN H 166 0.84 63.37 21.53
CA ASN H 166 0.24 64.36 20.65
C ASN H 166 1.30 65.28 20.05
N TRP H 167 2.32 65.62 20.82
CA TRP H 167 3.42 66.43 20.28
C TRP H 167 4.18 65.67 19.21
N ILE H 168 4.44 64.38 19.45
CA ILE H 168 5.05 63.56 18.41
C ILE H 168 4.17 63.51 17.19
N LYS H 169 2.85 63.39 17.39
CA LYS H 169 1.92 63.36 16.27
C LYS H 169 1.97 64.67 15.51
N THR H 170 2.07 65.79 16.22
CA THR H 170 2.15 67.08 15.54
C THR H 170 3.43 67.18 14.72
N GLN H 171 4.55 66.75 15.30
CA GLN H 171 5.80 66.76 14.55
C GLN H 171 5.67 65.91 13.29
N LEU H 172 5.04 64.73 13.41
CA LEU H 172 4.81 63.90 12.25
C LEU H 172 3.92 64.61 11.23
N SER H 173 2.88 65.29 11.71
CA SER H 173 2.03 66.08 10.83
C SER H 173 2.82 67.17 10.12
N SER H 174 3.95 67.59 10.69
CA SER H 174 4.80 68.56 10.03
C SER H 174 5.20 68.11 8.63
N GLN H 175 5.31 66.81 8.41
CA GLN H 175 5.65 66.29 7.09
C GLN H 175 4.38 66.03 6.28
N SER H 192 15.45 67.62 3.79
CA SER H 192 14.33 68.26 4.48
C SER H 192 14.59 68.34 5.97
N ASP H 193 14.93 69.54 6.46
CA ASP H 193 15.13 69.72 7.89
C ASP H 193 13.90 69.27 8.67
N SER H 194 12.72 69.50 8.12
CA SER H 194 11.50 68.92 8.70
C SER H 194 11.58 67.40 8.67
N SER H 195 12.06 66.84 7.56
CA SER H 195 12.23 65.39 7.48
C SER H 195 13.28 64.91 8.49
N GLN H 196 14.38 65.65 8.65
CA GLN H 196 15.39 65.25 9.61
C GLN H 196 14.84 65.26 11.03
N TYR H 197 14.08 66.29 11.40
CA TYR H 197 13.45 66.32 12.72
C TYR H 197 12.44 65.19 12.87
N VAL H 198 11.69 64.90 11.81
CA VAL H 198 10.80 63.76 11.83
C VAL H 198 11.57 62.48 12.07
N GLN H 199 12.82 62.41 11.61
CA GLN H 199 13.63 61.22 11.86
C GLN H 199 13.88 61.04 13.35
N CYS H 200 14.23 62.13 14.05
CA CYS H 200 14.43 62.03 15.49
C CYS H 200 13.13 61.65 16.19
N VAL H 201 12.02 62.24 15.75
CA VAL H 201 10.73 61.89 16.32
C VAL H 201 10.47 60.41 16.14
N ALA H 202 10.76 59.89 14.95
CA ALA H 202 10.54 58.48 14.67
C ALA H 202 11.46 57.60 15.50
N GLY H 203 12.69 58.04 15.75
CA GLY H 203 13.57 57.27 16.62
C GLY H 203 13.02 57.19 18.02
N CYS H 204 12.53 58.30 18.54
CA CYS H 204 11.86 58.26 19.84
C CYS H 204 10.65 57.34 19.80
N LEU H 205 9.92 57.36 18.69
CA LEU H 205 8.76 56.47 18.56
C LEU H 205 9.17 55.01 18.60
N GLN H 206 10.26 54.67 17.91
CA GLN H 206 10.77 53.31 17.92
C GLN H 206 11.19 52.91 19.33
N LEU H 207 11.87 53.82 20.03
CA LEU H 207 12.28 53.53 21.40
C LEU H 207 11.07 53.28 22.30
N MET H 208 10.03 54.10 22.15
CA MET H 208 8.84 53.92 22.99
C MET H 208 8.13 52.62 22.67
N LEU H 209 7.86 52.37 21.38
CA LEU H 209 7.10 51.19 21.01
C LEU H 209 7.79 49.90 21.40
N ARG H 210 9.12 49.93 21.58
CA ARG H 210 9.83 48.71 21.92
C ARG H 210 9.31 48.09 23.21
N VAL H 211 8.74 48.91 24.09
CA VAL H 211 8.16 48.42 25.34
C VAL H 211 6.79 47.83 25.04
N ASN H 212 6.33 46.95 25.94
CA ASN H 212 5.04 46.28 25.71
C ASN H 212 3.87 47.24 25.93
N GLU H 213 3.90 48.03 27.00
CA GLU H 213 2.74 48.84 27.35
C GLU H 213 2.56 50.00 26.39
N TYR H 214 3.65 50.70 26.08
CA TYR H 214 3.55 51.82 25.14
C TYR H 214 2.98 51.36 23.81
N ARG H 215 3.12 50.07 23.48
CA ARG H 215 2.52 49.57 22.24
C ARG H 215 1.02 49.75 22.26
N PHE H 216 0.36 49.26 23.31
CA PHE H 216 -1.08 49.46 23.42
C PHE H 216 -1.41 50.94 23.58
N ALA H 217 -0.52 51.69 24.22
CA ALA H 217 -0.75 53.12 24.38
C ALA H 217 -0.86 53.81 23.03
N TRP H 218 0.10 53.53 22.13
CA TRP H 218 0.08 54.14 20.81
C TRP H 218 -1.06 53.58 19.97
N VAL H 219 -1.39 52.30 20.14
CA VAL H 219 -2.47 51.70 19.37
C VAL H 219 -3.80 52.37 19.72
N GLU H 220 -4.08 52.55 21.02
CA GLU H 220 -5.33 53.18 21.42
C GLU H 220 -5.47 54.56 20.79
N ALA H 221 -4.38 55.33 20.78
CA ALA H 221 -4.38 56.60 20.08
C ALA H 221 -4.43 56.35 18.57
N ASP H 222 -4.68 57.43 17.83
CA ASP H 222 -4.79 57.38 16.37
C ASP H 222 -3.43 57.41 15.69
N GLY H 223 -2.37 56.98 16.38
CA GLY H 223 -1.04 57.02 15.79
C GLY H 223 -0.91 56.14 14.56
N VAL H 224 -1.63 55.01 14.52
CA VAL H 224 -1.53 54.12 13.37
C VAL H 224 -1.98 54.83 12.11
N ASN H 225 -3.10 55.55 12.19
CA ASN H 225 -3.59 56.30 11.03
C ASN H 225 -2.58 57.37 10.63
N CYS H 226 -1.99 58.05 11.60
CA CYS H 226 -1.00 59.08 11.29
C CYS H 226 0.21 58.49 10.58
N ILE H 227 0.69 57.33 11.05
CA ILE H 227 1.85 56.69 10.42
C ILE H 227 1.50 56.26 9.01
N MET H 228 0.31 55.67 8.83
CA MET H 228 -0.09 55.26 7.50
C MET H 228 -0.19 56.45 6.56
N GLY H 229 -0.72 57.58 7.04
CA GLY H 229 -0.75 58.77 6.22
C GLY H 229 0.66 59.25 5.88
N VAL H 230 1.55 59.25 6.87
CA VAL H 230 2.93 59.66 6.61
C VAL H 230 3.54 58.82 5.50
N LEU H 231 3.25 57.52 5.53
CA LEU H 231 3.65 56.66 4.41
C LEU H 231 2.96 57.10 3.12
N SER H 232 1.70 57.53 3.24
CA SER H 232 0.96 57.98 2.05
C SER H 232 1.60 59.20 1.41
N ASN H 233 2.21 60.07 2.21
CA ASN H 233 2.87 61.25 1.67
C ASN H 233 4.09 60.89 0.84
N LYS H 234 4.55 59.65 0.87
CA LYS H 234 5.77 59.23 0.18
C LYS H 234 6.97 60.01 0.71
N CYS H 235 7.26 59.78 1.99
CA CYS H 235 8.35 60.48 2.65
C CYS H 235 9.70 60.00 2.13
N GLY H 236 10.77 60.56 2.69
CA GLY H 236 12.10 60.20 2.29
C GLY H 236 12.45 58.77 2.69
N PHE H 237 13.62 58.34 2.22
CA PHE H 237 14.06 56.97 2.49
C PHE H 237 14.20 56.73 4.00
N GLN H 238 14.84 57.66 4.70
CA GLN H 238 15.02 57.49 6.14
C GLN H 238 13.67 57.46 6.86
N LEU H 239 12.78 58.38 6.51
CA LEU H 239 11.45 58.36 7.10
C LEU H 239 10.73 57.06 6.79
N GLN H 240 10.88 56.58 5.55
CA GLN H 240 10.25 55.32 5.17
C GLN H 240 10.74 54.18 6.04
N TYR H 241 12.06 54.09 6.24
CA TYR H 241 12.60 53.01 7.05
C TYR H 241 12.09 53.12 8.47
N GLN H 242 12.12 54.33 9.05
CA GLN H 242 11.70 54.48 10.44
C GLN H 242 10.24 54.10 10.61
N MET H 243 9.37 54.54 9.70
CA MET H 243 7.96 54.18 9.81
C MET H 243 7.76 52.68 9.65
N ILE H 244 8.46 52.08 8.70
CA ILE H 244 8.34 50.63 8.54
C ILE H 244 8.76 49.93 9.81
N PHE H 245 9.81 50.43 10.47
CA PHE H 245 10.24 49.83 11.73
C PHE H 245 9.16 49.99 12.79
N SER H 246 8.51 51.16 12.82
CA SER H 246 7.44 51.35 13.78
C SER H 246 6.37 50.28 13.58
N ILE H 247 5.97 50.05 12.33
CA ILE H 247 4.95 49.05 12.06
C ILE H 247 5.46 47.67 12.46
N TRP H 248 6.74 47.38 12.18
CA TRP H 248 7.29 46.07 12.49
C TRP H 248 7.25 45.80 13.98
N LEU H 249 7.60 46.80 14.79
CA LEU H 249 7.53 46.64 16.24
C LEU H 249 6.08 46.45 16.68
N LEU H 250 5.17 47.30 16.20
CA LEU H 250 3.79 47.23 16.64
C LEU H 250 3.15 45.90 16.26
N ALA H 251 3.66 45.27 15.21
CA ALA H 251 3.11 43.96 14.82
C ALA H 251 3.48 42.87 15.82
N PHE H 252 4.44 43.11 16.70
CA PHE H 252 4.90 42.04 17.59
C PHE H 252 3.78 41.55 18.50
N SER H 253 3.04 42.47 19.10
CA SER H 253 2.01 42.10 20.07
C SER H 253 0.73 41.66 19.37
N PRO H 254 0.25 40.44 19.62
CA PRO H 254 -0.87 39.93 18.80
C PRO H 254 -2.09 40.83 18.79
N GLN H 255 -2.41 41.45 19.93
CA GLN H 255 -3.58 42.33 19.97
C GLN H 255 -3.42 43.49 19.00
N MET H 256 -2.24 44.09 18.94
CA MET H 256 -2.02 45.17 18.00
C MET H 256 -2.17 44.69 16.56
N CYS H 257 -1.65 43.50 16.25
CA CYS H 257 -1.78 42.98 14.90
C CYS H 257 -3.24 42.79 14.52
N GLU H 258 -4.04 42.23 15.43
CA GLU H 258 -5.46 42.06 15.14
C GLU H 258 -6.16 43.40 14.99
N HIS H 259 -5.84 44.36 15.86
CA HIS H 259 -6.54 45.63 15.85
C HIS H 259 -6.22 46.44 14.60
N LEU H 260 -4.97 46.43 14.16
CA LEU H 260 -4.55 47.31 13.07
C LEU H 260 -5.17 46.96 11.73
N ARG H 261 -5.84 45.81 11.60
CA ARG H 261 -6.30 45.38 10.29
C ARG H 261 -7.20 46.41 9.63
N ARG H 262 -7.86 47.25 10.43
CA ARG H 262 -8.78 48.24 9.87
C ARG H 262 -8.07 49.21 8.94
N TYR H 263 -6.78 49.47 9.16
CA TYR H 263 -6.04 50.40 8.31
C TYR H 263 -5.53 49.76 7.02
N ASN H 264 -5.58 48.43 6.91
CA ASN H 264 -5.17 47.71 5.71
C ASN H 264 -3.81 48.20 5.22
N ILE H 265 -2.82 48.02 6.09
CA ILE H 265 -1.46 48.47 5.78
C ILE H 265 -0.87 47.65 4.64
N ILE H 266 -1.22 46.37 4.55
CA ILE H 266 -0.55 45.46 3.62
C ILE H 266 -0.49 46.06 2.21
N PRO H 267 -1.56 46.66 1.68
CA PRO H 267 -1.44 47.25 0.33
C PRO H 267 -0.38 48.33 0.24
N VAL H 268 -0.38 49.29 1.16
CA VAL H 268 0.59 50.38 1.09
C VAL H 268 2.00 49.86 1.28
N LEU H 269 2.18 48.93 2.23
CA LEU H 269 3.51 48.39 2.46
C LEU H 269 4.02 47.65 1.21
N SER H 270 3.16 46.87 0.57
CA SER H 270 3.59 46.16 -0.64
C SER H 270 3.91 47.14 -1.76
N ASP H 271 3.12 48.21 -1.88
CA ASP H 271 3.42 49.21 -2.89
C ASP H 271 4.79 49.84 -2.65
N ILE H 272 5.09 50.17 -1.40
CA ILE H 272 6.41 50.72 -1.09
C ILE H 272 7.49 49.70 -1.40
N LEU H 273 7.26 48.44 -1.04
CA LEU H 273 8.27 47.42 -1.27
C LEU H 273 8.60 47.29 -2.75
N GLN H 274 7.57 47.22 -3.59
CA GLN H 274 7.81 47.14 -5.03
C GLN H 274 8.50 48.39 -5.54
N GLU H 275 8.08 49.57 -5.05
CA GLU H 275 8.64 50.81 -5.55
C GLU H 275 10.09 51.00 -5.13
N SER H 276 10.39 50.81 -3.84
CA SER H 276 11.69 51.12 -3.27
C SER H 276 12.57 49.89 -3.30
N VAL H 277 13.89 50.10 -3.23
CA VAL H 277 14.84 49.02 -3.41
C VAL H 277 15.89 48.94 -2.31
N LYS H 278 16.05 49.96 -1.47
CA LYS H 278 17.07 49.92 -0.43
C LYS H 278 16.90 48.67 0.42
N GLU H 279 18.01 47.96 0.64
CA GLU H 279 17.92 46.68 1.35
C GLU H 279 17.24 46.85 2.70
N LYS H 280 17.42 48.00 3.33
CA LYS H 280 16.79 48.24 4.63
C LYS H 280 15.27 48.14 4.52
N VAL H 281 14.67 48.82 3.54
CA VAL H 281 13.22 48.85 3.44
C VAL H 281 12.69 47.44 3.22
N THR H 282 13.32 46.69 2.31
CA THR H 282 12.86 45.33 2.03
C THR H 282 12.99 44.44 3.26
N ARG H 283 14.11 44.54 3.97
CA ARG H 283 14.28 43.71 5.16
C ARG H 283 13.21 44.03 6.20
N ILE H 284 12.97 45.33 6.43
CA ILE H 284 12.01 45.71 7.46
C ILE H 284 10.61 45.26 7.07
N ILE H 285 10.22 45.46 5.81
CA ILE H 285 8.88 45.11 5.39
C ILE H 285 8.68 43.60 5.44
N LEU H 286 9.69 42.83 5.02
CA LEU H 286 9.58 41.37 5.08
C LEU H 286 9.46 40.91 6.53
N ALA H 287 10.24 41.51 7.43
CA ALA H 287 10.10 41.17 8.84
C ALA H 287 8.72 41.52 9.34
N ALA H 288 8.16 42.64 8.86
CA ALA H 288 6.82 43.02 9.25
C ALA H 288 5.80 41.98 8.80
N PHE H 289 5.95 41.49 7.57
CA PHE H 289 5.05 40.43 7.11
C PHE H 289 5.21 39.18 7.95
N ARG H 290 6.45 38.83 8.30
CA ARG H 290 6.66 37.65 9.15
C ARG H 290 5.97 37.83 10.49
N ASN H 291 6.10 39.00 11.09
CA ASN H 291 5.45 39.26 12.38
C ASN H 291 3.94 39.18 12.23
N PHE H 292 3.39 39.75 11.17
CA PHE H 292 1.94 39.74 10.98
C PHE H 292 1.43 38.33 10.80
N LEU H 293 2.16 37.49 10.06
CA LEU H 293 1.71 36.14 9.76
C LEU H 293 2.05 35.14 10.87
N GLU H 294 2.90 35.50 11.83
CA GLU H 294 3.24 34.59 12.92
C GLU H 294 2.62 34.98 14.26
N LYS H 295 2.42 36.26 14.50
CA LYS H 295 1.91 36.74 15.78
C LYS H 295 0.39 36.93 15.77
N SER H 296 -0.27 36.59 14.68
CA SER H 296 -1.72 36.77 14.62
C SER H 296 -2.40 35.93 15.70
N THR H 297 -3.51 36.45 16.22
CA THR H 297 -4.20 35.76 17.30
C THR H 297 -4.88 34.49 16.83
N GLU H 298 -5.61 34.56 15.70
CA GLU H 298 -6.42 33.44 15.25
C GLU H 298 -6.09 33.12 13.80
N ARG H 299 -6.35 31.86 13.43
CA ARG H 299 -6.14 31.45 12.05
C ARG H 299 -6.99 32.28 11.08
N GLU H 300 -8.13 32.78 11.55
CA GLU H 300 -8.94 33.64 10.68
C GLU H 300 -8.19 34.90 10.30
N THR H 301 -7.55 35.54 11.27
CA THR H 301 -6.75 36.72 10.95
C THR H 301 -5.58 36.36 10.04
N ARG H 302 -4.99 35.18 10.25
CA ARG H 302 -3.89 34.76 9.39
C ARG H 302 -4.36 34.58 7.95
N GLN H 303 -5.52 33.97 7.76
CA GLN H 303 -6.06 33.82 6.41
C GLN H 303 -6.38 35.17 5.80
N GLU H 304 -6.92 36.08 6.61
CA GLU H 304 -7.21 37.42 6.12
C GLU H 304 -5.94 38.12 5.63
N TYR H 305 -4.89 38.05 6.45
CA TYR H 305 -3.64 38.68 6.05
C TYR H 305 -3.06 38.02 4.80
N ALA H 306 -3.11 36.69 4.74
CA ALA H 306 -2.56 36.00 3.58
C ALA H 306 -3.33 36.36 2.32
N LEU H 307 -4.66 36.45 2.41
CA LEU H 307 -5.44 36.86 1.25
C LEU H 307 -5.12 38.29 0.85
N ALA H 308 -4.96 39.17 1.84
CA ALA H 308 -4.63 40.55 1.52
C ALA H 308 -3.30 40.62 0.78
N MET H 309 -2.33 39.80 1.20
CA MET H 309 -1.04 39.79 0.52
C MET H 309 -1.18 39.23 -0.89
N ILE H 310 -1.83 38.07 -1.03
CA ILE H 310 -1.87 37.39 -2.32
C ILE H 310 -2.62 38.23 -3.34
N GLN H 311 -3.82 38.72 -2.97
CA GLN H 311 -4.56 39.58 -3.87
C GLN H 311 -3.78 40.85 -4.20
N CYS H 312 -2.87 41.26 -3.31
CA CYS H 312 -1.95 42.35 -3.58
C CYS H 312 -0.75 41.90 -4.40
N LYS H 313 -0.64 40.61 -4.72
CA LYS H 313 0.44 40.10 -5.56
C LYS H 313 1.79 40.18 -4.85
N VAL H 314 1.82 39.82 -3.57
CA VAL H 314 3.08 39.77 -2.85
C VAL H 314 3.78 38.43 -3.09
N LEU H 315 3.04 37.41 -3.53
CA LEU H 315 3.67 36.12 -3.77
C LEU H 315 4.72 36.22 -4.87
N LYS H 316 4.39 36.88 -5.97
CA LYS H 316 5.36 37.00 -7.06
C LYS H 316 6.57 37.81 -6.63
N GLN H 317 6.34 38.91 -5.90
CA GLN H 317 7.46 39.72 -5.45
C GLN H 317 8.37 38.91 -4.52
N LEU H 318 7.78 38.14 -3.62
CA LEU H 318 8.58 37.30 -2.72
C LEU H 318 9.36 36.27 -3.50
N GLU H 319 8.74 35.66 -4.51
CA GLU H 319 9.45 34.68 -5.32
C GLU H 319 10.64 35.32 -6.03
N ASN H 320 10.42 36.49 -6.63
CA ASN H 320 11.52 37.18 -7.29
C ASN H 320 12.63 37.49 -6.31
N LEU H 321 12.27 37.99 -5.13
CA LEU H 321 13.29 38.32 -4.14
C LEU H 321 14.08 37.08 -3.75
N GLU H 322 13.39 35.95 -3.57
CA GLU H 322 14.10 34.70 -3.31
C GLU H 322 15.05 34.37 -4.45
N GLN H 323 14.64 34.66 -5.68
CA GLN H 323 15.54 34.48 -6.82
C GLN H 323 16.82 35.30 -6.63
N GLN H 324 16.69 36.54 -6.16
CA GLN H 324 17.86 37.33 -5.84
C GLN H 324 18.54 36.75 -4.60
N LYS H 325 19.80 37.14 -4.42
CA LYS H 325 20.59 36.68 -3.28
C LYS H 325 20.97 37.87 -2.40
N TYR H 326 20.90 37.66 -1.09
CA TYR H 326 21.27 38.66 -0.11
C TYR H 326 22.40 38.10 0.74
N ASP H 327 22.80 38.85 1.77
CA ASP H 327 23.91 38.43 2.61
C ASP H 327 23.42 37.76 3.88
N ASP H 328 22.65 38.47 4.69
CA ASP H 328 22.28 38.04 6.03
C ASP H 328 21.23 36.94 5.97
N GLU H 329 21.38 35.97 6.88
CA GLU H 329 20.41 34.89 6.97
C GLU H 329 19.04 35.41 7.40
N ASP H 330 18.98 36.61 7.97
CA ASP H 330 17.70 37.17 8.38
C ASP H 330 16.78 37.34 7.18
N ILE H 331 17.26 38.00 6.13
CA ILE H 331 16.41 38.26 4.97
C ILE H 331 16.02 36.96 4.29
N SER H 332 16.96 36.03 4.13
CA SER H 332 16.65 34.79 3.46
C SER H 332 15.62 33.99 4.24
N GLU H 333 15.81 33.89 5.55
CA GLU H 333 14.85 33.14 6.37
C GLU H 333 13.48 33.79 6.34
N ASP H 334 13.43 35.13 6.40
CA ASP H 334 12.14 35.80 6.33
C ASP H 334 11.45 35.54 5.00
N ILE H 335 12.21 35.59 3.91
CA ILE H 335 11.62 35.33 2.60
C ILE H 335 11.08 33.91 2.55
N LYS H 336 11.86 32.94 3.04
CA LYS H 336 11.40 31.56 3.00
C LYS H 336 10.13 31.39 3.81
N PHE H 337 10.09 31.94 5.02
CA PHE H 337 8.91 31.77 5.86
C PHE H 337 7.69 32.43 5.23
N LEU H 338 7.85 33.65 4.70
CA LEU H 338 6.73 34.32 4.06
C LEU H 338 6.22 33.52 2.87
N LEU H 339 7.15 32.99 2.06
CA LEU H 339 6.73 32.19 0.92
C LEU H 339 5.97 30.96 1.37
N GLU H 340 6.46 30.29 2.41
CA GLU H 340 5.79 29.07 2.88
C GLU H 340 4.38 29.38 3.37
N LYS H 341 4.24 30.41 4.20
CA LYS H 341 2.92 30.74 4.72
C LYS H 341 1.97 31.15 3.59
N LEU H 342 2.47 31.95 2.63
CA LEU H 342 1.62 32.36 1.53
C LEU H 342 1.20 31.18 0.67
N GLY H 343 2.12 30.25 0.39
CA GLY H 343 1.75 29.08 -0.36
C GLY H 343 0.73 28.22 0.34
N GLU H 344 0.89 28.03 1.66
CA GLU H 344 -0.09 27.27 2.41
C GLU H 344 -1.45 27.96 2.38
N SER H 345 -1.47 29.28 2.53
CA SER H 345 -2.73 30.00 2.48
C SER H 345 -3.40 29.87 1.12
N VAL H 346 -2.60 29.93 0.05
CA VAL H 346 -3.16 29.76 -1.28
C VAL H 346 -3.75 28.37 -1.43
N GLN H 347 -3.04 27.35 -0.94
CA GLN H 347 -3.57 26.00 -1.01
C GLN H 347 -4.88 25.89 -0.26
N ASP H 348 -4.95 26.51 0.92
CA ASP H 348 -6.20 26.50 1.69
C ASP H 348 -7.32 27.17 0.91
N LEU H 349 -7.01 28.29 0.26
CA LEU H 349 -8.03 28.97 -0.54
C LEU H 349 -8.49 28.10 -1.70
N SER H 350 -7.59 27.28 -2.23
CA SER H 350 -7.91 26.44 -3.38
C SER H 350 -8.86 25.30 -3.06
N SER H 351 -9.15 25.05 -1.78
CA SER H 351 -10.04 23.96 -1.42
C SER H 351 -11.41 24.14 -2.06
N PHE H 352 -11.95 23.05 -2.61
CA PHE H 352 -13.22 23.13 -3.32
C PHE H 352 -14.33 23.67 -2.42
N ASP H 353 -14.20 23.50 -1.10
CA ASP H 353 -15.16 24.10 -0.20
C ASP H 353 -15.19 25.61 -0.36
N GLU H 354 -14.02 26.21 -0.54
CA GLU H 354 -13.97 27.66 -0.76
C GLU H 354 -14.76 28.03 -2.01
N TYR H 355 -14.57 27.28 -3.09
CA TYR H 355 -15.28 27.59 -4.33
C TYR H 355 -16.78 27.43 -4.15
N SER H 356 -17.21 26.35 -3.48
CA SER H 356 -18.63 26.13 -3.28
C SER H 356 -19.23 27.24 -2.42
N SER H 357 -18.55 27.63 -1.34
CA SER H 357 -19.05 28.69 -0.50
C SER H 357 -19.13 30.01 -1.26
N GLU H 358 -18.12 30.32 -2.06
CA GLU H 358 -18.14 31.55 -2.83
C GLU H 358 -19.29 31.55 -3.83
N LEU H 359 -19.49 30.43 -4.53
CA LEU H 359 -20.58 30.34 -5.48
C LEU H 359 -21.92 30.50 -4.78
N LYS H 360 -22.08 29.90 -3.61
CA LYS H 360 -23.29 30.09 -2.83
C LYS H 360 -23.46 31.55 -2.42
N SER H 361 -22.35 32.24 -2.17
CA SER H 361 -22.37 33.63 -1.74
C SER H 361 -22.18 34.62 -2.88
N GLY H 362 -22.09 34.15 -4.12
CA GLY H 362 -21.90 35.05 -5.23
C GLY H 362 -20.60 35.81 -5.19
N ARG H 363 -19.56 35.23 -4.60
CA ARG H 363 -18.26 35.89 -4.47
C ARG H 363 -17.34 35.52 -5.64
N LEU H 364 -17.79 35.87 -6.84
CA LEU H 364 -17.03 35.61 -8.06
C LEU H 364 -16.21 36.86 -8.38
N GLU H 365 -15.13 37.04 -7.64
CA GLU H 365 -14.27 38.21 -7.75
C GLU H 365 -12.81 37.80 -7.87
N TRP H 366 -12.53 36.86 -8.78
CA TRP H 366 -11.17 36.51 -9.15
C TRP H 366 -10.33 36.13 -7.92
N SER H 367 -10.89 35.28 -7.07
CA SER H 367 -10.12 34.78 -5.93
C SER H 367 -9.07 33.80 -6.43
N PRO H 368 -8.10 33.44 -5.58
CA PRO H 368 -7.05 32.53 -6.03
C PRO H 368 -7.58 31.20 -6.56
N VAL H 369 -8.73 30.73 -6.08
CA VAL H 369 -9.25 29.45 -6.54
C VAL H 369 -9.63 29.51 -8.01
N HIS H 370 -10.13 30.66 -8.48
CA HIS H 370 -10.67 30.73 -9.83
C HIS H 370 -9.59 30.49 -10.88
N LYS H 371 -8.32 30.51 -10.50
CA LYS H 371 -7.24 30.24 -11.45
C LYS H 371 -6.29 29.14 -10.99
N SER H 372 -6.59 28.46 -9.89
CA SER H 372 -5.67 27.45 -9.37
C SER H 372 -5.70 26.22 -10.27
N GLU H 373 -4.59 25.96 -10.96
CA GLU H 373 -4.56 24.86 -11.91
C GLU H 373 -4.84 23.53 -11.22
N LYS H 374 -4.20 23.28 -10.08
CA LYS H 374 -4.47 22.06 -9.35
C LYS H 374 -5.93 21.98 -8.94
N PHE H 375 -6.51 23.10 -8.50
CA PHE H 375 -7.89 23.08 -8.03
C PHE H 375 -8.84 22.61 -9.12
N TRP H 376 -8.79 23.26 -10.29
CA TRP H 376 -9.65 22.84 -11.39
C TRP H 376 -9.34 21.41 -11.79
N ARG H 377 -8.07 21.10 -12.04
CA ARG H 377 -7.71 19.78 -12.56
C ARG H 377 -8.17 18.68 -11.62
N GLU H 378 -8.18 18.93 -10.31
CA GLU H 378 -8.44 17.90 -9.32
C GLU H 378 -9.86 17.91 -8.79
N ASN H 379 -10.66 18.94 -9.08
CA ASN H 379 -12.01 18.97 -8.56
C ASN H 379 -13.06 19.48 -9.54
N ALA H 380 -12.78 19.53 -10.84
CA ALA H 380 -13.83 19.90 -11.78
C ALA H 380 -15.01 18.93 -11.68
N VAL H 381 -14.73 17.66 -11.36
CA VAL H 381 -15.80 16.68 -11.22
C VAL H 381 -16.73 17.06 -10.08
N ARG H 382 -16.19 17.61 -9.01
CA ARG H 382 -17.02 18.02 -7.88
C ARG H 382 -18.06 19.05 -8.29
N LEU H 383 -17.83 19.76 -9.42
CA LEU H 383 -18.84 20.68 -9.93
C LEU H 383 -20.15 19.98 -10.27
N ASN H 384 -20.12 18.67 -10.52
CA ASN H 384 -21.36 17.94 -10.76
C ASN H 384 -22.19 17.79 -9.49
N GLU H 385 -21.60 18.04 -8.33
CA GLU H 385 -22.29 17.79 -7.06
C GLU H 385 -23.67 18.43 -7.03
N LYS H 386 -24.49 17.91 -6.12
CA LYS H 386 -25.86 18.40 -5.91
C LYS H 386 -26.63 18.42 -7.24
N ASN H 387 -26.56 17.31 -7.97
CA ASN H 387 -27.32 17.13 -9.20
C ASN H 387 -27.13 18.33 -10.13
N TYR H 388 -25.89 18.58 -10.51
CA TYR H 388 -25.53 19.73 -11.34
C TYR H 388 -25.90 21.03 -10.65
N GLU H 389 -25.86 21.05 -9.32
CA GLU H 389 -26.21 22.28 -8.62
C GLU H 389 -25.21 23.40 -8.87
N LEU H 390 -23.92 23.09 -8.82
CA LEU H 390 -22.91 24.11 -9.07
C LEU H 390 -23.01 24.64 -10.49
N LEU H 391 -23.19 23.75 -11.46
CA LEU H 391 -23.33 24.18 -12.85
C LEU H 391 -24.61 25.01 -13.03
N LYS H 392 -25.68 24.63 -12.35
CA LYS H 392 -26.91 25.42 -12.41
C LYS H 392 -26.68 26.81 -11.83
N ILE H 393 -25.95 26.90 -10.73
CA ILE H 393 -25.64 28.19 -10.14
C ILE H 393 -24.85 29.04 -11.12
N LEU H 394 -23.84 28.44 -11.75
CA LEU H 394 -23.02 29.17 -12.72
C LEU H 394 -23.87 29.65 -13.89
N THR H 395 -24.74 28.79 -14.39
CA THR H 395 -25.59 29.17 -15.51
C THR H 395 -26.53 30.31 -15.11
N LYS H 396 -27.13 30.21 -13.92
CA LYS H 396 -28.04 31.25 -13.48
C LYS H 396 -27.31 32.57 -13.34
N LEU H 397 -26.09 32.54 -12.78
CA LEU H 397 -25.31 33.76 -12.68
C LEU H 397 -25.00 34.32 -14.06
N LEU H 398 -24.60 33.45 -14.99
CA LEU H 398 -24.25 33.92 -16.33
C LEU H 398 -25.44 34.50 -17.05
N GLU H 399 -26.65 34.02 -16.74
CA GLU H 399 -27.86 34.53 -17.35
C GLU H 399 -28.33 35.83 -16.72
N VAL H 400 -28.23 35.97 -15.40
CA VAL H 400 -28.83 37.10 -14.72
C VAL H 400 -27.80 38.17 -14.37
N SER H 401 -26.57 37.75 -14.05
CA SER H 401 -25.58 38.69 -13.55
C SER H 401 -25.39 39.84 -14.51
N ASP H 402 -25.38 41.06 -13.98
CA ASP H 402 -25.12 42.26 -14.77
C ASP H 402 -23.81 42.95 -14.37
N ASP H 403 -23.20 42.55 -13.26
CA ASP H 403 -21.93 43.12 -12.86
C ASP H 403 -20.83 42.54 -13.72
N PRO H 404 -20.06 43.37 -14.45
CA PRO H 404 -19.09 42.79 -15.39
C PRO H 404 -18.15 41.79 -14.72
N GLN H 405 -17.68 42.10 -13.52
CA GLN H 405 -16.75 41.20 -12.86
C GLN H 405 -17.38 39.84 -12.60
N VAL H 406 -18.62 39.83 -12.11
CA VAL H 406 -19.25 38.56 -11.79
C VAL H 406 -19.44 37.73 -13.05
N LEU H 407 -19.91 38.36 -14.14
CA LEU H 407 -20.14 37.61 -15.37
C LEU H 407 -18.84 37.05 -15.90
N ALA H 408 -17.78 37.85 -15.91
CA ALA H 408 -16.51 37.36 -16.41
C ALA H 408 -15.98 36.21 -15.56
N VAL H 409 -16.09 36.33 -14.24
CA VAL H 409 -15.62 35.25 -13.38
C VAL H 409 -16.40 33.97 -13.67
N ALA H 410 -17.72 34.10 -13.83
CA ALA H 410 -18.53 32.92 -14.13
C ALA H 410 -18.11 32.29 -15.46
N ALA H 411 -17.87 33.13 -16.47
CA ALA H 411 -17.48 32.58 -17.77
C ALA H 411 -16.15 31.85 -17.67
N HIS H 412 -15.16 32.44 -16.99
CA HIS H 412 -13.86 31.78 -16.88
C HIS H 412 -13.99 30.49 -16.09
N ASP H 413 -14.86 30.46 -15.08
CA ASP H 413 -15.08 29.22 -14.35
C ASP H 413 -15.69 28.16 -15.24
N VAL H 414 -16.66 28.54 -16.08
CA VAL H 414 -17.28 27.57 -16.98
C VAL H 414 -16.24 27.01 -17.94
N GLY H 415 -15.41 27.90 -18.49
CA GLY H 415 -14.34 27.44 -19.37
C GLY H 415 -13.38 26.51 -18.66
N GLU H 416 -13.04 26.81 -17.41
CA GLU H 416 -12.20 25.89 -16.66
C GLU H 416 -12.88 24.53 -16.50
N TYR H 417 -14.18 24.53 -16.20
CA TYR H 417 -14.88 23.27 -16.03
C TYR H 417 -14.83 22.44 -17.31
N VAL H 418 -15.06 23.07 -18.46
CA VAL H 418 -14.96 22.33 -19.72
C VAL H 418 -13.55 21.84 -19.94
N ARG H 419 -12.55 22.70 -19.69
CA ARG H 419 -11.18 22.35 -20.01
C ARG H 419 -10.67 21.19 -19.17
N HIS H 420 -11.01 21.16 -17.89
CA HIS H 420 -10.47 20.16 -16.98
C HIS H 420 -11.29 18.88 -16.95
N TYR H 421 -12.44 18.84 -17.63
CA TYR H 421 -13.29 17.64 -17.65
C TYR H 421 -14.18 17.70 -18.88
N PRO H 422 -13.72 17.12 -20.00
CA PRO H 422 -14.53 17.20 -21.23
C PRO H 422 -15.92 16.60 -21.08
N ARG H 423 -16.09 15.63 -20.19
CA ARG H 423 -17.38 14.94 -20.09
C ARG H 423 -18.53 15.91 -19.84
N GLY H 424 -18.28 17.02 -19.15
CA GLY H 424 -19.33 17.95 -18.84
C GLY H 424 -19.78 18.80 -20.00
N LYS H 425 -19.09 18.75 -21.14
CA LYS H 425 -19.45 19.61 -22.27
C LYS H 425 -20.93 19.47 -22.61
N ARG H 426 -21.37 18.23 -22.85
CA ARG H 426 -22.79 18.00 -23.12
C ARG H 426 -23.65 18.58 -22.01
N VAL H 427 -23.26 18.34 -20.76
CA VAL H 427 -24.02 18.89 -19.64
C VAL H 427 -24.15 20.40 -19.79
N ILE H 428 -23.05 21.07 -20.12
CA ILE H 428 -23.13 22.51 -20.36
C ILE H 428 -24.09 22.79 -21.50
N GLU H 429 -23.93 22.09 -22.62
CA GLU H 429 -24.89 22.23 -23.71
C GLU H 429 -26.29 21.86 -23.24
N GLN H 430 -26.39 20.91 -22.32
CA GLN H 430 -27.68 20.54 -21.76
C GLN H 430 -28.29 21.72 -21.02
N LEU H 431 -27.45 22.45 -20.26
CA LEU H 431 -27.96 23.60 -19.51
C LEU H 431 -28.19 24.82 -20.39
N GLY H 432 -27.75 24.77 -21.65
CA GLY H 432 -27.79 25.93 -22.50
C GLY H 432 -26.64 26.89 -22.29
N GLY H 433 -25.69 26.55 -21.40
CA GLY H 433 -24.61 27.46 -21.11
C GLY H 433 -23.82 27.86 -22.35
N LYS H 434 -23.82 26.99 -23.37
CA LYS H 434 -23.19 27.38 -24.63
C LYS H 434 -23.84 28.63 -25.18
N GLN H 435 -25.17 28.67 -25.19
CA GLN H 435 -25.86 29.84 -25.73
C GLN H 435 -25.58 31.08 -24.90
N LEU H 436 -25.60 30.95 -23.58
CA LEU H 436 -25.35 32.11 -22.73
C LEU H 436 -23.93 32.63 -22.93
N VAL H 437 -22.95 31.73 -22.97
CA VAL H 437 -21.56 32.16 -23.14
C VAL H 437 -21.38 32.81 -24.51
N MET H 438 -21.96 32.23 -25.55
CA MET H 438 -21.86 32.84 -26.87
C MET H 438 -22.47 34.23 -26.86
N ASN H 439 -23.62 34.39 -26.22
CA ASN H 439 -24.24 35.70 -26.15
C ASN H 439 -23.34 36.68 -25.44
N HIS H 440 -22.77 36.27 -24.30
CA HIS H 440 -21.90 37.18 -23.55
C HIS H 440 -20.61 37.49 -24.30
N MET H 441 -20.24 36.67 -25.28
CA MET H 441 -19.04 36.96 -26.05
C MET H 441 -19.04 38.38 -26.62
N HIS H 442 -20.16 38.83 -27.17
CA HIS H 442 -20.31 40.19 -27.64
C HIS H 442 -20.86 41.13 -26.58
N HIS H 443 -20.58 40.85 -25.30
CA HIS H 443 -21.08 41.68 -24.22
C HIS H 443 -20.42 43.06 -24.26
N GLU H 444 -21.05 44.01 -23.58
CA GLU H 444 -20.59 45.39 -23.63
C GLU H 444 -19.20 45.56 -23.02
N ASP H 445 -18.89 44.81 -21.96
CA ASP H 445 -17.65 45.01 -21.21
C ASP H 445 -16.54 44.16 -21.80
N GLN H 446 -15.48 44.82 -22.29
CA GLN H 446 -14.37 44.09 -22.88
C GLN H 446 -13.83 43.06 -21.91
N GLN H 447 -13.81 43.38 -20.62
CA GLN H 447 -13.32 42.42 -19.63
C GLN H 447 -14.17 41.15 -19.64
N VAL H 448 -15.49 41.30 -19.69
CA VAL H 448 -16.34 40.12 -19.81
C VAL H 448 -16.15 39.47 -21.17
N ARG H 449 -15.94 40.27 -22.21
CA ARG H 449 -15.83 39.73 -23.56
C ARG H 449 -14.66 38.76 -23.67
N TYR H 450 -13.51 39.13 -23.11
CA TYR H 450 -12.33 38.28 -23.24
C TYR H 450 -12.55 36.95 -22.54
N ASN H 451 -13.07 36.98 -21.31
CA ASN H 451 -13.33 35.74 -20.60
C ASN H 451 -14.32 34.88 -21.34
N ALA H 452 -15.36 35.50 -21.91
CA ALA H 452 -16.33 34.75 -22.68
C ALA H 452 -15.69 34.11 -23.91
N LEU H 453 -14.80 34.83 -24.58
CA LEU H 453 -14.14 34.27 -25.75
C LEU H 453 -13.30 33.07 -25.37
N LEU H 454 -12.55 33.18 -24.26
CA LEU H 454 -11.74 32.05 -23.83
C LEU H 454 -12.62 30.85 -23.50
N ALA H 455 -13.73 31.08 -22.80
CA ALA H 455 -14.62 29.98 -22.46
C ALA H 455 -15.19 29.34 -23.72
N VAL H 456 -15.61 30.14 -24.69
CA VAL H 456 -16.20 29.58 -25.91
C VAL H 456 -15.17 28.76 -26.66
N GLN H 457 -13.96 29.28 -26.80
CA GLN H 457 -12.92 28.53 -27.50
C GLN H 457 -12.65 27.21 -26.78
N LYS H 458 -12.61 27.24 -25.45
CA LYS H 458 -12.39 26.00 -24.71
C LYS H 458 -13.53 25.02 -24.95
N LEU H 459 -14.77 25.51 -24.98
CA LEU H 459 -15.92 24.63 -25.14
C LEU H 459 -15.92 23.97 -26.52
N MET H 460 -15.67 24.74 -27.57
CA MET H 460 -15.71 24.20 -28.92
C MET H 460 -14.40 23.57 -29.34
N VAL H 461 -13.53 23.17 -28.40
CA VAL H 461 -12.24 22.60 -28.77
C VAL H 461 -12.42 21.27 -29.50
N HIS H 462 -13.33 20.43 -29.01
CA HIS H 462 -13.55 19.12 -29.60
C HIS H 462 -15.04 18.88 -29.74
N ASN H 463 -15.40 18.01 -30.68
CA ASN H 463 -16.80 17.70 -30.94
C ASN H 463 -17.45 17.08 -29.71
N GLU I 9 43.86 62.65 -25.02
CA GLU I 9 44.09 62.69 -23.59
C GLU I 9 43.06 61.84 -22.87
N MET I 10 43.44 60.61 -22.52
CA MET I 10 42.54 59.70 -21.84
C MET I 10 43.12 59.32 -20.49
N THR I 11 42.23 58.96 -19.57
CA THR I 11 42.62 58.70 -18.20
C THR I 11 41.72 57.63 -17.60
N LEU I 12 42.31 56.81 -16.74
CA LEU I 12 41.50 55.96 -15.91
C LEU I 12 40.74 56.80 -14.89
N ALA I 13 39.79 56.15 -14.26
CA ALA I 13 39.08 56.72 -13.13
C ALA I 13 38.34 55.58 -12.46
N GLN I 14 37.94 55.80 -11.22
CA GLN I 14 37.21 54.80 -10.48
C GLN I 14 36.14 55.48 -9.64
N LEU I 15 34.98 54.84 -9.57
CA LEU I 15 33.78 55.39 -8.95
C LEU I 15 33.37 54.52 -7.78
N PHE I 16 33.20 55.13 -6.61
CA PHE I 16 32.50 54.52 -5.51
C PHE I 16 31.05 54.93 -5.59
N LEU I 17 30.14 53.97 -5.63
CA LEU I 17 28.73 54.35 -5.72
C LEU I 17 27.86 53.33 -5.02
N GLN I 18 26.95 53.82 -4.19
CA GLN I 18 26.10 52.94 -3.40
C GLN I 18 25.28 52.04 -4.30
N SER I 19 25.16 50.78 -3.90
CA SER I 19 24.46 49.80 -4.73
C SER I 19 23.07 50.28 -5.12
N GLU I 20 22.35 50.91 -4.18
CA GLU I 20 20.98 51.31 -4.48
C GLU I 20 20.93 52.29 -5.65
N ALA I 21 21.84 53.25 -5.69
CA ALA I 21 21.86 54.23 -6.77
C ALA I 21 22.69 53.79 -7.96
N ALA I 22 23.42 52.68 -7.83
CA ALA I 22 24.38 52.30 -8.86
C ALA I 22 23.70 52.01 -10.19
N TYR I 23 22.59 51.29 -10.16
CA TYR I 23 21.91 50.97 -11.41
C TYR I 23 21.56 52.24 -12.17
N CYS I 24 20.85 53.16 -11.50
CA CYS I 24 20.44 54.37 -12.18
C CYS I 24 21.64 55.14 -12.70
N CYS I 25 22.72 55.17 -11.90
CA CYS I 25 23.87 55.95 -12.31
C CYS I 25 24.53 55.37 -13.56
N VAL I 26 24.76 54.06 -13.58
CA VAL I 26 25.32 53.47 -14.80
C VAL I 26 24.39 53.72 -15.96
N SER I 27 23.08 53.78 -15.72
CA SER I 27 22.15 54.09 -16.80
C SER I 27 22.42 55.49 -17.35
N GLU I 28 22.57 56.46 -16.46
CA GLU I 28 22.86 57.82 -16.92
C GLU I 28 24.13 57.82 -17.74
N LEU I 29 25.13 57.05 -17.31
CA LEU I 29 26.34 56.92 -18.11
C LEU I 29 26.03 56.37 -19.49
N GLU I 30 25.33 55.23 -19.55
CA GLU I 30 25.05 54.62 -20.83
C GLU I 30 24.43 55.62 -21.78
N GLU I 31 23.50 56.42 -21.27
CA GLU I 31 22.96 57.49 -22.11
C GLU I 31 24.05 58.47 -22.50
N LEU I 32 24.94 58.81 -21.55
CA LEU I 32 26.00 59.75 -21.85
C LEU I 32 26.98 59.15 -22.84
N GLY I 33 27.47 57.95 -22.55
CA GLY I 33 28.29 57.22 -23.49
C GLY I 33 29.74 57.64 -23.59
N LYS I 34 30.24 58.45 -22.65
CA LYS I 34 31.62 58.88 -22.67
C LYS I 34 32.48 58.07 -21.69
N VAL I 35 32.02 56.90 -21.29
CA VAL I 35 32.66 56.08 -20.28
C VAL I 35 32.87 54.69 -20.84
N GLN I 36 34.04 54.11 -20.61
CA GLN I 36 34.28 52.71 -20.97
C GLN I 36 34.62 51.94 -19.71
N PHE I 37 33.71 51.07 -19.30
CA PHE I 37 33.95 50.19 -18.17
C PHE I 37 34.98 49.13 -18.53
N ARG I 38 35.50 48.46 -17.50
CA ARG I 38 36.35 47.30 -17.70
C ARG I 38 36.00 46.23 -16.67
N ASP I 39 36.21 44.97 -17.07
CA ASP I 39 36.08 43.87 -16.12
C ASP I 39 37.00 44.11 -14.93
N LEU I 40 36.44 43.97 -13.75
CA LEU I 40 37.21 43.99 -12.52
C LEU I 40 37.10 42.68 -11.76
N ASN I 41 36.42 41.68 -12.31
CA ASN I 41 36.38 40.33 -11.74
C ASN I 41 36.55 39.29 -12.84
N PRO I 42 37.69 39.30 -13.53
CA PRO I 42 37.94 38.26 -14.54
C PRO I 42 38.18 36.89 -13.96
N ASP I 43 38.41 36.80 -12.65
CA ASP I 43 38.77 35.52 -12.05
C ASP I 43 37.66 34.50 -12.23
N VAL I 44 36.41 34.92 -12.08
CA VAL I 44 35.25 34.05 -12.26
C VAL I 44 34.67 34.33 -13.64
N ASN I 45 34.28 33.27 -14.34
CA ASN I 45 33.77 33.41 -15.69
C ASN I 45 32.49 34.24 -15.71
N VAL I 46 32.18 34.78 -16.88
CA VAL I 46 30.98 35.61 -17.03
C VAL I 46 29.73 34.81 -16.67
N PHE I 47 29.68 33.56 -17.09
CA PHE I 47 28.47 32.77 -16.88
C PHE I 47 28.23 32.42 -15.42
N GLN I 48 28.90 33.06 -14.46
CA GLN I 48 28.73 32.75 -13.06
C GLN I 48 28.53 33.98 -12.20
N ARG I 49 28.67 35.19 -12.76
CA ARG I 49 28.82 36.39 -11.95
C ARG I 49 27.56 36.65 -11.14
N LYS I 50 27.62 37.71 -10.33
CA LYS I 50 26.54 37.98 -9.39
C LYS I 50 25.22 38.21 -10.12
N PHE I 51 25.15 39.26 -10.92
CA PHE I 51 23.88 39.65 -11.50
C PHE I 51 23.44 38.73 -12.63
N VAL I 52 24.11 37.60 -12.83
CA VAL I 52 23.78 36.75 -13.95
C VAL I 52 22.30 36.42 -13.93
N ASN I 53 21.77 36.04 -12.77
CA ASN I 53 20.34 35.80 -12.67
C ASN I 53 19.56 36.86 -13.43
N GLU I 54 19.71 38.13 -13.06
CA GLU I 54 18.96 39.18 -13.72
C GLU I 54 19.17 39.13 -15.23
N VAL I 55 20.44 39.11 -15.66
CA VAL I 55 20.69 39.10 -17.10
C VAL I 55 19.96 37.93 -17.73
N ARG I 56 20.01 36.76 -17.10
CA ARG I 56 19.31 35.62 -17.67
C ARG I 56 17.85 35.96 -17.91
N ARG I 57 17.16 36.43 -16.88
CA ARG I 57 15.77 36.80 -17.07
C ARG I 57 15.65 37.85 -18.17
N CYS I 58 16.53 38.85 -18.17
CA CYS I 58 16.49 39.81 -19.26
C CYS I 58 16.52 39.11 -20.60
N GLU I 59 17.48 38.21 -20.80
CA GLU I 59 17.52 37.50 -22.08
C GLU I 59 16.19 36.84 -22.35
N GLU I 60 15.63 36.13 -21.38
CA GLU I 60 14.35 35.50 -21.59
C GLU I 60 13.32 36.51 -22.06
N MET I 61 13.22 37.65 -21.37
CA MET I 61 12.29 38.67 -21.81
C MET I 61 12.53 39.00 -23.27
N ASP I 62 13.79 39.24 -23.64
CA ASP I 62 14.09 39.51 -25.03
C ASP I 62 13.52 38.43 -25.93
N ARG I 63 13.78 37.16 -25.61
CA ARG I 63 13.21 36.09 -26.41
C ARG I 63 11.72 36.28 -26.60
N LYS I 64 10.98 36.49 -25.51
CA LYS I 64 9.55 36.69 -25.63
C LYS I 64 9.28 37.72 -26.72
N LEU I 65 9.88 38.90 -26.59
CA LEU I 65 9.59 39.94 -27.58
C LEU I 65 9.86 39.43 -28.98
N ARG I 66 11.03 38.83 -29.21
CA ARG I 66 11.31 38.34 -30.55
C ARG I 66 10.14 37.50 -31.05
N PHE I 67 9.71 36.54 -30.25
CA PHE I 67 8.61 35.67 -30.67
C PHE I 67 7.40 36.51 -31.08
N VAL I 68 6.96 37.41 -30.21
CA VAL I 68 5.81 38.23 -30.56
C VAL I 68 6.12 39.04 -31.80
N GLU I 69 7.29 39.67 -31.84
CA GLU I 69 7.65 40.42 -33.03
C GLU I 69 7.50 39.55 -34.26
N LYS I 70 7.94 38.29 -34.16
CA LYS I 70 7.85 37.41 -35.32
C LYS I 70 6.40 37.26 -35.77
N GLU I 71 5.49 36.98 -34.84
CA GLU I 71 4.08 36.87 -35.23
C GLU I 71 3.62 38.17 -35.87
N ILE I 72 4.09 39.30 -35.35
CA ILE I 72 3.72 40.58 -35.92
C ILE I 72 4.06 40.60 -37.40
N ARG I 73 5.25 40.12 -37.75
CA ARG I 73 5.62 40.05 -39.16
C ARG I 73 4.79 39.01 -39.89
N LYS I 74 4.50 37.89 -39.22
CA LYS I 74 3.73 36.83 -39.88
C LYS I 74 2.39 37.37 -40.35
N ALA I 75 1.70 38.09 -39.47
CA ALA I 75 0.51 38.81 -39.89
C ALA I 75 0.92 40.07 -40.65
N ASN I 76 -0.08 40.73 -41.23
CA ASN I 76 0.19 41.92 -42.02
C ASN I 76 0.49 43.14 -41.17
N ILE I 77 0.24 43.06 -39.87
CA ILE I 77 0.23 44.26 -39.02
C ILE I 77 1.59 44.95 -39.09
N PRO I 78 1.65 46.26 -39.16
CA PRO I 78 2.94 46.97 -39.18
C PRO I 78 3.45 47.18 -37.75
N ILE I 79 4.67 47.70 -37.65
CA ILE I 79 5.31 48.00 -36.37
C ILE I 79 5.62 49.48 -36.33
N MET I 80 5.14 50.15 -35.28
CA MET I 80 5.28 51.60 -35.19
C MET I 80 6.75 51.98 -35.02
N ASP I 81 7.00 53.29 -35.03
CA ASP I 81 8.33 53.85 -34.78
C ASP I 81 8.16 55.27 -34.25
N THR I 82 8.17 55.41 -32.92
CA THR I 82 7.99 56.70 -32.26
C THR I 82 9.26 57.53 -32.22
N GLY I 83 10.38 56.95 -31.79
CA GLY I 83 11.63 57.66 -31.63
C GLY I 83 12.02 57.91 -30.19
N GLU I 84 11.09 57.73 -29.25
CA GLU I 84 11.44 57.87 -27.85
C GLU I 84 12.40 56.77 -27.42
N ASN I 85 13.23 57.09 -26.44
CA ASN I 85 14.22 56.14 -25.90
C ASN I 85 14.16 56.15 -24.38
N PRO I 86 13.05 55.70 -23.80
CA PRO I 86 12.96 55.68 -22.34
C PRO I 86 13.97 54.70 -21.75
N GLU I 87 14.27 54.89 -20.47
CA GLU I 87 15.25 54.08 -19.78
C GLU I 87 14.54 53.06 -18.91
N VAL I 88 15.12 51.87 -18.81
CA VAL I 88 14.55 50.82 -17.97
C VAL I 88 14.46 51.37 -16.55
N PRO I 89 13.32 51.23 -15.88
CA PRO I 89 13.23 51.74 -14.51
C PRO I 89 14.04 50.89 -13.55
N PHE I 90 14.97 51.55 -12.87
CA PHE I 90 15.82 50.82 -11.92
C PHE I 90 14.99 50.04 -10.92
N PRO I 91 13.98 50.63 -10.28
CA PRO I 91 13.11 49.85 -9.42
C PRO I 91 12.62 48.62 -10.17
N ARG I 92 12.08 47.66 -9.42
CA ARG I 92 11.74 46.37 -9.99
C ARG I 92 10.48 46.47 -10.85
N ASP I 93 10.55 47.36 -11.84
CA ASP I 93 9.53 47.34 -12.89
C ASP I 93 9.65 46.09 -13.74
N MET I 94 10.74 45.36 -13.59
CA MET I 94 10.88 44.09 -14.26
C MET I 94 9.70 43.19 -13.97
N ILE I 95 9.17 43.19 -12.75
CA ILE I 95 8.03 42.31 -12.50
C ILE I 95 6.86 42.73 -13.37
N ASP I 96 6.59 44.02 -13.48
CA ASP I 96 5.49 44.48 -14.31
C ASP I 96 5.73 44.13 -15.77
N LEU I 97 6.93 44.39 -16.28
CA LEU I 97 7.22 44.04 -17.68
C LEU I 97 7.13 42.54 -17.89
N GLU I 98 7.60 41.76 -16.93
CA GLU I 98 7.52 40.31 -17.05
C GLU I 98 6.09 39.86 -17.12
N ALA I 99 5.21 40.43 -16.30
CA ALA I 99 3.80 40.07 -16.37
C ALA I 99 3.22 40.49 -17.71
N ASN I 100 3.55 41.69 -18.18
CA ASN I 100 2.99 42.15 -19.44
C ASN I 100 3.39 41.24 -20.59
N PHE I 101 4.67 40.93 -20.70
CA PHE I 101 5.11 40.05 -21.79
C PHE I 101 4.65 38.63 -21.58
N GLU I 102 4.53 38.17 -20.34
CA GLU I 102 3.99 36.84 -20.14
C GLU I 102 2.58 36.77 -20.68
N LYS I 103 1.79 37.82 -20.49
CA LYS I 103 0.45 37.83 -21.05
C LYS I 103 0.51 37.92 -22.57
N ILE I 104 1.31 38.84 -23.10
CA ILE I 104 1.35 39.03 -24.54
C ILE I 104 2.01 37.86 -25.25
N GLU I 105 2.55 36.89 -24.51
CA GLU I 105 2.96 35.64 -25.13
C GLU I 105 1.94 34.54 -24.90
N ASN I 106 1.49 34.35 -23.67
CA ASN I 106 0.55 33.26 -23.38
C ASN I 106 -0.76 33.46 -24.13
N GLU I 107 -1.29 34.67 -24.16
CA GLU I 107 -2.47 34.91 -24.96
C GLU I 107 -2.21 34.58 -26.41
N LEU I 108 -1.07 35.00 -26.97
CA LEU I 108 -0.86 34.74 -28.38
C LEU I 108 -0.75 33.24 -28.64
N LYS I 109 -0.09 32.51 -27.74
CA LYS I 109 0.07 31.07 -27.97
C LYS I 109 -1.25 30.33 -27.82
N GLU I 110 -2.04 30.68 -26.80
CA GLU I 110 -3.35 30.07 -26.66
C GLU I 110 -4.24 30.39 -27.85
N ILE I 111 -4.17 31.63 -28.33
CA ILE I 111 -4.94 31.99 -29.51
C ILE I 111 -4.48 31.17 -30.71
N ASN I 112 -3.17 31.00 -30.89
CA ASN I 112 -2.72 30.22 -32.04
C ASN I 112 -3.19 28.78 -31.96
N THR I 113 -3.02 28.16 -30.79
CA THR I 113 -3.43 26.76 -30.66
C THR I 113 -4.92 26.59 -30.85
N ASN I 114 -5.72 27.44 -30.21
CA ASN I 114 -7.16 27.33 -30.37
C ASN I 114 -7.57 27.62 -31.81
N GLN I 115 -6.90 28.57 -32.45
CA GLN I 115 -7.22 28.84 -33.85
C GLN I 115 -6.97 27.60 -34.68
N GLU I 116 -5.84 26.92 -34.45
CA GLU I 116 -5.54 25.72 -35.23
C GLU I 116 -6.59 24.64 -35.00
N ALA I 117 -6.84 24.31 -33.73
CA ALA I 117 -7.78 23.23 -33.44
C ALA I 117 -9.16 23.55 -33.96
N LEU I 118 -9.60 24.79 -33.80
CA LEU I 118 -10.93 25.16 -34.26
C LEU I 118 -11.00 25.19 -35.77
N LYS I 119 -9.93 25.59 -36.46
CA LYS I 119 -9.97 25.48 -37.91
C LYS I 119 -10.11 24.03 -38.32
N ARG I 120 -9.39 23.14 -37.65
CA ARG I 120 -9.51 21.72 -37.98
C ARG I 120 -10.94 21.24 -37.79
N ASN I 121 -11.54 21.56 -36.65
CA ASN I 121 -12.90 21.10 -36.40
C ASN I 121 -13.89 21.73 -37.37
N PHE I 122 -13.70 23.00 -37.71
CA PHE I 122 -14.60 23.63 -38.68
C PHE I 122 -14.52 22.94 -40.02
N LEU I 123 -13.30 22.61 -40.47
CA LEU I 123 -13.18 21.94 -41.76
C LEU I 123 -13.76 20.53 -41.72
N GLU I 124 -13.48 19.77 -40.67
CA GLU I 124 -14.07 18.45 -40.55
C GLU I 124 -15.59 18.53 -40.58
N LEU I 125 -16.16 19.46 -39.83
CA LEU I 125 -17.61 19.56 -39.81
C LEU I 125 -18.16 20.01 -41.14
N THR I 126 -17.45 20.85 -41.88
CA THR I 126 -17.92 21.19 -43.22
C THR I 126 -17.93 19.97 -44.12
N GLU I 127 -16.90 19.12 -44.02
CA GLU I 127 -16.91 17.89 -44.80
C GLU I 127 -18.10 17.03 -44.42
N LEU I 128 -18.38 16.91 -43.13
CA LEU I 128 -19.53 16.13 -42.69
C LEU I 128 -20.82 16.70 -43.24
N LYS I 129 -20.93 18.03 -43.26
CA LYS I 129 -22.13 18.66 -43.80
C LYS I 129 -22.30 18.28 -45.27
N PHE I 130 -21.22 18.39 -46.04
CA PHE I 130 -21.34 18.06 -47.46
C PHE I 130 -21.68 16.60 -47.66
N ILE I 131 -21.10 15.71 -46.86
CA ILE I 131 -21.42 14.30 -46.98
C ILE I 131 -22.89 14.07 -46.71
N LEU I 132 -23.42 14.66 -45.63
CA LEU I 132 -24.82 14.48 -45.32
C LEU I 132 -25.71 14.99 -46.44
N ARG I 133 -25.42 16.17 -46.95
CA ARG I 133 -26.26 16.72 -48.01
C ARG I 133 -26.26 15.79 -49.21
N LYS I 134 -25.08 15.32 -49.62
CA LYS I 134 -25.04 14.51 -50.83
C LYS I 134 -25.65 13.13 -50.61
N THR I 135 -25.50 12.55 -49.43
CA THR I 135 -26.16 11.28 -49.17
C THR I 135 -27.67 11.45 -49.20
N GLN I 136 -28.17 12.54 -48.64
CA GLN I 136 -29.60 12.84 -48.78
C GLN I 136 -29.99 12.93 -50.24
N GLN I 137 -29.13 13.55 -51.05
CA GLN I 137 -29.41 13.64 -52.48
C GLN I 137 -29.48 12.26 -53.12
N PHE I 138 -28.58 11.36 -52.73
CA PHE I 138 -28.57 10.03 -53.33
C PHE I 138 -29.78 9.23 -52.92
N PHE I 139 -30.22 9.35 -51.67
CA PHE I 139 -31.38 8.66 -51.18
C PHE I 139 -32.66 9.40 -51.59
N ASP I 140 -32.78 9.74 -52.88
CA ASP I 140 -33.90 10.51 -53.37
C ASP I 140 -34.40 9.99 -54.72
N GLU I 141 -34.18 8.72 -55.00
CA GLU I 141 -34.85 8.10 -56.13
C GLU I 141 -36.36 8.07 -55.85
N MET I 142 -36.77 7.27 -54.86
CA MET I 142 -38.16 7.28 -54.41
C MET I 142 -38.15 6.73 -52.98
N ALA I 143 -38.19 7.63 -52.00
CA ALA I 143 -38.11 7.24 -50.60
C ALA I 143 -39.52 7.08 -50.03
N ASP I 144 -40.24 6.10 -50.57
CA ASP I 144 -41.61 5.87 -50.13
C ASP I 144 -41.69 5.59 -48.65
N PRO I 145 -40.89 4.70 -48.08
CA PRO I 145 -40.93 4.50 -46.63
C PRO I 145 -40.32 5.68 -45.89
N ASP I 146 -40.83 5.91 -44.68
CA ASP I 146 -40.26 6.95 -43.82
C ASP I 146 -38.89 6.54 -43.30
N LEU I 147 -38.73 5.27 -42.96
CA LEU I 147 -37.46 4.76 -42.43
C LEU I 147 -37.25 3.31 -42.86
N LEU I 166 -31.34 -4.72 -41.70
CA LEU I 166 -30.15 -3.99 -41.30
C LEU I 166 -28.88 -4.67 -41.80
N ARG I 167 -29.03 -5.68 -42.65
CA ARG I 167 -27.88 -6.44 -43.10
C ARG I 167 -26.89 -5.57 -43.85
N LEU I 168 -27.37 -4.73 -44.76
CA LEU I 168 -26.47 -3.92 -45.56
C LEU I 168 -25.65 -3.00 -44.66
N GLY I 169 -24.34 -2.99 -44.90
CA GLY I 169 -23.43 -2.07 -44.23
C GLY I 169 -23.10 -0.92 -45.16
N PHE I 170 -23.01 0.27 -44.58
CA PHE I 170 -22.94 1.49 -45.37
C PHE I 170 -21.90 2.43 -44.77
N VAL I 171 -21.06 2.98 -45.64
CA VAL I 171 -20.06 3.96 -45.27
C VAL I 171 -20.10 5.09 -46.28
N ALA I 172 -19.48 6.20 -45.93
CA ALA I 172 -19.36 7.31 -46.86
C ALA I 172 -18.20 8.19 -46.45
N GLY I 173 -17.70 8.95 -47.40
CA GLY I 173 -16.56 9.79 -47.12
C GLY I 173 -16.30 10.73 -48.28
N VAL I 174 -15.07 11.24 -48.32
CA VAL I 174 -14.66 12.17 -49.34
C VAL I 174 -13.26 11.81 -49.80
N ILE I 175 -13.02 11.96 -51.10
CA ILE I 175 -11.74 11.65 -51.75
C ILE I 175 -11.30 12.85 -52.58
N ASN I 176 -10.01 12.89 -52.87
CA ASN I 176 -9.50 13.86 -53.82
C ASN I 176 -9.91 13.44 -55.23
N ARG I 177 -10.46 14.40 -55.98
CA ARG I 177 -10.86 14.11 -57.35
C ARG I 177 -9.70 13.50 -58.12
N GLU I 178 -10.02 12.90 -59.27
CA GLU I 178 -9.06 12.25 -60.15
C GLU I 178 -8.45 11.02 -59.49
N ARG I 179 -8.77 10.73 -58.23
CA ARG I 179 -8.52 9.44 -57.62
C ARG I 179 -9.72 8.52 -57.74
N ILE I 180 -10.87 9.04 -58.15
CA ILE I 180 -12.02 8.20 -58.41
C ILE I 180 -11.67 7.04 -59.33
N PRO I 181 -10.92 7.25 -60.42
CA PRO I 181 -10.60 6.07 -61.27
C PRO I 181 -9.80 5.01 -60.53
N THR I 182 -8.67 5.39 -59.95
CA THR I 182 -7.86 4.41 -59.24
C THR I 182 -8.61 3.84 -58.04
N PHE I 183 -9.32 4.67 -57.29
CA PHE I 183 -10.03 4.17 -56.12
C PHE I 183 -11.13 3.20 -56.52
N GLU I 184 -11.92 3.54 -57.53
CA GLU I 184 -12.95 2.63 -58.00
C GLU I 184 -12.34 1.33 -58.48
N ARG I 185 -11.23 1.41 -59.22
CA ARG I 185 -10.59 0.19 -59.68
C ARG I 185 -10.15 -0.66 -58.51
N MET I 186 -9.54 -0.05 -57.49
CA MET I 186 -9.09 -0.81 -56.35
C MET I 186 -10.26 -1.47 -55.63
N LEU I 187 -11.36 -0.74 -55.49
CA LEU I 187 -12.52 -1.32 -54.82
C LEU I 187 -13.04 -2.53 -55.58
N TRP I 188 -13.27 -2.36 -56.88
CA TRP I 188 -13.78 -3.46 -57.69
C TRP I 188 -12.77 -4.58 -57.84
N ARG I 189 -11.50 -4.35 -57.46
CA ARG I 189 -10.48 -5.38 -57.56
C ARG I 189 -10.24 -6.13 -56.26
N VAL I 190 -10.43 -5.49 -55.10
CA VAL I 190 -10.20 -6.17 -53.83
C VAL I 190 -11.48 -6.91 -53.45
N CYS I 191 -12.54 -6.16 -53.19
CA CYS I 191 -13.78 -6.75 -52.73
C CYS I 191 -14.62 -7.15 -53.93
N ARG I 192 -14.10 -8.14 -54.65
CA ARG I 192 -14.46 -8.35 -56.04
C ARG I 192 -15.97 -8.33 -56.23
N GLY I 193 -16.41 -7.54 -57.21
CA GLY I 193 -17.79 -7.58 -57.66
C GLY I 193 -18.81 -7.73 -56.57
N ASN I 194 -18.57 -7.14 -55.40
CA ASN I 194 -19.57 -7.24 -54.36
C ASN I 194 -19.66 -5.99 -53.49
N VAL I 195 -19.37 -4.81 -54.04
CA VAL I 195 -19.52 -3.57 -53.31
C VAL I 195 -19.98 -2.50 -54.27
N PHE I 196 -20.85 -1.61 -53.79
CA PHE I 196 -21.42 -0.56 -54.63
C PHE I 196 -20.89 0.78 -54.16
N LEU I 197 -20.56 1.65 -55.11
CA LEU I 197 -20.01 2.96 -54.79
C LEU I 197 -20.63 4.00 -55.69
N ARG I 198 -21.15 5.05 -55.09
CA ARG I 198 -21.66 6.19 -55.81
C ARG I 198 -20.82 7.41 -55.45
N GLN I 199 -20.57 8.25 -56.44
CA GLN I 199 -19.69 9.39 -56.29
C GLN I 199 -20.38 10.64 -56.81
N ALA I 200 -20.03 11.78 -56.24
CA ALA I 200 -20.57 13.05 -56.69
C ALA I 200 -19.53 14.13 -56.44
N GLU I 201 -19.28 14.95 -57.46
CA GLU I 201 -18.31 16.02 -57.29
C GLU I 201 -18.80 17.02 -56.26
N ILE I 202 -17.85 17.64 -55.57
CA ILE I 202 -18.14 18.72 -54.62
C ILE I 202 -17.65 20.00 -55.28
N GLU I 203 -18.58 20.78 -55.81
CA GLU I 203 -18.22 22.07 -56.38
C GLU I 203 -17.78 23.00 -55.27
N ASN I 204 -17.14 24.11 -55.66
CA ASN I 204 -16.59 25.02 -54.68
C ASN I 204 -15.59 24.22 -53.85
N PRO I 205 -14.44 23.88 -54.42
CA PRO I 205 -13.49 22.99 -53.74
C PRO I 205 -13.24 23.43 -52.30
N LEU I 206 -12.85 22.46 -51.48
CA LEU I 206 -12.68 22.67 -50.06
C LEU I 206 -11.22 22.52 -49.66
N GLU I 207 -10.93 22.90 -48.42
CA GLU I 207 -9.59 22.87 -47.89
C GLU I 207 -9.35 21.53 -47.20
N ASP I 208 -8.15 21.00 -47.35
CA ASP I 208 -7.88 19.68 -46.80
C ASP I 208 -7.87 19.75 -45.27
N PRO I 209 -8.36 18.71 -44.59
CA PRO I 209 -8.43 18.80 -43.12
C PRO I 209 -7.09 19.00 -42.47
N VAL I 210 -6.03 18.39 -43.01
CA VAL I 210 -4.70 18.45 -42.44
C VAL I 210 -3.67 18.93 -43.45
N THR I 211 -3.74 18.40 -44.67
CA THR I 211 -2.76 18.75 -45.70
C THR I 211 -2.82 20.24 -46.03
N GLY I 212 -3.97 20.88 -45.81
CA GLY I 212 -4.08 22.33 -45.95
C GLY I 212 -3.90 22.91 -47.34
N ASP I 213 -4.61 22.37 -48.33
CA ASP I 213 -4.59 22.95 -49.68
C ASP I 213 -5.99 22.87 -50.29
N TYR I 214 -6.33 23.91 -51.05
CA TYR I 214 -7.63 23.95 -51.74
C TYR I 214 -7.59 22.96 -52.89
N VAL I 215 -8.25 21.82 -52.73
CA VAL I 215 -8.28 20.80 -53.76
C VAL I 215 -9.72 20.39 -54.01
N HIS I 216 -9.99 19.96 -55.23
CA HIS I 216 -11.31 19.43 -55.55
C HIS I 216 -11.54 18.12 -54.80
N LYS I 217 -12.79 17.86 -54.49
CA LYS I 217 -13.15 16.68 -53.70
C LYS I 217 -14.42 16.05 -54.25
N SER I 218 -14.53 14.75 -54.06
CA SER I 218 -15.71 13.99 -54.44
C SER I 218 -16.22 13.26 -53.21
N VAL I 219 -17.53 13.37 -52.98
CA VAL I 219 -18.17 12.70 -51.85
C VAL I 219 -18.75 11.38 -52.37
N PHE I 220 -18.46 10.30 -51.65
CA PHE I 220 -18.76 8.97 -52.15
C PHE I 220 -19.42 8.14 -51.05
N ILE I 221 -20.37 7.31 -51.47
CA ILE I 221 -21.12 6.42 -50.60
C ILE I 221 -20.85 4.99 -51.05
N ILE I 222 -20.50 4.14 -50.09
CA ILE I 222 -20.15 2.75 -50.37
C ILE I 222 -21.08 1.83 -49.60
N PHE I 223 -21.63 0.84 -50.30
CA PHE I 223 -22.50 -0.16 -49.73
C PHE I 223 -21.82 -1.52 -49.85
N PHE I 224 -21.96 -2.34 -48.81
CA PHE I 224 -21.23 -3.59 -48.73
C PHE I 224 -22.05 -4.55 -47.91
N GLN I 225 -21.76 -5.84 -48.05
CA GLN I 225 -22.63 -6.87 -47.49
C GLN I 225 -22.39 -7.06 -46.00
N GLY I 226 -21.24 -7.58 -45.61
CA GLY I 226 -21.05 -7.98 -44.23
C GLY I 226 -19.72 -7.56 -43.62
N ASP I 227 -19.42 -8.08 -42.43
CA ASP I 227 -18.31 -7.56 -41.65
C ASP I 227 -17.00 -7.62 -42.41
N GLN I 228 -16.71 -8.75 -43.07
CA GLN I 228 -15.42 -8.87 -43.74
C GLN I 228 -15.26 -7.80 -44.80
N LEU I 229 -16.27 -7.60 -45.63
CA LEU I 229 -16.16 -6.56 -46.63
C LEU I 229 -16.12 -5.19 -45.99
N LYS I 230 -16.80 -5.00 -44.86
CA LYS I 230 -16.71 -3.73 -44.15
C LYS I 230 -15.26 -3.42 -43.83
N ASN I 231 -14.56 -4.39 -43.24
CA ASN I 231 -13.16 -4.18 -42.91
C ASN I 231 -12.34 -3.93 -44.17
N ARG I 232 -12.59 -4.69 -45.24
CA ARG I 232 -11.85 -4.46 -46.47
C ARG I 232 -11.96 -3.01 -46.91
N VAL I 233 -13.19 -2.51 -47.04
CA VAL I 233 -13.36 -1.17 -47.59
C VAL I 233 -12.85 -0.12 -46.61
N LYS I 234 -13.05 -0.34 -45.32
CA LYS I 234 -12.56 0.64 -44.35
C LYS I 234 -11.05 0.79 -44.48
N LYS I 235 -10.32 -0.32 -44.52
CA LYS I 235 -8.88 -0.22 -44.64
C LYS I 235 -8.47 0.33 -45.99
N ILE I 236 -9.19 -0.01 -47.06
CA ILE I 236 -8.87 0.55 -48.37
C ILE I 236 -8.97 2.06 -48.33
N CYS I 237 -10.10 2.59 -47.84
CA CYS I 237 -10.26 4.04 -47.80
C CYS I 237 -9.18 4.68 -46.94
N GLU I 238 -8.93 4.11 -45.75
CA GLU I 238 -7.86 4.67 -44.92
C GLU I 238 -6.55 4.70 -45.68
N GLY I 239 -6.27 3.67 -46.48
CA GLY I 239 -5.07 3.67 -47.28
C GLY I 239 -5.09 4.73 -48.35
N PHE I 240 -6.26 5.02 -48.89
CA PHE I 240 -6.43 6.06 -49.90
C PHE I 240 -6.51 7.46 -49.29
N ARG I 241 -6.06 7.62 -48.05
CA ARG I 241 -6.11 8.88 -47.30
C ARG I 241 -7.41 9.62 -47.56
N ALA I 242 -8.50 8.95 -47.23
CA ALA I 242 -9.84 9.53 -47.26
C ALA I 242 -10.32 9.77 -45.84
N SER I 243 -11.48 10.39 -45.73
CA SER I 243 -12.10 10.64 -44.44
C SER I 243 -13.54 10.18 -44.50
N LEU I 244 -13.98 9.46 -43.47
CA LEU I 244 -15.28 8.81 -43.48
C LEU I 244 -16.33 9.55 -42.64
N TYR I 245 -16.08 9.68 -41.35
CA TYR I 245 -17.06 10.19 -40.40
C TYR I 245 -18.30 9.30 -40.38
N PRO I 246 -19.11 9.37 -39.33
CA PRO I 246 -20.36 8.61 -39.32
C PRO I 246 -21.34 9.17 -40.35
N CYS I 247 -22.51 8.56 -40.37
CA CYS I 247 -23.60 8.97 -41.23
C CYS I 247 -24.90 8.45 -40.65
N PRO I 248 -26.03 8.99 -41.06
CA PRO I 248 -27.30 8.56 -40.49
C PRO I 248 -27.68 7.18 -40.99
N GLU I 249 -28.58 6.54 -40.26
CA GLU I 249 -29.17 5.29 -40.69
C GLU I 249 -30.61 5.43 -41.10
N THR I 250 -31.30 6.47 -40.63
CA THR I 250 -32.68 6.75 -40.97
C THR I 250 -32.79 8.20 -41.39
N PRO I 251 -33.72 8.52 -42.29
CA PRO I 251 -33.89 9.92 -42.70
C PRO I 251 -34.16 10.85 -41.54
N GLN I 252 -34.84 10.39 -40.49
CA GLN I 252 -34.98 11.19 -39.29
C GLN I 252 -33.61 11.48 -38.69
N GLU I 253 -32.77 10.45 -38.58
CA GLU I 253 -31.41 10.66 -38.08
C GLU I 253 -30.62 11.57 -39.00
N ARG I 254 -30.80 11.41 -40.32
CA ARG I 254 -30.09 12.26 -41.26
C ARG I 254 -30.45 13.73 -41.05
N LYS I 255 -31.75 14.03 -41.00
CA LYS I 255 -32.16 15.41 -40.76
C LYS I 255 -31.62 15.91 -39.43
N GLU I 256 -31.74 15.09 -38.39
CA GLU I 256 -31.28 15.52 -37.07
C GLU I 256 -29.81 15.90 -37.11
N MET I 257 -28.96 15.01 -37.61
CA MET I 257 -27.53 15.27 -37.56
C MET I 257 -27.13 16.36 -38.56
N ALA I 258 -27.84 16.46 -39.68
CA ALA I 258 -27.55 17.53 -40.62
C ALA I 258 -27.85 18.88 -40.00
N SER I 259 -28.99 19.01 -39.31
CA SER I 259 -29.31 20.27 -38.65
C SER I 259 -28.30 20.57 -37.55
N GLY I 260 -27.94 19.56 -36.77
CA GLY I 260 -26.95 19.77 -35.73
C GLY I 260 -25.63 20.26 -36.28
N VAL I 261 -25.15 19.62 -37.34
CA VAL I 261 -23.87 20.01 -37.92
C VAL I 261 -23.98 21.39 -38.56
N ASN I 262 -25.11 21.68 -39.19
CA ASN I 262 -25.25 22.99 -39.83
C ASN I 262 -25.23 24.10 -38.80
N THR I 263 -25.82 23.87 -37.62
CA THR I 263 -25.73 24.87 -36.56
C THR I 263 -24.34 24.94 -35.96
N ARG I 264 -23.70 23.79 -35.75
CA ARG I 264 -22.36 23.78 -35.14
C ARG I 264 -21.34 24.43 -36.06
N ILE I 265 -21.48 24.27 -37.37
CA ILE I 265 -20.57 24.93 -38.30
C ILE I 265 -20.67 26.43 -38.17
N ASP I 266 -21.90 26.96 -38.13
CA ASP I 266 -22.05 28.40 -38.02
C ASP I 266 -21.54 28.90 -36.67
N ASP I 267 -21.79 28.14 -35.62
CA ASP I 267 -21.24 28.51 -34.31
C ASP I 267 -19.72 28.58 -34.37
N LEU I 268 -19.10 27.57 -35.00
CA LEU I 268 -17.65 27.58 -35.12
C LEU I 268 -17.18 28.75 -35.96
N GLN I 269 -17.92 29.09 -37.02
CA GLN I 269 -17.52 30.23 -37.84
C GLN I 269 -17.53 31.49 -37.01
N MET I 270 -18.56 31.67 -36.20
CA MET I 270 -18.63 32.86 -35.36
C MET I 270 -17.47 32.89 -34.38
N VAL I 271 -17.19 31.76 -33.73
CA VAL I 271 -16.12 31.75 -32.74
C VAL I 271 -14.77 31.99 -33.41
N LEU I 272 -14.57 31.41 -34.59
CA LEU I 272 -13.32 31.64 -35.30
C LEU I 272 -13.16 33.10 -35.66
N ASN I 273 -14.21 33.72 -36.18
CA ASN I 273 -14.12 35.12 -36.53
C ASN I 273 -13.79 35.95 -35.29
N GLN I 274 -14.42 35.64 -34.16
CA GLN I 274 -14.20 36.43 -32.97
C GLN I 274 -12.79 36.25 -32.42
N THR I 275 -12.29 35.01 -32.37
CA THR I 275 -10.93 34.81 -31.89
C THR I 275 -9.90 35.42 -32.82
N GLU I 276 -10.15 35.37 -34.13
CA GLU I 276 -9.24 36.03 -35.05
C GLU I 276 -9.26 37.53 -34.84
N ASP I 277 -10.44 38.10 -34.59
CA ASP I 277 -10.50 39.52 -34.24
C ASP I 277 -9.72 39.80 -32.97
N HIS I 278 -9.82 38.90 -31.98
CA HIS I 278 -9.07 39.06 -30.74
C HIS I 278 -7.57 39.06 -31.01
N ARG I 279 -7.10 38.11 -31.83
CA ARG I 279 -5.69 38.08 -32.17
C ARG I 279 -5.27 39.36 -32.86
N GLN I 280 -6.09 39.82 -33.81
CA GLN I 280 -5.75 41.05 -34.50
C GLN I 280 -5.62 42.21 -33.53
N ARG I 281 -6.54 42.29 -32.57
CA ARG I 281 -6.52 43.41 -31.63
C ARG I 281 -5.29 43.36 -30.72
N VAL I 282 -5.03 42.21 -30.11
CA VAL I 282 -3.88 42.15 -29.21
C VAL I 282 -2.59 42.35 -29.99
N LEU I 283 -2.49 41.82 -31.21
CA LEU I 283 -1.28 42.02 -31.97
C LEU I 283 -1.11 43.50 -32.34
N GLN I 284 -2.20 44.16 -32.73
CA GLN I 284 -2.11 45.59 -32.98
C GLN I 284 -1.59 46.32 -31.76
N ALA I 285 -2.15 46.01 -30.59
CA ALA I 285 -1.67 46.65 -29.38
C ALA I 285 -0.19 46.38 -29.18
N ALA I 286 0.25 45.16 -29.46
CA ALA I 286 1.66 44.81 -29.28
C ALA I 286 2.54 45.65 -30.20
N ALA I 287 2.16 45.74 -31.48
CA ALA I 287 3.00 46.49 -32.42
C ALA I 287 3.03 47.97 -32.09
N LYS I 288 2.08 48.46 -31.31
CA LYS I 288 2.10 49.86 -30.89
C LYS I 288 3.26 50.13 -29.94
N ASN I 289 3.71 49.13 -29.19
CA ASN I 289 4.75 49.34 -28.20
C ASN I 289 5.86 48.29 -28.28
N ILE I 290 5.94 47.51 -29.35
CA ILE I 290 6.93 46.45 -29.39
C ILE I 290 8.33 47.04 -29.50
N ARG I 291 8.49 48.11 -30.29
CA ARG I 291 9.82 48.69 -30.44
C ARG I 291 10.30 49.31 -29.12
N VAL I 292 9.42 50.03 -28.43
CA VAL I 292 9.81 50.60 -27.14
C VAL I 292 10.09 49.48 -26.15
N TRP I 293 9.33 48.40 -26.21
CA TRP I 293 9.61 47.27 -25.33
C TRP I 293 10.99 46.70 -25.63
N PHE I 294 11.33 46.58 -26.91
CA PHE I 294 12.65 46.06 -27.24
C PHE I 294 13.74 46.98 -26.73
N ILE I 295 13.58 48.29 -26.91
CA ILE I 295 14.62 49.20 -26.45
C ILE I 295 14.75 49.14 -24.94
N LYS I 296 13.62 49.14 -24.23
CA LYS I 296 13.67 49.06 -22.78
C LYS I 296 14.43 47.83 -22.34
N VAL I 297 14.00 46.66 -22.79
CA VAL I 297 14.57 45.43 -22.28
C VAL I 297 16.02 45.30 -22.71
N ARG I 298 16.35 45.78 -23.91
CA ARG I 298 17.74 45.70 -24.36
C ARG I 298 18.65 46.56 -23.50
N LYS I 299 18.26 47.82 -23.26
CA LYS I 299 19.08 48.65 -22.40
C LYS I 299 19.21 48.04 -21.02
N MET I 300 18.11 47.49 -20.48
CA MET I 300 18.15 46.90 -19.15
C MET I 300 19.12 45.73 -19.11
N LYS I 301 19.09 44.90 -20.15
CA LYS I 301 20.04 43.81 -20.25
C LYS I 301 21.47 44.33 -20.29
N ALA I 302 21.72 45.37 -21.08
CA ALA I 302 23.08 45.88 -21.19
C ALA I 302 23.55 46.44 -19.86
N ILE I 303 22.68 47.15 -19.14
CA ILE I 303 23.08 47.75 -17.88
C ILE I 303 23.41 46.69 -16.86
N TYR I 304 22.57 45.67 -16.74
CA TYR I 304 22.90 44.62 -15.77
C TYR I 304 24.16 43.88 -16.18
N HIS I 305 24.36 43.64 -17.48
CA HIS I 305 25.58 42.99 -17.92
C HIS I 305 26.80 43.83 -17.58
N THR I 306 26.65 45.16 -17.59
CA THR I 306 27.76 46.02 -17.22
C THR I 306 28.03 45.95 -15.73
N LEU I 307 26.99 46.04 -14.92
CA LEU I 307 27.21 45.93 -13.48
C LEU I 307 27.83 44.60 -13.13
N ASN I 308 27.62 43.56 -13.93
CA ASN I 308 28.42 42.35 -13.76
C ASN I 308 29.91 42.68 -13.73
N LEU I 309 30.34 43.62 -14.59
CA LEU I 309 31.76 43.91 -14.70
C LEU I 309 32.32 44.61 -13.47
N CYS I 310 31.49 45.10 -12.56
CA CYS I 310 31.97 45.87 -11.42
C CYS I 310 32.10 44.98 -10.18
N ASN I 311 32.90 45.46 -9.24
CA ASN I 311 33.13 44.73 -8.00
C ASN I 311 31.83 44.56 -7.22
N ILE I 312 31.78 43.52 -6.39
CA ILE I 312 30.54 43.18 -5.71
C ILE I 312 30.73 43.07 -4.20
N ASP I 313 29.66 42.73 -3.49
CA ASP I 313 29.65 42.69 -2.02
C ASP I 313 30.71 41.75 -1.45
N VAL I 314 31.38 40.97 -2.28
CA VAL I 314 32.51 40.18 -1.80
C VAL I 314 33.61 41.07 -1.25
N THR I 315 33.57 42.37 -1.54
CA THR I 315 34.56 43.32 -1.06
C THR I 315 33.97 44.53 -0.37
N GLN I 316 32.73 44.93 -0.69
CA GLN I 316 32.17 46.12 -0.09
C GLN I 316 30.73 46.30 -0.58
N LYS I 317 29.86 46.78 0.32
CA LYS I 317 28.46 47.03 -0.02
C LYS I 317 28.30 48.14 -1.05
N CYS I 318 29.30 48.99 -1.24
CA CYS I 318 29.27 50.02 -2.27
C CYS I 318 29.99 49.52 -3.51
N LEU I 319 29.33 49.62 -4.66
CA LEU I 319 29.92 49.14 -5.90
C LEU I 319 31.14 49.97 -6.27
N ILE I 320 32.13 49.30 -6.85
CA ILE I 320 33.36 49.90 -7.33
C ILE I 320 33.36 49.78 -8.84
N ALA I 321 33.60 50.90 -9.52
CA ALA I 321 33.68 50.90 -10.97
C ALA I 321 35.03 51.43 -11.42
N GLU I 322 35.55 50.89 -12.51
CA GLU I 322 36.77 51.37 -13.12
C GLU I 322 36.45 51.72 -14.56
N VAL I 323 37.11 52.74 -15.10
CA VAL I 323 36.65 53.33 -16.34
C VAL I 323 37.80 54.03 -17.06
N TRP I 324 37.78 53.97 -18.39
CA TRP I 324 38.48 54.92 -19.24
C TRP I 324 37.53 56.08 -19.56
N CYS I 325 38.04 57.31 -19.46
CA CYS I 325 37.33 58.47 -19.98
C CYS I 325 38.32 59.43 -20.60
N PRO I 326 37.90 60.19 -21.61
CA PRO I 326 38.67 61.38 -21.96
C PRO I 326 38.61 62.35 -20.79
N VAL I 327 39.68 63.11 -20.62
CA VAL I 327 39.76 63.97 -19.44
C VAL I 327 38.62 64.98 -19.43
N THR I 328 38.40 65.65 -20.56
CA THR I 328 37.52 66.82 -20.57
C THR I 328 36.10 66.50 -20.14
N ASP I 329 35.62 65.28 -20.37
CA ASP I 329 34.24 64.93 -20.04
C ASP I 329 34.05 64.60 -18.57
N LEU I 330 35.13 64.54 -17.80
CA LEU I 330 35.03 64.13 -16.40
C LEU I 330 33.92 64.87 -15.68
N ASP I 331 33.99 66.19 -15.66
CA ASP I 331 32.98 66.97 -14.97
C ASP I 331 31.59 66.55 -15.42
N SER I 332 31.36 66.49 -16.74
CA SER I 332 30.06 66.06 -17.25
C SER I 332 29.67 64.72 -16.64
N ILE I 333 30.59 63.76 -16.64
CA ILE I 333 30.29 62.47 -16.03
C ILE I 333 29.84 62.65 -14.60
N GLN I 334 30.60 63.43 -13.82
CA GLN I 334 30.18 63.70 -12.45
C GLN I 334 28.78 64.29 -12.44
N PHE I 335 28.54 65.29 -13.29
CA PHE I 335 27.19 65.83 -13.39
C PHE I 335 26.20 64.73 -13.68
N ALA I 336 26.50 63.88 -14.67
CA ALA I 336 25.62 62.76 -14.95
C ALA I 336 25.42 61.92 -13.70
N LEU I 337 26.51 61.60 -13.01
CA LEU I 337 26.38 60.85 -11.76
C LEU I 337 25.38 61.53 -10.83
N ARG I 338 25.49 62.86 -10.69
CA ARG I 338 24.56 63.56 -9.82
C ARG I 338 23.14 63.20 -10.17
N ARG I 339 22.78 63.25 -11.46
CA ARG I 339 21.42 62.91 -11.85
C ARG I 339 21.02 61.56 -11.27
N GLY I 340 21.87 60.56 -11.44
CA GLY I 340 21.55 59.24 -10.90
C GLY I 340 21.17 59.32 -9.44
N THR I 341 22.01 59.98 -8.63
CA THR I 341 21.68 60.12 -7.22
C THR I 341 20.28 60.67 -7.06
N GLU I 342 20.01 61.80 -7.71
CA GLU I 342 18.69 62.41 -7.56
C GLU I 342 17.61 61.44 -8.01
N HIS I 343 17.82 60.76 -9.13
CA HIS I 343 16.81 59.82 -9.60
C HIS I 343 16.69 58.62 -8.68
N SER I 344 17.82 58.20 -8.09
CA SER I 344 17.77 57.06 -7.18
C SER I 344 17.26 57.43 -5.81
N GLY I 345 17.31 58.71 -5.45
CA GLY I 345 16.87 59.13 -4.14
C GLY I 345 17.80 58.74 -3.02
N SER I 346 18.99 58.23 -3.33
CA SER I 346 19.95 57.91 -2.28
C SER I 346 20.61 59.19 -1.79
N THR I 347 20.61 59.36 -0.46
CA THR I 347 21.26 60.53 0.11
C THR I 347 22.75 60.54 -0.21
N VAL I 348 23.41 59.40 -0.04
CA VAL I 348 24.86 59.32 -0.29
C VAL I 348 25.12 59.62 -1.76
N PRO I 349 26.11 60.44 -2.08
CA PRO I 349 26.50 60.62 -3.49
C PRO I 349 27.55 59.60 -3.90
N SER I 350 27.60 59.35 -5.20
CA SER I 350 28.70 58.60 -5.79
C SER I 350 29.87 59.53 -6.03
N ILE I 351 31.07 58.99 -5.96
CA ILE I 351 32.30 59.78 -6.02
C ILE I 351 33.20 59.23 -7.12
N LEU I 352 33.77 60.15 -7.90
CA LEU I 352 34.65 59.86 -9.02
C LEU I 352 36.07 60.29 -8.68
N ASN I 353 37.03 59.37 -8.82
CA ASN I 353 38.41 59.63 -8.49
C ASN I 353 39.32 59.28 -9.65
N ARG I 354 40.29 60.13 -9.92
CA ARG I 354 41.31 59.84 -10.91
C ARG I 354 42.37 58.93 -10.30
N MET I 355 43.34 58.52 -11.10
CA MET I 355 44.48 57.80 -10.56
C MET I 355 45.56 57.71 -11.61
N GLN I 356 46.77 58.12 -11.26
CA GLN I 356 47.92 57.94 -12.14
C GLN I 356 48.05 56.46 -12.44
N THR I 357 48.41 56.13 -13.67
CA THR I 357 48.29 54.76 -14.12
C THR I 357 49.37 54.41 -15.13
N ASN I 358 49.52 53.11 -15.35
CA ASN I 358 50.46 52.56 -16.31
C ASN I 358 49.81 51.90 -17.51
N GLN I 359 48.60 51.35 -17.33
CA GLN I 359 47.93 50.65 -18.41
C GLN I 359 47.77 51.57 -19.61
N THR I 360 47.71 50.98 -20.80
CA THR I 360 47.71 51.78 -22.02
C THR I 360 46.35 52.43 -22.25
N PRO I 361 46.29 53.73 -22.49
CA PRO I 361 45.03 54.35 -22.90
C PRO I 361 44.61 53.87 -24.27
N PRO I 362 43.30 53.80 -24.56
CA PRO I 362 42.87 53.50 -25.92
C PRO I 362 42.95 54.75 -26.80
#